data_6F98
#
_entry.id   6F98
#
_cell.length_a   1.000
_cell.length_b   1.000
_cell.length_c   1.000
_cell.angle_alpha   90.00
_cell.angle_beta   90.00
_cell.angle_gamma   90.00
#
_symmetry.space_group_name_H-M   'P 1'
#
loop_
_entity.id
_entity.type
_entity.pdbx_description
1 polymer 'E3 ubiquitin-protein ligase'
2 non-polymer 'ZINC ION'
#
_entity_poly.entity_id   1
_entity_poly.type   'polypeptide(L)'
_entity_poly.pdbx_seq_one_letter_code
;GAEQLQNSANDDNICIICMDELIHSPNQQTWKNKNKKPKRLPCGHILHLSCLKNWMERSQTCPICRLPVFDEKGNVVQ
;
_entity_poly.pdbx_strand_id   A
#
# COMPACT_ATOMS: atom_id res chain seq x y z
N GLY A 1 8.04 4.95 15.54
CA GLY A 1 8.35 3.84 16.45
C GLY A 1 8.03 4.28 17.86
N ALA A 2 7.71 3.33 18.75
CA ALA A 2 7.38 3.58 20.15
C ALA A 2 6.26 4.59 20.38
N GLU A 3 5.44 4.87 19.38
CA GLU A 3 4.33 5.82 19.45
C GLU A 3 3.16 5.24 18.68
N GLN A 4 2.02 5.09 19.34
CA GLN A 4 0.78 4.58 18.77
C GLN A 4 -0.34 5.47 19.31
N LEU A 5 -1.42 5.54 18.54
CA LEU A 5 -2.61 6.33 18.84
C LEU A 5 -3.80 5.39 18.71
N GLN A 6 -3.69 4.20 19.31
CA GLN A 6 -4.65 3.09 19.34
C GLN A 6 -4.84 2.44 17.96
N ASN A 7 -4.34 3.06 16.88
CA ASN A 7 -4.41 2.58 15.50
C ASN A 7 -3.54 1.34 15.38
N SER A 8 -4.14 0.16 15.27
CA SER A 8 -3.46 -1.11 15.12
C SER A 8 -4.53 -2.12 14.67
N ALA A 9 -4.85 -2.07 13.38
CA ALA A 9 -5.82 -2.93 12.72
C ALA A 9 -5.23 -3.32 11.37
N ASN A 10 -5.97 -4.15 10.64
CA ASN A 10 -5.64 -4.62 9.31
C ASN A 10 -6.87 -4.35 8.47
N ASP A 11 -6.70 -3.85 7.26
CA ASP A 11 -7.79 -3.55 6.35
C ASP A 11 -7.41 -4.03 4.95
N ASP A 12 -8.42 -4.16 4.08
CA ASP A 12 -8.33 -4.60 2.69
C ASP A 12 -8.84 -3.53 1.71
N ASN A 13 -9.36 -2.42 2.26
CA ASN A 13 -9.92 -1.26 1.57
C ASN A 13 -9.28 0.05 2.09
N ILE A 14 -8.18 -0.04 2.83
CA ILE A 14 -7.55 1.17 3.40
C ILE A 14 -6.03 1.00 3.38
N CYS A 15 -5.35 2.03 2.85
CA CYS A 15 -3.92 2.13 2.78
C CYS A 15 -3.46 2.36 4.22
N ILE A 16 -2.88 1.35 4.86
CA ILE A 16 -2.41 1.46 6.24
C ILE A 16 -1.33 2.55 6.40
N ILE A 17 -0.64 2.92 5.31
CA ILE A 17 0.40 3.93 5.29
C ILE A 17 -0.07 5.25 5.91
N CYS A 18 -1.22 5.74 5.46
CA CYS A 18 -1.85 6.98 5.88
C CYS A 18 -3.25 6.77 6.48
N MET A 19 -3.76 5.55 6.47
CA MET A 19 -5.08 5.12 6.96
C MET A 19 -6.21 5.77 6.15
N ASP A 20 -5.93 6.21 4.93
CA ASP A 20 -6.90 6.85 4.03
C ASP A 20 -7.59 5.75 3.22
N GLU A 21 -8.81 6.04 2.79
CA GLU A 21 -9.65 5.13 2.01
C GLU A 21 -8.89 4.68 0.77
N LEU A 22 -8.99 3.40 0.45
CA LEU A 22 -8.31 2.80 -0.68
C LEU A 22 -9.13 1.67 -1.27
N ILE A 23 -9.78 1.90 -2.41
CA ILE A 23 -10.59 0.91 -3.11
C ILE A 23 -11.01 1.54 -4.44
N HIS A 24 -11.49 0.78 -5.43
CA HIS A 24 -11.93 1.38 -6.68
C HIS A 24 -13.06 0.60 -7.32
N SER A 25 -13.87 1.32 -8.09
CA SER A 25 -15.00 0.74 -8.79
C SER A 25 -14.46 0.00 -10.04
N PRO A 26 -15.18 -1.00 -10.55
CA PRO A 26 -14.71 -1.76 -11.70
C PRO A 26 -14.75 -0.97 -13.03
N ASN A 27 -15.64 0.02 -13.16
CA ASN A 27 -15.82 0.85 -14.35
C ASN A 27 -15.87 2.36 -14.03
N GLN A 28 -15.61 2.76 -12.78
CA GLN A 28 -15.61 4.15 -12.36
C GLN A 28 -14.33 4.37 -11.54
N GLN A 29 -13.80 5.60 -11.54
CA GLN A 29 -12.56 5.93 -10.87
C GLN A 29 -12.83 6.75 -9.61
N THR A 30 -12.82 6.07 -8.48
CA THR A 30 -13.04 6.64 -7.16
C THR A 30 -12.00 7.73 -6.86
N TRP A 31 -10.78 7.60 -7.40
CA TRP A 31 -9.70 8.55 -7.19
C TRP A 31 -9.33 9.22 -8.50
N LYS A 32 -9.27 10.56 -8.51
CA LYS A 32 -8.93 11.34 -9.69
C LYS A 32 -7.46 11.13 -10.07
N ASN A 33 -6.53 11.61 -9.25
CA ASN A 33 -5.11 11.46 -9.54
C ASN A 33 -4.72 9.99 -9.50
N LYS A 34 -4.11 9.50 -10.58
CA LYS A 34 -3.64 8.12 -10.70
C LYS A 34 -2.46 7.87 -9.76
N ASN A 35 -1.86 8.92 -9.20
CA ASN A 35 -0.73 8.86 -8.27
C ASN A 35 -1.04 7.94 -7.09
N LYS A 36 -2.30 7.88 -6.64
CA LYS A 36 -2.75 7.03 -5.54
C LYS A 36 -3.62 5.88 -6.05
N LYS A 37 -3.39 5.38 -7.27
CA LYS A 37 -4.19 4.28 -7.77
C LYS A 37 -3.97 3.07 -6.85
N PRO A 38 -4.91 2.11 -6.80
CA PRO A 38 -4.78 0.92 -5.97
C PRO A 38 -3.77 -0.03 -6.62
N LYS A 39 -2.49 0.10 -6.28
CA LYS A 39 -1.45 -0.76 -6.80
C LYS A 39 -1.51 -2.04 -5.97
N ARG A 40 -1.70 -3.19 -6.63
CA ARG A 40 -1.74 -4.47 -5.92
C ARG A 40 -0.34 -5.06 -5.96
N LEU A 41 0.05 -5.73 -4.88
CA LEU A 41 1.33 -6.40 -4.67
C LEU A 41 1.26 -7.85 -5.12
N PRO A 42 2.42 -8.49 -5.36
CA PRO A 42 2.45 -9.88 -5.77
C PRO A 42 1.96 -10.79 -4.65
N CYS A 43 2.16 -10.40 -3.38
CA CYS A 43 1.76 -11.21 -2.23
C CYS A 43 0.25 -11.23 -2.01
N GLY A 44 -0.39 -10.15 -2.44
CA GLY A 44 -1.81 -9.92 -2.35
C GLY A 44 -2.06 -8.96 -1.20
N HIS A 45 -1.90 -7.68 -1.51
CA HIS A 45 -2.10 -6.50 -0.69
C HIS A 45 -2.28 -5.38 -1.69
N ILE A 46 -2.82 -4.27 -1.26
CA ILE A 46 -3.06 -3.09 -2.07
C ILE A 46 -2.77 -1.90 -1.20
N LEU A 47 -2.01 -0.94 -1.74
CA LEU A 47 -1.66 0.31 -1.09
C LEU A 47 -1.73 1.41 -2.15
N HIS A 48 -1.90 2.67 -1.73
CA HIS A 48 -1.94 3.80 -2.65
C HIS A 48 -0.57 3.78 -3.33
N LEU A 49 -0.52 3.92 -4.65
CA LEU A 49 0.74 3.90 -5.38
C LEU A 49 1.77 4.93 -4.84
N SER A 50 1.34 6.14 -4.50
CA SER A 50 2.19 7.20 -3.97
C SER A 50 2.73 6.86 -2.58
N CYS A 51 1.88 6.29 -1.73
CA CYS A 51 2.21 5.91 -0.36
C CYS A 51 3.14 4.70 -0.36
N LEU A 52 2.86 3.75 -1.24
CA LEU A 52 3.66 2.54 -1.44
C LEU A 52 5.06 3.00 -1.79
N LYS A 53 5.17 3.94 -2.74
CA LYS A 53 6.45 4.48 -3.18
C LYS A 53 7.17 5.17 -2.03
N ASN A 54 6.44 6.00 -1.28
CA ASN A 54 6.97 6.75 -0.14
C ASN A 54 7.57 5.80 0.89
N TRP A 55 6.92 4.67 1.12
CA TRP A 55 7.36 3.65 2.06
C TRP A 55 8.56 2.88 1.48
N MET A 56 8.46 2.43 0.23
CA MET A 56 9.52 1.66 -0.43
C MET A 56 10.84 2.44 -0.53
N GLU A 57 10.79 3.77 -0.54
CA GLU A 57 12.00 4.60 -0.58
C GLU A 57 12.83 4.34 0.69
N ARG A 58 12.20 3.95 1.81
CA ARG A 58 12.84 3.66 3.10
C ARG A 58 12.99 2.16 3.35
N SER A 59 11.98 1.36 3.01
CA SER A 59 11.98 -0.09 3.23
C SER A 59 11.17 -0.78 2.13
N GLN A 60 11.84 -1.44 1.18
CA GLN A 60 11.11 -2.14 0.12
C GLN A 60 10.58 -3.44 0.75
N THR A 61 9.38 -3.38 1.32
CA THR A 61 8.69 -4.52 1.95
C THR A 61 7.23 -4.19 2.13
N CYS A 62 6.44 -5.20 2.51
CA CYS A 62 5.03 -5.04 2.79
C CYS A 62 4.99 -4.63 4.26
N PRO A 63 4.50 -3.43 4.61
CA PRO A 63 4.43 -3.02 6.00
C PRO A 63 3.37 -3.82 6.77
N ILE A 64 2.59 -4.67 6.11
CA ILE A 64 1.55 -5.49 6.69
C ILE A 64 2.12 -6.86 7.08
N CYS A 65 2.54 -7.69 6.11
CA CYS A 65 3.06 -9.04 6.37
C CYS A 65 4.59 -9.14 6.46
N ARG A 66 5.31 -8.05 6.17
CA ARG A 66 6.77 -7.93 6.19
C ARG A 66 7.48 -8.72 5.07
N LEU A 67 6.75 -9.32 4.13
CA LEU A 67 7.34 -10.10 3.04
C LEU A 67 8.23 -9.23 2.13
N PRO A 68 9.27 -9.83 1.52
CA PRO A 68 10.20 -9.15 0.64
C PRO A 68 9.57 -8.88 -0.75
N VAL A 69 9.05 -7.68 -0.94
CA VAL A 69 8.44 -7.24 -2.18
C VAL A 69 9.57 -6.95 -3.19
N PHE A 70 9.19 -6.53 -4.39
CA PHE A 70 10.10 -6.18 -5.47
C PHE A 70 10.87 -4.92 -5.07
N ASP A 71 11.98 -4.65 -5.76
CA ASP A 71 12.82 -3.48 -5.51
C ASP A 71 12.05 -2.18 -5.74
N GLU A 72 12.61 -1.04 -5.34
CA GLU A 72 11.97 0.28 -5.51
C GLU A 72 11.70 0.57 -7.00
N LYS A 73 12.48 -0.04 -7.89
CA LYS A 73 12.37 0.08 -9.34
C LYS A 73 11.09 -0.61 -9.84
N GLY A 74 10.53 -1.54 -9.07
CA GLY A 74 9.32 -2.28 -9.36
C GLY A 74 9.54 -3.60 -10.11
N ASN A 75 10.76 -3.91 -10.54
CA ASN A 75 11.06 -5.13 -11.28
C ASN A 75 12.40 -5.67 -10.79
N VAL A 76 12.37 -6.52 -9.76
CA VAL A 76 13.61 -7.12 -9.24
C VAL A 76 14.04 -8.19 -10.25
N VAL A 77 15.34 -8.45 -10.34
CA VAL A 77 15.94 -9.42 -11.22
C VAL A 77 17.24 -9.86 -10.53
N GLN A 78 17.61 -11.10 -10.77
CA GLN A 78 18.77 -11.82 -10.30
C GLN A 78 19.26 -12.77 -11.39
N GLY A 1 -11.46 2.69 37.17
CA GLY A 1 -11.78 1.25 37.14
C GLY A 1 -10.82 0.61 36.16
N ALA A 2 -11.20 -0.52 35.55
CA ALA A 2 -10.32 -1.15 34.56
C ALA A 2 -10.28 -0.24 33.32
N GLU A 3 -9.33 -0.46 32.44
CA GLU A 3 -9.15 0.28 31.20
C GLU A 3 -8.55 -0.71 30.21
N GLN A 4 -9.18 -0.90 29.06
CA GLN A 4 -8.72 -1.82 28.03
C GLN A 4 -8.56 -1.01 26.74
N LEU A 5 -7.66 -1.45 25.86
CA LEU A 5 -7.37 -0.79 24.59
C LEU A 5 -6.85 -1.80 23.57
N GLN A 6 -6.77 -1.38 22.31
CA GLN A 6 -6.29 -2.16 21.18
C GLN A 6 -6.13 -1.22 19.98
N ASN A 7 -4.92 -1.20 19.44
CA ASN A 7 -4.50 -0.41 18.29
C ASN A 7 -3.87 -1.39 17.30
N SER A 8 -4.61 -2.45 16.95
CA SER A 8 -4.17 -3.48 16.03
C SER A 8 -5.35 -3.96 15.18
N ALA A 9 -5.43 -3.42 13.97
CA ALA A 9 -6.41 -3.70 12.96
C ALA A 9 -5.65 -3.69 11.63
N ASN A 10 -6.13 -4.47 10.66
CA ASN A 10 -5.52 -4.58 9.36
C ASN A 10 -6.63 -4.74 8.31
N ASP A 11 -7.11 -3.60 7.81
CA ASP A 11 -8.16 -3.50 6.80
C ASP A 11 -7.68 -3.97 5.43
N ASP A 12 -8.58 -4.01 4.45
CA ASP A 12 -8.33 -4.45 3.07
C ASP A 12 -8.70 -3.40 2.02
N ASN A 13 -9.44 -2.36 2.42
CA ASN A 13 -9.91 -1.26 1.58
C ASN A 13 -9.34 0.08 2.07
N ILE A 14 -8.28 0.08 2.86
CA ILE A 14 -7.67 1.29 3.40
C ILE A 14 -6.16 1.09 3.38
N CYS A 15 -5.45 2.09 2.86
CA CYS A 15 -4.00 2.13 2.76
C CYS A 15 -3.47 2.29 4.17
N ILE A 16 -2.73 1.30 4.64
CA ILE A 16 -2.13 1.24 5.96
C ILE A 16 -1.05 2.32 6.20
N ILE A 17 -0.58 3.01 5.14
CA ILE A 17 0.46 4.04 5.28
C ILE A 17 -0.11 5.27 5.97
N CYS A 18 -1.28 5.70 5.53
CA CYS A 18 -1.99 6.88 6.02
C CYS A 18 -3.36 6.58 6.61
N MET A 19 -3.80 5.33 6.60
CA MET A 19 -5.09 4.88 7.09
C MET A 19 -6.19 5.74 6.43
N ASP A 20 -6.11 5.87 5.10
CA ASP A 20 -7.04 6.62 4.27
C ASP A 20 -7.69 5.70 3.24
N GLU A 21 -8.88 6.08 2.76
CA GLU A 21 -9.67 5.34 1.78
C GLU A 21 -8.83 4.91 0.59
N LEU A 22 -8.84 3.61 0.36
CA LEU A 22 -8.09 2.96 -0.70
C LEU A 22 -8.98 1.88 -1.29
N ILE A 23 -9.58 2.14 -2.43
CA ILE A 23 -10.45 1.17 -3.09
C ILE A 23 -10.77 1.69 -4.48
N HIS A 24 -11.29 0.83 -5.36
CA HIS A 24 -11.65 1.19 -6.72
C HIS A 24 -12.74 0.27 -7.19
N SER A 25 -13.44 0.68 -8.24
CA SER A 25 -14.51 -0.09 -8.85
C SER A 25 -14.14 -0.36 -10.32
N PRO A 26 -14.69 -1.41 -10.96
CA PRO A 26 -14.39 -1.77 -12.35
C PRO A 26 -14.91 -0.78 -13.40
N ASN A 27 -15.53 0.34 -13.04
CA ASN A 27 -16.02 1.32 -14.01
C ASN A 27 -15.63 2.73 -13.61
N GLN A 28 -16.37 3.37 -12.71
CA GLN A 28 -16.11 4.73 -12.27
C GLN A 28 -14.72 4.88 -11.66
N GLN A 29 -14.07 6.01 -11.96
CA GLN A 29 -12.74 6.37 -11.49
C GLN A 29 -12.86 6.95 -10.08
N THR A 30 -12.80 6.13 -9.02
CA THR A 30 -12.87 6.62 -7.64
C THR A 30 -11.81 7.70 -7.43
N TRP A 31 -10.59 7.49 -7.97
CA TRP A 31 -9.49 8.42 -7.88
C TRP A 31 -9.16 8.90 -9.28
N LYS A 32 -9.61 10.11 -9.63
CA LYS A 32 -9.36 10.73 -10.92
C LYS A 32 -7.85 10.80 -11.16
N ASN A 33 -7.07 11.06 -10.11
CA ASN A 33 -5.62 11.16 -10.16
C ASN A 33 -5.02 9.79 -9.91
N LYS A 34 -4.42 9.20 -10.94
CA LYS A 34 -3.78 7.89 -10.93
C LYS A 34 -2.65 7.78 -9.91
N ASN A 35 -2.16 8.88 -9.33
CA ASN A 35 -1.09 8.87 -8.34
C ASN A 35 -1.44 7.98 -7.15
N LYS A 36 -2.70 7.92 -6.73
CA LYS A 36 -3.10 7.07 -5.60
C LYS A 36 -3.85 5.83 -6.06
N LYS A 37 -3.54 5.34 -7.27
CA LYS A 37 -4.20 4.15 -7.77
C LYS A 37 -3.88 2.98 -6.82
N PRO A 38 -4.78 2.00 -6.70
CA PRO A 38 -4.58 0.83 -5.85
C PRO A 38 -3.53 -0.09 -6.48
N LYS A 39 -2.26 0.10 -6.13
CA LYS A 39 -1.16 -0.69 -6.65
C LYS A 39 -1.18 -2.03 -5.93
N ARG A 40 -1.68 -3.07 -6.58
CA ARG A 40 -1.72 -4.41 -5.99
C ARG A 40 -0.29 -4.93 -5.89
N LEU A 41 0.01 -5.68 -4.84
CA LEU A 41 1.31 -6.28 -4.58
C LEU A 41 1.30 -7.71 -5.09
N PRO A 42 2.47 -8.32 -5.31
CA PRO A 42 2.54 -9.68 -5.80
C PRO A 42 2.11 -10.69 -4.73
N CYS A 43 2.22 -10.34 -3.46
CA CYS A 43 1.87 -11.21 -2.35
C CYS A 43 0.36 -11.36 -2.14
N GLY A 44 -0.37 -10.30 -2.48
CA GLY A 44 -1.81 -10.18 -2.36
C GLY A 44 -2.11 -9.19 -1.26
N HIS A 45 -2.05 -7.92 -1.65
CA HIS A 45 -2.30 -6.73 -0.86
C HIS A 45 -2.52 -5.61 -1.85
N ILE A 46 -2.99 -4.48 -1.35
CA ILE A 46 -3.26 -3.29 -2.14
C ILE A 46 -2.91 -2.10 -1.25
N LEU A 47 -2.20 -1.13 -1.80
CA LEU A 47 -1.81 0.12 -1.14
C LEU A 47 -1.85 1.24 -2.18
N HIS A 48 -1.95 2.51 -1.76
CA HIS A 48 -1.95 3.64 -2.70
C HIS A 48 -0.58 3.66 -3.37
N LEU A 49 -0.55 3.95 -4.68
CA LEU A 49 0.71 4.00 -5.42
C LEU A 49 1.69 5.03 -4.84
N SER A 50 1.25 6.26 -4.62
CA SER A 50 2.09 7.31 -4.06
C SER A 50 2.66 6.92 -2.69
N CYS A 51 1.82 6.36 -1.80
CA CYS A 51 2.20 5.94 -0.46
C CYS A 51 3.21 4.80 -0.54
N LEU A 52 2.99 3.83 -1.43
CA LEU A 52 3.87 2.69 -1.64
C LEU A 52 5.26 3.14 -2.04
N LYS A 53 5.36 4.10 -2.96
CA LYS A 53 6.65 4.59 -3.41
C LYS A 53 7.40 5.24 -2.24
N ASN A 54 6.68 6.04 -1.45
CA ASN A 54 7.26 6.73 -0.30
C ASN A 54 7.73 5.71 0.73
N TRP A 55 6.92 4.69 1.01
CA TRP A 55 7.23 3.64 1.95
C TRP A 55 8.49 2.87 1.52
N MET A 56 8.50 2.42 0.25
CA MET A 56 9.59 1.67 -0.34
C MET A 56 10.92 2.44 -0.35
N GLU A 57 10.92 3.78 -0.36
CA GLU A 57 12.17 4.55 -0.36
C GLU A 57 13.03 4.22 0.87
N ARG A 58 12.42 3.81 1.98
CA ARG A 58 13.13 3.46 3.21
C ARG A 58 13.20 1.94 3.41
N SER A 59 12.11 1.22 3.12
CA SER A 59 12.03 -0.22 3.28
C SER A 59 11.19 -0.83 2.18
N GLN A 60 11.83 -1.48 1.20
CA GLN A 60 11.13 -2.12 0.11
C GLN A 60 10.65 -3.44 0.72
N THR A 61 9.47 -3.42 1.32
CA THR A 61 8.80 -4.57 1.96
C THR A 61 7.33 -4.23 2.15
N CYS A 62 6.50 -5.20 2.54
CA CYS A 62 5.08 -5.02 2.81
C CYS A 62 4.94 -4.58 4.28
N PRO A 63 4.33 -3.43 4.57
CA PRO A 63 4.15 -2.96 5.95
C PRO A 63 3.12 -3.81 6.72
N ILE A 64 2.44 -4.74 6.05
CA ILE A 64 1.42 -5.59 6.65
C ILE A 64 2.00 -6.97 7.00
N CYS A 65 2.36 -7.78 6.00
CA CYS A 65 2.89 -9.13 6.20
C CYS A 65 4.40 -9.16 6.39
N ARG A 66 5.10 -8.05 6.16
CA ARG A 66 6.55 -7.90 6.32
C ARG A 66 7.38 -8.63 5.28
N LEU A 67 6.77 -9.28 4.29
CA LEU A 67 7.44 -10.02 3.22
C LEU A 67 8.24 -9.10 2.30
N PRO A 68 9.33 -9.61 1.70
CA PRO A 68 10.17 -8.85 0.77
C PRO A 68 9.38 -8.66 -0.52
N VAL A 69 9.37 -7.47 -1.08
CA VAL A 69 8.65 -7.12 -2.32
C VAL A 69 9.68 -6.90 -3.43
N PHE A 70 9.20 -6.38 -4.57
CA PHE A 70 10.04 -6.08 -5.72
C PHE A 70 10.85 -4.84 -5.39
N ASP A 71 11.99 -4.74 -6.05
CA ASP A 71 12.90 -3.62 -5.88
C ASP A 71 12.28 -2.33 -6.38
N GLU A 72 12.85 -1.17 -6.05
CA GLU A 72 12.32 0.12 -6.51
C GLU A 72 12.31 0.19 -8.03
N LYS A 73 13.13 -0.63 -8.70
CA LYS A 73 13.24 -0.73 -10.16
C LYS A 73 11.97 -1.31 -10.78
N GLY A 74 11.16 -2.03 -9.99
CA GLY A 74 9.92 -2.66 -10.38
C GLY A 74 10.09 -4.11 -10.80
N ASN A 75 11.31 -4.64 -10.78
CA ASN A 75 11.71 -6.00 -11.12
C ASN A 75 12.84 -6.35 -10.17
N VAL A 76 12.85 -7.60 -9.70
CA VAL A 76 13.84 -8.16 -8.79
C VAL A 76 14.34 -9.45 -9.43
N VAL A 77 15.53 -9.93 -9.06
CA VAL A 77 16.14 -11.15 -9.60
C VAL A 77 16.65 -12.01 -8.45
N GLN A 78 15.77 -12.21 -7.47
CA GLN A 78 16.05 -13.00 -6.28
C GLN A 78 16.32 -14.45 -6.64
N GLY A 1 11.52 2.92 24.40
CA GLY A 1 11.10 1.76 23.59
C GLY A 1 9.73 1.31 24.05
N ALA A 2 8.70 1.60 23.26
CA ALA A 2 7.31 1.26 23.55
C ALA A 2 7.07 -0.24 23.42
N GLU A 3 7.22 -0.99 24.50
CA GLU A 3 7.00 -2.43 24.53
C GLU A 3 5.51 -2.67 24.83
N GLN A 4 4.68 -2.21 23.90
CA GLN A 4 3.22 -2.28 23.88
C GLN A 4 2.83 -2.17 22.41
N LEU A 5 1.84 -2.92 21.94
CA LEU A 5 1.41 -2.90 20.53
C LEU A 5 -0.10 -2.92 20.38
N GLN A 6 -0.82 -2.29 21.31
CA GLN A 6 -2.29 -2.20 21.29
C GLN A 6 -2.84 -1.56 20.00
N ASN A 7 -1.98 -0.95 19.18
CA ASN A 7 -2.30 -0.28 17.93
C ASN A 7 -1.72 -1.12 16.81
N SER A 8 -2.46 -2.11 16.31
CA SER A 8 -2.00 -2.98 15.24
C SER A 8 -3.22 -3.42 14.41
N ALA A 9 -3.62 -2.60 13.44
CA ALA A 9 -4.76 -2.85 12.56
C ALA A 9 -4.32 -3.47 11.23
N ASN A 10 -5.30 -3.81 10.40
CA ASN A 10 -5.19 -4.39 9.07
C ASN A 10 -6.54 -4.24 8.37
N ASP A 11 -6.54 -3.74 7.14
CA ASP A 11 -7.72 -3.56 6.30
C ASP A 11 -7.34 -3.97 4.89
N ASP A 12 -8.33 -4.05 4.00
CA ASP A 12 -8.18 -4.44 2.60
C ASP A 12 -8.66 -3.31 1.68
N ASN A 13 -9.40 -2.35 2.24
CA ASN A 13 -9.95 -1.21 1.52
C ASN A 13 -9.44 0.12 2.10
N ILE A 14 -8.36 0.08 2.89
CA ILE A 14 -7.73 1.24 3.51
C ILE A 14 -6.22 1.00 3.54
N CYS A 15 -5.44 1.96 3.02
CA CYS A 15 -3.98 1.94 2.99
C CYS A 15 -3.44 2.22 4.41
N ILE A 16 -2.68 1.30 4.98
CA ILE A 16 -2.08 1.39 6.30
C ILE A 16 -1.01 2.51 6.34
N ILE A 17 -0.52 3.03 5.21
CA ILE A 17 0.50 4.08 5.21
C ILE A 17 -0.06 5.38 5.80
N CYS A 18 -1.25 5.76 5.36
CA CYS A 18 -1.95 6.97 5.78
C CYS A 18 -3.30 6.72 6.46
N MET A 19 -3.72 5.46 6.59
CA MET A 19 -4.99 5.04 7.19
C MET A 19 -6.14 5.83 6.53
N ASP A 20 -6.04 5.96 5.20
CA ASP A 20 -6.97 6.66 4.32
C ASP A 20 -7.62 5.63 3.39
N GLU A 21 -8.81 5.96 2.91
CA GLU A 21 -9.61 5.13 2.03
C GLU A 21 -8.79 4.72 0.82
N LEU A 22 -8.89 3.45 0.44
CA LEU A 22 -8.16 2.87 -0.65
C LEU A 22 -9.04 1.82 -1.30
N ILE A 23 -9.65 2.10 -2.44
CA ILE A 23 -10.51 1.17 -3.15
C ILE A 23 -10.86 1.76 -4.51
N HIS A 24 -11.37 0.97 -5.46
CA HIS A 24 -11.73 1.47 -6.78
C HIS A 24 -12.88 0.65 -7.33
N SER A 25 -13.88 1.32 -7.88
CA SER A 25 -15.04 0.68 -8.48
C SER A 25 -14.70 0.32 -9.93
N PRO A 26 -15.33 -0.72 -10.50
CA PRO A 26 -15.09 -1.09 -11.88
C PRO A 26 -15.65 0.01 -12.78
N ASN A 27 -15.08 0.15 -13.98
CA ASN A 27 -15.43 1.12 -15.02
C ASN A 27 -15.59 2.57 -14.51
N GLN A 28 -14.96 2.94 -13.40
CA GLN A 28 -15.05 4.29 -12.84
C GLN A 28 -13.69 4.80 -12.37
N GLN A 29 -13.62 6.12 -12.23
CA GLN A 29 -12.45 6.88 -11.79
C GLN A 29 -12.73 7.45 -10.40
N THR A 30 -12.60 6.60 -9.38
CA THR A 30 -12.83 6.96 -7.97
C THR A 30 -11.90 8.12 -7.59
N TRP A 31 -10.63 8.02 -8.00
CA TRP A 31 -9.60 9.01 -7.74
C TRP A 31 -9.10 9.50 -9.09
N LYS A 32 -9.39 10.76 -9.42
CA LYS A 32 -8.96 11.36 -10.68
C LYS A 32 -7.44 11.29 -10.76
N ASN A 33 -6.75 11.57 -9.65
CA ASN A 33 -5.29 11.51 -9.57
C ASN A 33 -4.89 10.04 -9.55
N LYS A 34 -4.23 9.58 -10.61
CA LYS A 34 -3.77 8.18 -10.70
C LYS A 34 -2.62 7.89 -9.74
N ASN A 35 -2.05 8.93 -9.15
CA ASN A 35 -0.95 8.90 -8.19
C ASN A 35 -1.24 7.92 -7.06
N LYS A 36 -2.44 7.98 -6.47
CA LYS A 36 -2.86 7.11 -5.38
C LYS A 36 -3.66 5.91 -5.88
N LYS A 37 -3.47 5.45 -7.12
CA LYS A 37 -4.22 4.31 -7.63
C LYS A 37 -3.92 3.06 -6.82
N PRO A 38 -4.87 2.11 -6.79
CA PRO A 38 -4.69 0.88 -6.07
C PRO A 38 -3.82 -0.10 -6.86
N LYS A 39 -2.53 -0.10 -6.56
CA LYS A 39 -1.43 -0.91 -7.04
C LYS A 39 -1.42 -2.18 -6.15
N ARG A 40 -1.74 -3.34 -6.72
CA ARG A 40 -1.74 -4.61 -6.00
C ARG A 40 -0.31 -5.14 -5.89
N LEU A 41 0.03 -5.68 -4.73
CA LEU A 41 1.33 -6.27 -4.42
C LEU A 41 1.34 -7.72 -4.90
N PRO A 42 2.54 -8.31 -5.10
CA PRO A 42 2.65 -9.68 -5.55
C PRO A 42 2.15 -10.65 -4.49
N CYS A 43 2.25 -10.30 -3.20
CA CYS A 43 1.80 -11.17 -2.11
C CYS A 43 0.28 -11.31 -2.08
N GLY A 44 -0.39 -10.22 -2.44
CA GLY A 44 -1.82 -10.10 -2.46
C GLY A 44 -2.15 -9.21 -1.27
N HIS A 45 -2.02 -7.92 -1.53
CA HIS A 45 -2.26 -6.78 -0.67
C HIS A 45 -2.49 -5.65 -1.65
N ILE A 46 -3.06 -4.57 -1.15
CA ILE A 46 -3.39 -3.40 -1.92
C ILE A 46 -3.03 -2.20 -1.06
N LEU A 47 -2.26 -1.26 -1.63
CA LEU A 47 -1.82 -0.01 -1.01
C LEU A 47 -1.73 1.10 -2.07
N HIS A 48 -1.94 2.37 -1.70
CA HIS A 48 -1.86 3.52 -2.62
C HIS A 48 -0.49 3.48 -3.30
N LEU A 49 -0.46 3.62 -4.62
CA LEU A 49 0.75 3.62 -5.43
C LEU A 49 1.78 4.65 -4.93
N SER A 50 1.34 5.88 -4.71
CA SER A 50 2.14 6.98 -4.23
C SER A 50 2.73 6.69 -2.84
N CYS A 51 1.87 6.30 -1.90
CA CYS A 51 2.27 6.00 -0.54
C CYS A 51 3.28 4.85 -0.54
N LEU A 52 3.03 3.83 -1.37
CA LEU A 52 3.87 2.66 -1.52
C LEU A 52 5.27 3.07 -1.98
N LYS A 53 5.36 3.98 -2.95
CA LYS A 53 6.65 4.47 -3.43
C LYS A 53 7.41 5.16 -2.31
N ASN A 54 6.72 6.05 -1.59
CA ASN A 54 7.27 6.82 -0.49
C ASN A 54 7.75 5.89 0.63
N TRP A 55 7.01 4.83 0.91
CA TRP A 55 7.33 3.82 1.92
C TRP A 55 8.55 3.03 1.48
N MET A 56 8.55 2.53 0.23
CA MET A 56 9.64 1.73 -0.32
C MET A 56 10.96 2.51 -0.35
N GLU A 57 10.94 3.84 -0.37
CA GLU A 57 12.15 4.66 -0.35
C GLU A 57 12.93 4.43 0.96
N ARG A 58 12.24 4.02 2.03
CA ARG A 58 12.83 3.74 3.35
C ARG A 58 12.89 2.25 3.66
N SER A 59 11.88 1.46 3.29
CA SER A 59 11.82 0.02 3.54
C SER A 59 11.05 -0.69 2.42
N GLN A 60 11.73 -1.26 1.41
CA GLN A 60 11.02 -1.95 0.33
C GLN A 60 10.61 -3.33 0.81
N THR A 61 9.42 -3.39 1.39
CA THR A 61 8.75 -4.56 1.92
C THR A 61 7.26 -4.18 2.13
N CYS A 62 6.41 -5.15 2.47
CA CYS A 62 4.99 -4.91 2.72
C CYS A 62 4.89 -4.51 4.19
N PRO A 63 4.29 -3.38 4.55
CA PRO A 63 4.16 -2.93 5.94
C PRO A 63 3.10 -3.70 6.75
N ILE A 64 2.52 -4.76 6.20
CA ILE A 64 1.50 -5.56 6.86
C ILE A 64 2.10 -6.91 7.22
N CYS A 65 2.46 -7.74 6.22
CA CYS A 65 3.01 -9.07 6.41
C CYS A 65 4.55 -9.12 6.43
N ARG A 66 5.19 -8.01 6.06
CA ARG A 66 6.65 -7.85 6.01
C ARG A 66 7.30 -8.71 4.92
N LEU A 67 6.51 -9.27 3.99
CA LEU A 67 7.03 -10.10 2.91
C LEU A 67 7.92 -9.24 2.00
N PRO A 68 8.95 -9.86 1.38
CA PRO A 68 9.85 -9.17 0.50
C PRO A 68 9.12 -8.80 -0.79
N VAL A 69 9.23 -7.54 -1.21
CA VAL A 69 8.62 -7.04 -2.43
C VAL A 69 9.74 -6.82 -3.46
N PHE A 70 9.35 -6.42 -4.65
CA PHE A 70 10.22 -6.13 -5.78
C PHE A 70 11.06 -4.90 -5.42
N ASP A 71 12.14 -4.67 -6.16
CA ASP A 71 13.03 -3.53 -5.96
C ASP A 71 12.27 -2.21 -6.08
N GLU A 72 12.93 -1.09 -5.76
CA GLU A 72 12.35 0.24 -5.83
C GLU A 72 11.82 0.56 -7.23
N LYS A 73 12.44 0.01 -8.30
CA LYS A 73 11.97 0.23 -9.67
C LYS A 73 10.61 -0.46 -9.86
N GLY A 74 10.29 -1.45 -9.04
CA GLY A 74 9.07 -2.23 -9.05
C GLY A 74 9.16 -3.42 -9.98
N ASN A 75 10.30 -3.64 -10.64
CA ASN A 75 10.53 -4.73 -11.58
C ASN A 75 12.01 -5.03 -11.54
N VAL A 76 12.42 -6.11 -10.89
CA VAL A 76 13.82 -6.53 -10.79
C VAL A 76 14.34 -7.00 -12.16
N VAL A 77 15.66 -7.19 -12.32
CA VAL A 77 16.34 -7.64 -13.54
C VAL A 77 17.08 -8.94 -13.24
N GLN A 78 16.42 -9.84 -12.51
CA GLN A 78 16.96 -11.14 -12.12
C GLN A 78 17.25 -11.96 -13.36
N GLY A 1 12.26 3.98 23.84
CA GLY A 1 11.69 2.65 23.65
C GLY A 1 10.55 2.41 24.61
N ALA A 2 10.09 1.16 24.72
CA ALA A 2 8.98 0.77 25.60
C ALA A 2 7.77 1.70 25.39
N GLU A 3 7.45 1.92 24.11
CA GLU A 3 6.36 2.75 23.62
C GLU A 3 5.43 1.88 22.78
N GLN A 4 4.14 2.21 22.74
CA GLN A 4 3.15 1.48 21.97
C GLN A 4 2.13 2.49 21.45
N LEU A 5 2.04 2.61 20.12
CA LEU A 5 1.12 3.48 19.38
C LEU A 5 0.70 2.60 18.21
N GLN A 6 -0.04 1.54 18.54
CA GLN A 6 -0.55 0.51 17.65
C GLN A 6 -2.08 0.55 17.56
N ASN A 7 -2.70 1.67 17.93
CA ASN A 7 -4.15 1.88 17.91
C ASN A 7 -4.83 1.69 16.55
N SER A 8 -4.07 1.47 15.48
CA SER A 8 -4.56 1.24 14.12
C SER A 8 -5.13 -0.18 13.97
N ALA A 9 -5.62 -0.49 12.77
CA ALA A 9 -6.19 -1.78 12.40
C ALA A 9 -5.61 -2.22 11.05
N ASN A 10 -6.06 -3.38 10.57
CA ASN A 10 -5.67 -4.00 9.31
C ASN A 10 -6.92 -4.14 8.46
N ASP A 11 -6.93 -3.52 7.29
CA ASP A 11 -8.02 -3.53 6.33
C ASP A 11 -7.44 -3.75 4.93
N ASP A 12 -8.30 -4.09 3.96
CA ASP A 12 -7.92 -4.35 2.56
C ASP A 12 -8.48 -3.27 1.62
N ASN A 13 -9.26 -2.34 2.15
CA ASN A 13 -9.89 -1.26 1.40
C ASN A 13 -9.46 0.12 1.92
N ILE A 14 -8.36 0.17 2.67
CA ILE A 14 -7.80 1.39 3.24
C ILE A 14 -6.28 1.23 3.21
N CYS A 15 -5.57 2.23 2.68
CA CYS A 15 -4.11 2.23 2.61
C CYS A 15 -3.59 2.41 4.02
N ILE A 16 -2.94 1.37 4.52
CA ILE A 16 -2.36 1.28 5.85
C ILE A 16 -1.31 2.38 6.12
N ILE A 17 -0.64 2.91 5.10
CA ILE A 17 0.39 3.93 5.26
C ILE A 17 -0.13 5.21 5.91
N CYS A 18 -1.26 5.72 5.42
CA CYS A 18 -1.90 6.94 5.89
C CYS A 18 -3.30 6.71 6.45
N MET A 19 -3.77 5.46 6.43
CA MET A 19 -5.06 5.00 6.88
C MET A 19 -6.20 5.73 6.15
N ASP A 20 -5.96 6.13 4.90
CA ASP A 20 -6.95 6.81 4.07
C ASP A 20 -7.63 5.79 3.17
N GLU A 21 -8.86 6.07 2.77
CA GLU A 21 -9.68 5.22 1.92
C GLU A 21 -8.91 4.85 0.66
N LEU A 22 -8.99 3.57 0.32
CA LEU A 22 -8.31 2.97 -0.81
C LEU A 22 -9.20 1.91 -1.44
N ILE A 23 -9.84 2.22 -2.56
CA ILE A 23 -10.73 1.27 -3.24
C ILE A 23 -11.17 1.82 -4.60
N HIS A 24 -11.55 0.94 -5.54
CA HIS A 24 -12.03 1.35 -6.84
C HIS A 24 -12.89 0.25 -7.45
N SER A 25 -13.61 0.59 -8.51
CA SER A 25 -14.48 -0.29 -9.26
C SER A 25 -13.96 -0.33 -10.70
N PRO A 26 -14.27 -1.37 -11.49
CA PRO A 26 -13.80 -1.47 -12.86
C PRO A 26 -14.31 -0.31 -13.74
N ASN A 27 -15.57 0.10 -13.60
CA ASN A 27 -16.14 1.18 -14.40
C ASN A 27 -16.64 2.35 -13.55
N GLN A 28 -15.76 2.96 -12.75
CA GLN A 28 -16.15 4.11 -11.94
C GLN A 28 -14.92 4.97 -11.73
N GLN A 29 -15.09 6.28 -11.90
CA GLN A 29 -14.02 7.24 -11.74
C GLN A 29 -13.81 7.55 -10.25
N THR A 30 -12.98 6.77 -9.54
CA THR A 30 -12.70 7.06 -8.12
C THR A 30 -11.64 8.16 -8.13
N TRP A 31 -10.48 7.90 -7.54
CA TRP A 31 -9.35 8.81 -7.44
C TRP A 31 -8.80 9.10 -8.83
N LYS A 32 -9.15 10.26 -9.39
CA LYS A 32 -8.73 10.66 -10.72
C LYS A 32 -7.22 10.68 -10.87
N ASN A 33 -6.48 11.25 -9.92
CA ASN A 33 -5.03 11.30 -10.02
C ASN A 33 -4.46 9.91 -9.73
N LYS A 34 -3.68 9.40 -10.70
CA LYS A 34 -3.01 8.11 -10.66
C LYS A 34 -2.13 7.93 -9.42
N ASN A 35 -1.72 9.04 -8.78
CA ASN A 35 -0.87 9.04 -7.60
C ASN A 35 -1.40 8.14 -6.47
N LYS A 36 -2.71 7.97 -6.31
CA LYS A 36 -3.26 7.10 -5.26
C LYS A 36 -3.96 5.89 -5.88
N LYS A 37 -3.50 5.44 -7.05
CA LYS A 37 -4.08 4.28 -7.73
C LYS A 37 -3.91 3.05 -6.82
N PRO A 38 -4.92 2.16 -6.71
CA PRO A 38 -4.85 0.96 -5.89
C PRO A 38 -3.91 -0.07 -6.53
N LYS A 39 -2.63 -0.03 -6.17
CA LYS A 39 -1.60 -0.94 -6.68
C LYS A 39 -1.66 -2.21 -5.81
N ARG A 40 -1.76 -3.39 -6.43
CA ARG A 40 -1.84 -4.69 -5.77
C ARG A 40 -0.48 -5.36 -5.79
N LEU A 41 0.02 -5.78 -4.64
CA LEU A 41 1.32 -6.42 -4.44
C LEU A 41 1.33 -7.85 -4.97
N PRO A 42 2.52 -8.46 -5.16
CA PRO A 42 2.60 -9.84 -5.63
C PRO A 42 2.16 -10.81 -4.53
N CYS A 43 2.30 -10.43 -3.25
CA CYS A 43 1.90 -11.28 -2.13
C CYS A 43 0.38 -11.35 -2.02
N GLY A 44 -0.27 -10.27 -2.45
CA GLY A 44 -1.70 -10.09 -2.45
C GLY A 44 -2.08 -9.21 -1.27
N HIS A 45 -1.96 -7.91 -1.50
CA HIS A 45 -2.26 -6.78 -0.63
C HIS A 45 -2.53 -5.63 -1.58
N ILE A 46 -3.12 -4.56 -1.07
CA ILE A 46 -3.45 -3.38 -1.86
C ILE A 46 -3.11 -2.16 -1.03
N LEU A 47 -2.41 -1.22 -1.66
CA LEU A 47 -1.99 0.05 -1.08
C LEU A 47 -1.93 1.15 -2.15
N HIS A 48 -2.00 2.42 -1.73
CA HIS A 48 -1.91 3.59 -2.63
C HIS A 48 -0.54 3.60 -3.27
N LEU A 49 -0.47 3.95 -4.56
CA LEU A 49 0.76 4.03 -5.33
C LEU A 49 1.81 4.98 -4.74
N SER A 50 1.42 6.21 -4.38
CA SER A 50 2.35 7.20 -3.84
C SER A 50 2.83 6.78 -2.45
N CYS A 51 1.90 6.30 -1.63
CA CYS A 51 2.25 5.88 -0.29
C CYS A 51 3.21 4.68 -0.33
N LEU A 52 3.01 3.79 -1.31
CA LEU A 52 3.81 2.60 -1.53
C LEU A 52 5.22 3.04 -1.89
N LYS A 53 5.34 4.04 -2.78
CA LYS A 53 6.64 4.56 -3.21
C LYS A 53 7.37 5.11 -2.00
N ASN A 54 6.71 6.01 -1.28
CA ASN A 54 7.22 6.69 -0.10
C ASN A 54 7.74 5.68 0.91
N TRP A 55 6.97 4.61 1.13
CA TRP A 55 7.32 3.54 2.04
C TRP A 55 8.52 2.73 1.51
N MET A 56 8.51 2.34 0.23
CA MET A 56 9.57 1.56 -0.42
C MET A 56 10.90 2.31 -0.52
N GLU A 57 10.90 3.66 -0.40
CA GLU A 57 12.12 4.45 -0.46
C GLU A 57 12.98 4.15 0.79
N ARG A 58 12.32 3.74 1.88
CA ARG A 58 12.93 3.44 3.18
C ARG A 58 13.05 1.95 3.46
N SER A 59 12.03 1.17 3.08
CA SER A 59 11.98 -0.27 3.28
C SER A 59 11.19 -0.93 2.14
N GLN A 60 11.84 -1.48 1.11
CA GLN A 60 11.08 -2.14 0.05
C GLN A 60 10.59 -3.48 0.60
N THR A 61 9.40 -3.47 1.18
CA THR A 61 8.70 -4.60 1.80
C THR A 61 7.24 -4.20 1.95
N CYS A 62 6.39 -5.16 2.31
CA CYS A 62 4.99 -4.96 2.59
C CYS A 62 4.97 -4.59 4.07
N PRO A 63 4.46 -3.41 4.48
CA PRO A 63 4.45 -3.02 5.88
C PRO A 63 3.56 -3.90 6.77
N ILE A 64 2.59 -4.59 6.15
CA ILE A 64 1.62 -5.44 6.79
C ILE A 64 2.23 -6.79 7.20
N CYS A 65 2.62 -7.62 6.22
CA CYS A 65 3.17 -8.95 6.43
C CYS A 65 4.70 -8.98 6.54
N ARG A 66 5.36 -7.86 6.24
CA ARG A 66 6.81 -7.66 6.29
C ARG A 66 7.57 -8.41 5.20
N LEU A 67 6.87 -9.06 4.27
CA LEU A 67 7.47 -9.82 3.18
C LEU A 67 8.29 -8.91 2.25
N PRO A 68 9.35 -9.45 1.62
CA PRO A 68 10.18 -8.70 0.69
C PRO A 68 9.41 -8.61 -0.63
N VAL A 69 9.43 -7.44 -1.24
CA VAL A 69 8.76 -7.12 -2.50
C VAL A 69 9.82 -6.93 -3.58
N PHE A 70 9.38 -6.60 -4.79
CA PHE A 70 10.26 -6.33 -5.92
C PHE A 70 11.02 -5.06 -5.59
N ASP A 71 12.14 -4.85 -6.25
CA ASP A 71 12.98 -3.67 -6.08
C ASP A 71 12.17 -2.45 -6.50
N GLU A 72 12.62 -1.26 -6.14
CA GLU A 72 11.96 0.01 -6.45
C GLU A 72 11.62 0.22 -7.93
N LYS A 73 12.26 -0.48 -8.87
CA LYS A 73 11.99 -0.37 -10.31
C LYS A 73 10.92 -1.36 -10.76
N GLY A 74 10.52 -2.29 -9.89
CA GLY A 74 9.54 -3.32 -10.16
C GLY A 74 10.07 -4.29 -11.20
N ASN A 75 11.34 -4.70 -11.10
CA ASN A 75 11.96 -5.61 -12.06
C ASN A 75 13.12 -6.39 -11.43
N VAL A 76 12.80 -7.38 -10.62
CA VAL A 76 13.77 -8.26 -9.96
C VAL A 76 13.89 -9.50 -10.86
N VAL A 77 15.07 -10.12 -10.92
CA VAL A 77 15.32 -11.32 -11.72
C VAL A 77 15.94 -12.43 -10.87
N GLN A 78 15.40 -12.66 -9.67
CA GLN A 78 15.88 -13.73 -8.79
C GLN A 78 15.52 -15.02 -9.51
N GLY A 1 -8.69 13.34 19.04
CA GLY A 1 -7.64 12.87 19.95
C GLY A 1 -8.01 11.56 20.62
N ALA A 2 -7.10 11.05 21.44
CA ALA A 2 -7.24 9.81 22.20
C ALA A 2 -6.22 9.82 23.35
N GLU A 3 -6.53 9.10 24.43
CA GLU A 3 -5.67 8.99 25.62
C GLU A 3 -4.48 8.04 25.41
N GLN A 4 -4.54 7.21 24.37
CA GLN A 4 -3.55 6.21 23.97
C GLN A 4 -3.73 5.91 22.47
N LEU A 5 -3.16 4.82 21.98
CA LEU A 5 -3.26 4.36 20.58
C LEU A 5 -3.29 2.84 20.65
N GLN A 6 -4.17 2.19 19.88
CA GLN A 6 -4.29 0.74 19.84
C GLN A 6 -4.40 0.35 18.37
N ASN A 7 -3.26 0.25 17.68
CA ASN A 7 -3.20 -0.08 16.26
C ASN A 7 -2.54 -1.43 16.02
N SER A 8 -3.34 -2.49 16.10
CA SER A 8 -2.95 -3.87 15.88
C SER A 8 -3.80 -4.47 14.75
N ALA A 9 -5.00 -3.92 14.51
CA ALA A 9 -5.90 -4.35 13.46
C ALA A 9 -5.24 -4.04 12.10
N ASN A 10 -5.70 -4.68 11.02
CA ASN A 10 -5.16 -4.53 9.67
C ASN A 10 -6.26 -4.73 8.63
N ASP A 11 -6.58 -3.67 7.91
CA ASP A 11 -7.60 -3.60 6.85
C ASP A 11 -7.04 -4.18 5.53
N ASP A 12 -7.90 -4.21 4.50
CA ASP A 12 -7.58 -4.69 3.15
C ASP A 12 -8.11 -3.73 2.07
N ASN A 13 -8.76 -2.63 2.47
CA ASN A 13 -9.34 -1.61 1.60
C ASN A 13 -9.03 -0.20 2.14
N ILE A 14 -7.98 -0.07 2.94
CA ILE A 14 -7.53 1.18 3.53
C ILE A 14 -6.01 1.08 3.57
N CYS A 15 -5.34 2.05 3.00
CA CYS A 15 -3.89 2.14 2.95
C CYS A 15 -3.42 2.46 4.37
N ILE A 16 -2.64 1.58 4.99
CA ILE A 16 -2.13 1.77 6.35
C ILE A 16 -1.09 2.90 6.44
N ILE A 17 -0.47 3.28 5.32
CA ILE A 17 0.55 4.33 5.28
C ILE A 17 -0.02 5.66 5.80
N CYS A 18 -1.19 6.03 5.31
CA CYS A 18 -1.89 7.27 5.63
C CYS A 18 -3.24 7.04 6.32
N MET A 19 -3.63 5.78 6.52
CA MET A 19 -4.89 5.36 7.13
C MET A 19 -6.03 6.15 6.48
N ASP A 20 -6.18 5.95 5.18
CA ASP A 20 -7.18 6.58 4.33
C ASP A 20 -7.78 5.54 3.38
N GLU A 21 -9.00 5.82 2.92
CA GLU A 21 -9.78 4.99 2.03
C GLU A 21 -8.98 4.61 0.79
N LEU A 22 -9.06 3.33 0.45
CA LEU A 22 -8.35 2.78 -0.68
C LEU A 22 -9.15 1.62 -1.25
N ILE A 23 -9.83 1.86 -2.36
CA ILE A 23 -10.65 0.87 -3.06
C ILE A 23 -11.17 1.53 -4.34
N HIS A 24 -11.66 0.77 -5.32
CA HIS A 24 -12.16 1.33 -6.54
C HIS A 24 -13.26 0.45 -7.12
N SER A 25 -14.36 1.08 -7.54
CA SER A 25 -15.46 0.35 -8.16
C SER A 25 -14.93 -0.30 -9.45
N PRO A 26 -15.60 -1.34 -9.95
CA PRO A 26 -15.18 -2.02 -11.18
C PRO A 26 -15.64 -1.28 -12.44
N ASN A 27 -16.40 -0.18 -12.29
CA ASN A 27 -16.96 0.62 -13.36
C ASN A 27 -16.75 2.14 -13.21
N GLN A 28 -16.06 2.62 -12.16
CA GLN A 28 -15.81 4.03 -11.90
C GLN A 28 -14.33 4.30 -11.62
N GLN A 29 -13.98 5.55 -11.31
CA GLN A 29 -12.63 6.01 -11.04
C GLN A 29 -12.63 6.88 -9.77
N THR A 30 -12.69 6.25 -8.60
CA THR A 30 -12.71 6.91 -7.29
C THR A 30 -11.56 7.90 -7.09
N TRP A 31 -10.38 7.60 -7.66
CA TRP A 31 -9.19 8.42 -7.58
C TRP A 31 -8.78 8.80 -9.00
N LYS A 32 -9.24 9.95 -9.51
CA LYS A 32 -8.89 10.40 -10.86
C LYS A 32 -7.38 10.53 -10.99
N ASN A 33 -6.68 10.87 -9.89
CA ASN A 33 -5.24 11.03 -9.84
C ASN A 33 -4.60 9.65 -9.82
N LYS A 34 -3.96 9.21 -10.92
CA LYS A 34 -3.31 7.89 -10.99
C LYS A 34 -2.18 7.80 -9.95
N ASN A 35 -1.76 8.93 -9.39
CA ASN A 35 -0.73 9.09 -8.39
C ASN A 35 -1.00 8.19 -7.17
N LYS A 36 -2.28 7.87 -6.85
CA LYS A 36 -2.70 7.02 -5.73
C LYS A 36 -3.53 5.82 -6.21
N LYS A 37 -3.34 5.37 -7.45
CA LYS A 37 -4.11 4.24 -7.97
C LYS A 37 -3.75 2.96 -7.19
N PRO A 38 -4.72 2.06 -7.00
CA PRO A 38 -4.53 0.81 -6.28
C PRO A 38 -3.67 -0.17 -7.08
N LYS A 39 -2.36 -0.15 -6.81
CA LYS A 39 -1.39 -1.04 -7.42
C LYS A 39 -1.34 -2.30 -6.55
N ARG A 40 -2.02 -3.37 -6.95
CA ARG A 40 -2.05 -4.62 -6.18
C ARG A 40 -0.64 -5.22 -6.14
N LEU A 41 -0.18 -5.65 -4.96
CA LEU A 41 1.13 -6.25 -4.73
C LEU A 41 1.16 -7.71 -5.17
N PRO A 42 2.35 -8.28 -5.42
CA PRO A 42 2.45 -9.68 -5.84
C PRO A 42 2.03 -10.66 -4.76
N CYS A 43 2.11 -10.26 -3.48
CA CYS A 43 1.73 -11.13 -2.37
C CYS A 43 0.20 -11.21 -2.26
N GLY A 44 -0.48 -10.12 -2.58
CA GLY A 44 -1.91 -9.96 -2.54
C GLY A 44 -2.20 -9.02 -1.38
N HIS A 45 -2.09 -7.74 -1.69
CA HIS A 45 -2.33 -6.59 -0.82
C HIS A 45 -2.63 -5.46 -1.79
N ILE A 46 -3.22 -4.40 -1.27
CA ILE A 46 -3.59 -3.23 -2.02
C ILE A 46 -3.19 -2.02 -1.19
N LEU A 47 -2.41 -1.13 -1.80
CA LEU A 47 -1.92 0.13 -1.25
C LEU A 47 -1.96 1.22 -2.34
N HIS A 48 -1.93 2.50 -1.95
CA HIS A 48 -1.92 3.64 -2.88
C HIS A 48 -0.56 3.65 -3.58
N LEU A 49 -0.51 4.10 -4.84
CA LEU A 49 0.73 4.13 -5.60
C LEU A 49 1.80 5.07 -4.98
N SER A 50 1.45 6.30 -4.60
CA SER A 50 2.42 7.23 -4.03
C SER A 50 2.83 6.81 -2.61
N CYS A 51 1.91 6.24 -1.83
CA CYS A 51 2.20 5.79 -0.48
C CYS A 51 3.19 4.63 -0.53
N LEU A 52 2.97 3.70 -1.45
CA LEU A 52 3.83 2.54 -1.65
C LEU A 52 5.23 3.01 -1.97
N LYS A 53 5.35 4.04 -2.81
CA LYS A 53 6.63 4.61 -3.19
C LYS A 53 7.32 5.22 -1.97
N ASN A 54 6.60 6.05 -1.22
CA ASN A 54 7.10 6.75 -0.05
C ASN A 54 7.66 5.76 0.98
N TRP A 55 6.89 4.71 1.26
CA TRP A 55 7.24 3.67 2.19
C TRP A 55 8.44 2.87 1.67
N MET A 56 8.39 2.43 0.42
CA MET A 56 9.45 1.63 -0.19
C MET A 56 10.79 2.36 -0.14
N GLU A 57 10.84 3.69 -0.19
CA GLU A 57 12.12 4.42 -0.14
C GLU A 57 12.88 4.13 1.15
N ARG A 58 12.18 3.79 2.24
CA ARG A 58 12.77 3.47 3.55
C ARG A 58 12.81 1.96 3.78
N SER A 59 11.79 1.22 3.32
CA SER A 59 11.69 -0.21 3.51
C SER A 59 10.98 -0.85 2.32
N GLN A 60 11.70 -1.37 1.31
CA GLN A 60 11.02 -2.02 0.19
C GLN A 60 10.58 -3.38 0.75
N THR A 61 9.40 -3.44 1.33
CA THR A 61 8.78 -4.61 1.94
C THR A 61 7.28 -4.27 2.13
N CYS A 62 6.43 -5.24 2.47
CA CYS A 62 5.01 -5.05 2.73
C CYS A 62 4.92 -4.66 4.22
N PRO A 63 4.40 -3.49 4.58
CA PRO A 63 4.31 -3.08 5.99
C PRO A 63 3.35 -3.95 6.81
N ILE A 64 2.44 -4.66 6.15
CA ILE A 64 1.44 -5.52 6.77
C ILE A 64 2.04 -6.90 7.07
N CYS A 65 2.40 -7.71 6.06
CA CYS A 65 2.93 -9.06 6.25
C CYS A 65 4.46 -9.15 6.33
N ARG A 66 5.16 -8.04 6.13
CA ARG A 66 6.61 -7.93 6.20
C ARG A 66 7.35 -8.71 5.10
N LEU A 67 6.66 -9.11 4.03
CA LEU A 67 7.28 -9.85 2.92
C LEU A 67 8.23 -8.96 2.10
N PRO A 68 9.30 -9.51 1.52
CA PRO A 68 10.28 -8.79 0.71
C PRO A 68 9.75 -8.66 -0.73
N VAL A 69 9.09 -7.53 -0.99
CA VAL A 69 8.52 -7.15 -2.28
C VAL A 69 9.63 -6.92 -3.30
N PHE A 70 9.25 -6.56 -4.51
CA PHE A 70 10.17 -6.28 -5.58
C PHE A 70 10.80 -4.91 -5.31
N ASP A 71 12.03 -4.77 -5.77
CA ASP A 71 12.87 -3.57 -5.63
C ASP A 71 12.25 -2.37 -6.30
N GLU A 72 12.78 -1.18 -6.03
CA GLU A 72 12.30 0.07 -6.61
C GLU A 72 12.31 -0.03 -8.15
N LYS A 73 13.36 -0.65 -8.72
CA LYS A 73 13.52 -0.85 -10.17
C LYS A 73 12.52 -1.89 -10.69
N GLY A 74 11.79 -2.60 -9.85
CA GLY A 74 10.79 -3.58 -10.23
C GLY A 74 11.28 -5.02 -10.36
N ASN A 75 12.54 -5.35 -10.04
CA ASN A 75 13.05 -6.71 -10.14
C ASN A 75 14.09 -6.99 -9.04
N VAL A 76 13.98 -8.14 -8.39
CA VAL A 76 14.84 -8.58 -7.29
C VAL A 76 16.13 -9.20 -7.86
N VAL A 77 17.30 -8.80 -7.36
CA VAL A 77 18.59 -9.33 -7.79
C VAL A 77 19.67 -9.00 -6.76
N GLN A 78 20.24 -10.03 -6.13
CA GLN A 78 21.30 -9.88 -5.14
C GLN A 78 22.61 -9.86 -5.90
N GLY A 1 8.00 -1.74 31.71
CA GLY A 1 6.91 -2.54 32.28
C GLY A 1 6.98 -3.96 31.76
N ALA A 2 5.93 -4.75 32.02
CA ALA A 2 5.81 -6.14 31.59
C ALA A 2 4.49 -6.36 30.81
N GLU A 3 3.76 -5.27 30.53
CA GLU A 3 2.51 -5.29 29.81
C GLU A 3 2.59 -4.19 28.78
N GLN A 4 2.56 -4.57 27.52
CA GLN A 4 2.62 -3.67 26.38
C GLN A 4 1.65 -4.16 25.31
N LEU A 5 0.39 -4.35 25.72
CA LEU A 5 -0.69 -4.79 24.84
C LEU A 5 -0.77 -3.80 23.69
N GLN A 6 -0.72 -4.33 22.47
CA GLN A 6 -0.80 -3.57 21.24
C GLN A 6 -1.91 -4.19 20.42
N ASN A 7 -2.44 -3.44 19.45
CA ASN A 7 -3.52 -3.90 18.59
C ASN A 7 -3.24 -3.39 17.17
N SER A 8 -2.38 -4.10 16.45
CA SER A 8 -2.02 -3.75 15.08
C SER A 8 -3.24 -3.98 14.20
N ALA A 9 -3.89 -2.91 13.73
CA ALA A 9 -5.08 -3.00 12.88
C ALA A 9 -4.67 -3.46 11.47
N ASN A 10 -5.61 -3.99 10.69
CA ASN A 10 -5.35 -4.45 9.33
C ASN A 10 -6.65 -4.47 8.53
N ASP A 11 -6.69 -3.76 7.41
CA ASP A 11 -7.83 -3.67 6.51
C ASP A 11 -7.36 -4.03 5.11
N ASP A 12 -8.29 -4.26 4.18
CA ASP A 12 -7.99 -4.63 2.78
C ASP A 12 -8.46 -3.56 1.80
N ASN A 13 -9.23 -2.56 2.26
CA ASN A 13 -9.78 -1.48 1.44
C ASN A 13 -9.36 -0.10 1.99
N ILE A 14 -8.25 -0.06 2.74
CA ILE A 14 -7.70 1.15 3.36
C ILE A 14 -6.17 1.02 3.35
N CYS A 15 -5.48 2.07 2.89
CA CYS A 15 -4.04 2.12 2.82
C CYS A 15 -3.49 2.23 4.25
N ILE A 16 -2.67 1.29 4.67
CA ILE A 16 -2.07 1.27 6.00
C ILE A 16 -1.06 2.41 6.18
N ILE A 17 -0.52 2.98 5.10
CA ILE A 17 0.47 4.05 5.15
C ILE A 17 -0.12 5.32 5.75
N CYS A 18 -1.32 5.71 5.30
CA CYS A 18 -2.02 6.90 5.76
C CYS A 18 -3.38 6.64 6.41
N MET A 19 -3.79 5.37 6.52
CA MET A 19 -5.07 4.90 7.09
C MET A 19 -6.27 5.50 6.34
N ASP A 20 -6.04 6.00 5.12
CA ASP A 20 -7.06 6.62 4.27
C ASP A 20 -7.71 5.59 3.36
N GLU A 21 -8.92 5.91 2.90
CA GLU A 21 -9.71 5.05 2.02
C GLU A 21 -8.91 4.67 0.78
N LEU A 22 -8.97 3.40 0.42
CA LEU A 22 -8.27 2.86 -0.72
C LEU A 22 -9.07 1.73 -1.33
N ILE A 23 -9.75 1.98 -2.43
CA ILE A 23 -10.56 1.00 -3.14
C ILE A 23 -11.07 1.60 -4.45
N HIS A 24 -11.44 0.79 -5.44
CA HIS A 24 -11.96 1.29 -6.70
C HIS A 24 -13.01 0.35 -7.26
N SER A 25 -13.68 0.82 -8.30
CA SER A 25 -14.71 0.11 -9.02
C SER A 25 -14.24 -0.04 -10.46
N PRO A 26 -14.70 -1.07 -11.18
CA PRO A 26 -14.34 -1.27 -12.57
C PRO A 26 -14.90 -0.14 -13.45
N ASN A 27 -15.85 0.65 -12.95
CA ASN A 27 -16.48 1.74 -13.69
C ASN A 27 -16.52 3.03 -12.86
N GLN A 28 -17.18 3.03 -11.70
CA GLN A 28 -17.35 4.20 -10.82
C GLN A 28 -16.00 4.91 -10.56
N GLN A 29 -15.99 6.21 -10.85
CA GLN A 29 -14.88 7.14 -10.71
C GLN A 29 -14.58 7.44 -9.22
N THR A 30 -14.02 6.49 -8.47
CA THR A 30 -13.69 6.66 -7.05
C THR A 30 -12.73 7.85 -6.92
N TRP A 31 -11.50 7.68 -7.39
CA TRP A 31 -10.45 8.68 -7.37
C TRP A 31 -10.23 9.07 -8.83
N LYS A 32 -9.62 10.22 -9.05
CA LYS A 32 -9.32 10.71 -10.40
C LYS A 32 -7.81 10.77 -10.55
N ASN A 33 -7.09 11.33 -9.58
CA ASN A 33 -5.65 11.45 -9.61
C ASN A 33 -4.98 10.09 -9.51
N LYS A 34 -4.33 9.68 -10.61
CA LYS A 34 -3.64 8.40 -10.73
C LYS A 34 -2.47 8.24 -9.75
N ASN A 35 -2.01 9.31 -9.09
CA ASN A 35 -0.89 9.26 -8.14
C ASN A 35 -1.13 8.23 -7.03
N LYS A 36 -2.38 8.07 -6.58
CA LYS A 36 -2.81 7.14 -5.52
C LYS A 36 -3.55 5.92 -6.09
N LYS A 37 -3.22 5.49 -7.31
CA LYS A 37 -3.90 4.33 -7.90
C LYS A 37 -3.65 3.09 -7.04
N PRO A 38 -4.67 2.20 -6.88
CA PRO A 38 -4.50 0.97 -6.12
C PRO A 38 -3.58 0.03 -6.92
N LYS A 39 -2.29 0.05 -6.56
CA LYS A 39 -1.23 -0.76 -7.12
C LYS A 39 -1.16 -2.01 -6.22
N ARG A 40 -1.74 -3.13 -6.65
CA ARG A 40 -1.74 -4.38 -5.88
C ARG A 40 -0.32 -4.92 -5.74
N LEU A 41 0.00 -5.52 -4.60
CA LEU A 41 1.31 -6.12 -4.32
C LEU A 41 1.28 -7.57 -4.83
N PRO A 42 2.45 -8.15 -5.13
CA PRO A 42 2.52 -9.52 -5.61
C PRO A 42 2.10 -10.54 -4.54
N CYS A 43 2.26 -10.21 -3.26
CA CYS A 43 1.88 -11.12 -2.19
C CYS A 43 0.36 -11.26 -2.15
N GLY A 44 -0.31 -10.14 -2.38
CA GLY A 44 -1.74 -9.97 -2.36
C GLY A 44 -2.03 -9.08 -1.17
N HIS A 45 -1.90 -7.78 -1.44
CA HIS A 45 -2.12 -6.64 -0.57
C HIS A 45 -2.41 -5.48 -1.51
N ILE A 46 -2.89 -4.37 -0.97
CA ILE A 46 -3.26 -3.19 -1.72
C ILE A 46 -2.87 -1.94 -0.92
N LEU A 47 -2.08 -1.04 -1.52
CA LEU A 47 -1.62 0.23 -0.96
C LEU A 47 -1.60 1.28 -2.07
N HIS A 48 -1.87 2.56 -1.75
CA HIS A 48 -1.85 3.65 -2.74
C HIS A 48 -0.50 3.64 -3.43
N LEU A 49 -0.46 3.91 -4.74
CA LEU A 49 0.79 3.92 -5.51
C LEU A 49 1.80 4.87 -4.86
N SER A 50 1.43 6.13 -4.65
CA SER A 50 2.27 7.16 -4.05
C SER A 50 2.77 6.77 -2.66
N CYS A 51 1.86 6.34 -1.78
CA CYS A 51 2.19 5.95 -0.42
C CYS A 51 3.16 4.78 -0.41
N LEU A 52 2.86 3.75 -1.20
CA LEU A 52 3.68 2.56 -1.32
C LEU A 52 5.07 2.96 -1.84
N LYS A 53 5.18 3.87 -2.81
CA LYS A 53 6.47 4.30 -3.35
C LYS A 53 7.27 4.99 -2.24
N ASN A 54 6.63 5.89 -1.48
CA ASN A 54 7.27 6.63 -0.39
C ASN A 54 7.82 5.66 0.66
N TRP A 55 7.02 4.64 0.99
CA TRP A 55 7.40 3.62 1.94
C TRP A 55 8.58 2.82 1.40
N MET A 56 8.48 2.34 0.16
CA MET A 56 9.52 1.54 -0.48
C MET A 56 10.85 2.28 -0.59
N GLU A 57 10.87 3.62 -0.66
CA GLU A 57 12.11 4.39 -0.74
C GLU A 57 12.99 4.07 0.48
N ARG A 58 12.35 3.81 1.63
CA ARG A 58 13.00 3.51 2.91
C ARG A 58 12.99 2.03 3.27
N SER A 59 11.96 1.27 2.90
CA SER A 59 11.85 -0.14 3.23
C SER A 59 11.09 -0.88 2.14
N GLN A 60 11.79 -1.60 1.24
CA GLN A 60 11.07 -2.33 0.21
C GLN A 60 10.57 -3.62 0.85
N THR A 61 9.36 -3.55 1.42
CA THR A 61 8.69 -4.66 2.08
C THR A 61 7.21 -4.29 2.22
N CYS A 62 6.36 -5.26 2.57
CA CYS A 62 4.94 -5.05 2.79
C CYS A 62 4.81 -4.61 4.26
N PRO A 63 4.25 -3.45 4.58
CA PRO A 63 4.11 -2.97 5.96
C PRO A 63 3.05 -3.73 6.79
N ILE A 64 2.54 -4.87 6.30
CA ILE A 64 1.53 -5.68 6.99
C ILE A 64 2.12 -7.05 7.33
N CYS A 65 2.41 -7.88 6.33
CA CYS A 65 2.94 -9.22 6.53
C CYS A 65 4.47 -9.23 6.65
N ARG A 66 5.10 -8.11 6.32
CA ARG A 66 6.54 -7.88 6.36
C ARG A 66 7.29 -8.66 5.28
N LEU A 67 6.58 -9.20 4.27
CA LEU A 67 7.18 -9.94 3.15
C LEU A 67 8.00 -8.99 2.28
N PRO A 68 9.05 -9.49 1.60
CA PRO A 68 9.87 -8.68 0.72
C PRO A 68 9.06 -8.38 -0.54
N VAL A 69 9.25 -7.19 -1.11
CA VAL A 69 8.56 -6.77 -2.33
C VAL A 69 9.57 -6.58 -3.45
N PHE A 70 9.09 -6.04 -4.57
CA PHE A 70 9.87 -5.77 -5.74
C PHE A 70 10.52 -4.40 -5.59
N ASP A 71 11.67 -4.29 -6.21
CA ASP A 71 12.48 -3.08 -6.22
C ASP A 71 11.74 -1.96 -6.95
N GLU A 72 12.25 -0.75 -6.80
CA GLU A 72 11.72 0.45 -7.41
C GLU A 72 11.81 0.31 -8.93
N LYS A 73 12.88 -0.29 -9.45
CA LYS A 73 13.04 -0.50 -10.90
C LYS A 73 12.14 -1.66 -11.37
N GLY A 74 11.51 -2.39 -10.44
CA GLY A 74 10.61 -3.50 -10.71
C GLY A 74 11.34 -4.78 -11.07
N ASN A 75 12.47 -5.08 -10.43
CA ASN A 75 13.26 -6.30 -10.67
C ASN A 75 13.97 -6.75 -9.38
N VAL A 76 13.56 -7.92 -8.84
CA VAL A 76 14.13 -8.54 -7.64
C VAL A 76 14.41 -10.01 -7.98
N VAL A 77 15.53 -10.57 -7.54
CA VAL A 77 15.90 -11.98 -7.74
C VAL A 77 17.05 -12.30 -6.79
N GLN A 78 16.93 -13.41 -6.06
CA GLN A 78 17.97 -13.88 -5.14
C GLN A 78 19.11 -14.34 -6.03
N GLY A 1 -6.70 8.45 30.79
CA GLY A 1 -7.38 7.25 31.30
C GLY A 1 -6.80 6.05 30.58
N ALA A 2 -7.59 5.31 29.80
CA ALA A 2 -7.09 4.18 29.04
C ALA A 2 -6.41 4.84 27.84
N GLU A 3 -5.14 5.19 27.99
CA GLU A 3 -4.37 5.86 26.95
C GLU A 3 -4.00 4.94 25.80
N GLN A 4 -3.98 3.63 26.05
CA GLN A 4 -3.67 2.65 25.03
C GLN A 4 -4.84 2.55 24.04
N LEU A 5 -4.59 1.88 22.90
CA LEU A 5 -5.57 1.69 21.84
C LEU A 5 -5.54 0.24 21.36
N GLN A 6 -6.54 -0.15 20.56
CA GLN A 6 -6.68 -1.50 20.02
C GLN A 6 -7.22 -1.44 18.58
N ASN A 7 -6.39 -1.03 17.63
CA ASN A 7 -6.72 -0.92 16.21
C ASN A 7 -5.69 -1.77 15.46
N SER A 8 -6.10 -2.99 15.11
CA SER A 8 -5.27 -3.97 14.41
C SER A 8 -4.64 -3.48 13.09
N ALA A 9 -5.25 -2.49 12.42
CA ALA A 9 -4.80 -1.93 11.14
C ALA A 9 -4.43 -3.03 10.15
N ASN A 10 -5.38 -3.94 9.94
CA ASN A 10 -5.29 -5.11 9.07
C ASN A 10 -6.51 -5.12 8.14
N ASP A 11 -6.92 -3.93 7.68
CA ASP A 11 -8.04 -3.74 6.77
C ASP A 11 -7.64 -4.28 5.39
N ASP A 12 -8.51 -4.17 4.40
CA ASP A 12 -8.21 -4.65 3.05
C ASP A 12 -8.79 -3.75 1.96
N ASN A 13 -9.17 -2.52 2.34
CA ASN A 13 -9.73 -1.47 1.49
C ASN A 13 -9.30 -0.09 2.05
N ILE A 14 -8.22 -0.02 2.84
CA ILE A 14 -7.71 1.23 3.43
C ILE A 14 -6.18 1.15 3.36
N CYS A 15 -5.55 2.20 2.85
CA CYS A 15 -4.09 2.26 2.73
C CYS A 15 -3.52 2.39 4.14
N ILE A 16 -2.82 1.36 4.59
CA ILE A 16 -2.21 1.31 5.92
C ILE A 16 -1.10 2.37 6.09
N ILE A 17 -0.56 2.92 5.00
CA ILE A 17 0.50 3.92 5.08
C ILE A 17 0.00 5.16 5.82
N CYS A 18 -1.18 5.64 5.44
CA CYS A 18 -1.85 6.83 5.97
C CYS A 18 -3.22 6.60 6.61
N MET A 19 -3.70 5.36 6.66
CA MET A 19 -4.99 4.94 7.22
C MET A 19 -6.15 5.73 6.59
N ASP A 20 -6.08 5.95 5.28
CA ASP A 20 -7.07 6.67 4.46
C ASP A 20 -7.76 5.68 3.52
N GLU A 21 -8.99 6.01 3.14
CA GLU A 21 -9.83 5.20 2.26
C GLU A 21 -9.08 4.86 0.98
N LEU A 22 -9.11 3.57 0.59
CA LEU A 22 -8.43 3.06 -0.58
C LEU A 22 -9.28 1.95 -1.22
N ILE A 23 -10.00 2.25 -2.30
CA ILE A 23 -10.83 1.27 -3.00
C ILE A 23 -11.45 1.84 -4.28
N HIS A 24 -11.67 1.02 -5.29
CA HIS A 24 -12.28 1.41 -6.55
C HIS A 24 -13.24 0.31 -6.98
N SER A 25 -14.17 0.67 -7.85
CA SER A 25 -15.17 -0.20 -8.43
C SER A 25 -14.94 -0.16 -9.95
N PRO A 26 -15.43 -1.14 -10.72
CA PRO A 26 -15.24 -1.17 -12.16
C PRO A 26 -15.87 0.04 -12.82
N ASN A 27 -15.11 0.66 -13.73
CA ASN A 27 -15.47 1.85 -14.50
C ASN A 27 -15.98 3.01 -13.62
N GLN A 28 -15.57 3.09 -12.34
CA GLN A 28 -15.99 4.13 -11.40
C GLN A 28 -15.02 5.34 -11.39
N GLN A 29 -15.44 6.45 -10.79
CA GLN A 29 -14.70 7.70 -10.67
C GLN A 29 -14.28 7.99 -9.22
N THR A 30 -14.01 6.96 -8.40
CA THR A 30 -13.64 7.04 -7.00
C THR A 30 -12.63 8.15 -6.67
N TRP A 31 -11.40 8.06 -7.18
CA TRP A 31 -10.33 9.03 -6.92
C TRP A 31 -9.93 9.80 -8.17
N LYS A 32 -10.11 9.19 -9.34
CA LYS A 32 -9.81 9.74 -10.67
C LYS A 32 -8.45 10.45 -10.78
N ASN A 33 -7.43 9.95 -10.08
CA ASN A 33 -6.06 10.47 -10.05
C ASN A 33 -5.13 9.25 -9.99
N LYS A 34 -4.25 9.08 -10.98
CA LYS A 34 -3.32 7.96 -11.06
C LYS A 34 -2.25 7.98 -9.95
N ASN A 35 -2.03 9.10 -9.25
CA ASN A 35 -1.02 9.14 -8.18
C ASN A 35 -1.32 8.09 -7.11
N LYS A 36 -2.56 8.05 -6.62
CA LYS A 36 -2.99 7.10 -5.59
C LYS A 36 -3.62 5.85 -6.22
N LYS A 37 -3.17 5.45 -7.42
CA LYS A 37 -3.75 4.28 -8.07
C LYS A 37 -3.51 3.06 -7.18
N PRO A 38 -4.49 2.17 -7.01
CA PRO A 38 -4.39 0.97 -6.20
C PRO A 38 -3.42 -0.03 -6.85
N LYS A 39 -2.16 0.04 -6.45
CA LYS A 39 -1.09 -0.82 -6.94
C LYS A 39 -1.09 -2.09 -6.08
N ARG A 40 -1.49 -3.22 -6.64
CA ARG A 40 -1.52 -4.49 -5.90
C ARG A 40 -0.10 -5.05 -5.82
N LEU A 41 0.23 -5.68 -4.71
CA LEU A 41 1.52 -6.31 -4.42
C LEU A 41 1.51 -7.77 -4.84
N PRO A 42 2.68 -8.37 -5.10
CA PRO A 42 2.79 -9.76 -5.53
C PRO A 42 2.34 -10.76 -4.46
N CYS A 43 2.37 -10.38 -3.17
CA CYS A 43 1.97 -11.23 -2.07
C CYS A 43 0.44 -11.32 -1.99
N GLY A 44 -0.23 -10.21 -2.33
CA GLY A 44 -1.65 -10.02 -2.32
C GLY A 44 -1.98 -9.01 -1.23
N HIS A 45 -1.89 -7.73 -1.60
CA HIS A 45 -2.17 -6.56 -0.80
C HIS A 45 -2.34 -5.42 -1.76
N ILE A 46 -2.95 -4.33 -1.30
CA ILE A 46 -3.19 -3.14 -2.10
C ILE A 46 -2.95 -1.93 -1.21
N LEU A 47 -2.16 -1.00 -1.72
CA LEU A 47 -1.80 0.27 -1.10
C LEU A 47 -1.79 1.34 -2.20
N HIS A 48 -1.89 2.61 -1.83
CA HIS A 48 -1.86 3.70 -2.80
C HIS A 48 -0.48 3.68 -3.45
N LEU A 49 -0.41 3.89 -4.76
CA LEU A 49 0.85 3.89 -5.51
C LEU A 49 1.83 4.91 -4.89
N SER A 50 1.37 6.14 -4.68
CA SER A 50 2.14 7.24 -4.11
C SER A 50 2.69 6.88 -2.73
N CYS A 51 1.82 6.42 -1.82
CA CYS A 51 2.18 6.05 -0.47
C CYS A 51 3.13 4.85 -0.44
N LEU A 52 2.85 3.83 -1.24
CA LEU A 52 3.66 2.62 -1.35
C LEU A 52 5.06 2.98 -1.83
N LYS A 53 5.20 3.88 -2.81
CA LYS A 53 6.51 4.30 -3.31
C LYS A 53 7.29 4.91 -2.17
N ASN A 54 6.63 5.81 -1.44
CA ASN A 54 7.22 6.52 -0.30
C ASN A 54 7.77 5.55 0.73
N TRP A 55 7.00 4.53 1.08
CA TRP A 55 7.42 3.53 2.05
C TRP A 55 8.58 2.69 1.49
N MET A 56 8.48 2.25 0.22
CA MET A 56 9.50 1.45 -0.44
C MET A 56 10.84 2.16 -0.53
N GLU A 57 10.88 3.51 -0.54
CA GLU A 57 12.13 4.28 -0.60
C GLU A 57 12.96 4.05 0.67
N ARG A 58 12.30 3.70 1.78
CA ARG A 58 12.94 3.44 3.05
C ARG A 58 13.06 1.94 3.31
N SER A 59 12.00 1.17 3.03
CA SER A 59 11.96 -0.26 3.23
C SER A 59 11.09 -0.93 2.17
N GLN A 60 11.70 -1.53 1.14
CA GLN A 60 10.96 -2.22 0.10
C GLN A 60 10.47 -3.55 0.71
N THR A 61 9.25 -3.50 1.26
CA THR A 61 8.57 -4.59 1.92
C THR A 61 7.08 -4.24 2.00
N CYS A 62 6.25 -5.23 2.33
CA CYS A 62 4.82 -5.06 2.52
C CYS A 62 4.70 -4.65 3.98
N PRO A 63 4.21 -3.47 4.33
CA PRO A 63 4.10 -3.06 5.74
C PRO A 63 3.11 -3.91 6.54
N ILE A 64 2.23 -4.65 5.88
CA ILE A 64 1.21 -5.49 6.48
C ILE A 64 1.81 -6.83 6.94
N CYS A 65 2.26 -7.68 6.00
CA CYS A 65 2.82 -9.01 6.31
C CYS A 65 4.33 -9.02 6.49
N ARG A 66 5.01 -7.91 6.17
CA ARG A 66 6.46 -7.70 6.31
C ARG A 66 7.31 -8.43 5.27
N LEU A 67 6.68 -9.11 4.31
CA LEU A 67 7.37 -9.84 3.26
C LEU A 67 8.19 -8.87 2.37
N PRO A 68 9.30 -9.33 1.78
CA PRO A 68 10.10 -8.50 0.90
C PRO A 68 9.34 -8.35 -0.42
N VAL A 69 9.47 -7.20 -1.06
CA VAL A 69 8.82 -6.90 -2.33
C VAL A 69 9.89 -6.78 -3.43
N PHE A 70 9.50 -6.26 -4.59
CA PHE A 70 10.38 -6.06 -5.73
C PHE A 70 11.26 -4.84 -5.45
N ASP A 71 12.36 -4.71 -6.18
CA ASP A 71 13.26 -3.56 -5.98
C ASP A 71 12.55 -2.25 -6.33
N GLU A 72 13.12 -1.13 -5.91
CA GLU A 72 12.58 0.19 -6.19
C GLU A 72 12.52 0.41 -7.71
N LYS A 73 13.34 -0.28 -8.51
CA LYS A 73 13.35 -0.18 -9.97
C LYS A 73 12.28 -1.09 -10.59
N GLY A 74 11.57 -1.91 -9.80
CA GLY A 74 10.50 -2.78 -10.27
C GLY A 74 10.88 -4.22 -10.62
N ASN A 75 11.98 -4.78 -10.13
CA ASN A 75 12.35 -6.16 -10.43
C ASN A 75 13.14 -6.80 -9.29
N VAL A 76 13.08 -8.11 -9.13
CA VAL A 76 13.82 -8.83 -8.10
C VAL A 76 14.05 -10.26 -8.58
N VAL A 77 15.24 -10.81 -8.32
CA VAL A 77 15.66 -12.16 -8.70
C VAL A 77 16.23 -12.88 -7.47
N GLN A 78 15.40 -13.00 -6.43
CA GLN A 78 15.74 -13.67 -5.17
C GLN A 78 15.91 -15.16 -5.41
N GLY A 1 -7.52 -2.09 25.90
CA GLY A 1 -8.88 -1.69 26.28
C GLY A 1 -9.78 -2.91 26.34
N ALA A 2 -11.09 -2.70 26.20
CA ALA A 2 -12.08 -3.77 26.22
C ALA A 2 -12.28 -4.22 24.78
N GLU A 3 -11.26 -4.85 24.20
CA GLU A 3 -11.26 -5.35 22.83
C GLU A 3 -10.40 -6.61 22.75
N GLN A 4 -10.36 -7.23 21.57
CA GLN A 4 -9.58 -8.44 21.30
C GLN A 4 -8.95 -8.27 19.92
N LEU A 5 -8.13 -7.22 19.75
CA LEU A 5 -7.42 -6.94 18.51
C LEU A 5 -6.33 -8.01 18.46
N GLN A 6 -6.53 -9.04 17.64
CA GLN A 6 -5.60 -10.15 17.49
C GLN A 6 -5.56 -10.55 16.01
N ASN A 7 -5.12 -9.66 15.13
CA ASN A 7 -5.00 -9.87 13.69
C ASN A 7 -3.86 -8.98 13.20
N SER A 8 -2.91 -9.53 12.46
CA SER A 8 -1.77 -8.77 11.95
C SER A 8 -2.15 -7.68 10.94
N ALA A 9 -3.33 -7.77 10.32
CA ALA A 9 -3.83 -6.83 9.32
C ALA A 9 -5.15 -6.21 9.78
N ASN A 10 -5.57 -5.14 9.09
CA ASN A 10 -6.79 -4.41 9.41
C ASN A 10 -7.83 -4.55 8.31
N ASP A 11 -7.61 -3.85 7.20
CA ASP A 11 -8.49 -3.80 6.04
C ASP A 11 -7.68 -4.07 4.77
N ASP A 12 -8.39 -4.23 3.65
CA ASP A 12 -7.86 -4.46 2.28
C ASP A 12 -8.43 -3.38 1.34
N ASN A 13 -9.18 -2.44 1.91
CA ASN A 13 -9.85 -1.32 1.28
C ASN A 13 -9.35 0.03 1.87
N ILE A 14 -8.26 0.00 2.64
CA ILE A 14 -7.66 1.16 3.28
C ILE A 14 -6.14 1.00 3.29
N CYS A 15 -5.44 2.02 2.81
CA CYS A 15 -3.98 2.09 2.75
C CYS A 15 -3.46 2.26 4.18
N ILE A 16 -2.54 1.40 4.62
CA ILE A 16 -1.96 1.45 5.95
C ILE A 16 -0.96 2.61 6.11
N ILE A 17 -0.42 3.16 5.01
CA ILE A 17 0.55 4.24 5.06
C ILE A 17 -0.05 5.51 5.66
N CYS A 18 -1.25 5.86 5.22
CA CYS A 18 -1.98 7.04 5.63
C CYS A 18 -3.30 6.73 6.33
N MET A 19 -3.64 5.45 6.49
CA MET A 19 -4.88 4.96 7.10
C MET A 19 -6.04 5.74 6.48
N ASP A 20 -6.12 5.70 5.15
CA ASP A 20 -7.14 6.39 4.37
C ASP A 20 -7.74 5.47 3.32
N GLU A 21 -8.96 5.81 2.89
CA GLU A 21 -9.76 5.08 1.92
C GLU A 21 -8.95 4.75 0.68
N LEU A 22 -8.95 3.47 0.35
CA LEU A 22 -8.21 2.90 -0.77
C LEU A 22 -9.07 1.78 -1.38
N ILE A 23 -9.76 2.04 -2.48
CA ILE A 23 -10.60 1.02 -3.13
C ILE A 23 -11.08 1.54 -4.49
N HIS A 24 -11.56 0.66 -5.36
CA HIS A 24 -12.07 1.02 -6.67
C HIS A 24 -13.10 -0.02 -7.09
N SER A 25 -14.24 0.46 -7.59
CA SER A 25 -15.31 -0.39 -8.06
C SER A 25 -14.89 -1.04 -9.40
N PRO A 26 -15.58 -2.09 -9.85
CA PRO A 26 -15.24 -2.74 -11.11
C PRO A 26 -15.42 -1.81 -12.30
N ASN A 27 -16.43 -0.92 -12.29
CA ASN A 27 -16.68 0.00 -13.41
C ASN A 27 -16.91 1.45 -13.00
N GLN A 28 -17.04 1.78 -11.71
CA GLN A 28 -17.26 3.17 -11.27
C GLN A 28 -15.96 3.84 -10.82
N GLN A 29 -15.83 5.11 -11.19
CA GLN A 29 -14.70 5.98 -10.88
C GLN A 29 -14.57 6.13 -9.36
N THR A 30 -13.36 6.37 -8.87
CA THR A 30 -13.10 6.55 -7.45
C THR A 30 -12.10 7.69 -7.27
N TRP A 31 -10.80 7.40 -7.36
CA TRP A 31 -9.75 8.39 -7.19
C TRP A 31 -9.41 8.97 -8.55
N LYS A 32 -9.41 10.29 -8.64
CA LYS A 32 -9.13 11.02 -9.87
C LYS A 32 -7.64 10.94 -10.16
N ASN A 33 -6.80 11.57 -9.32
CA ASN A 33 -5.35 11.56 -9.51
C ASN A 33 -4.83 10.12 -9.47
N LYS A 34 -4.24 9.64 -10.56
CA LYS A 34 -3.67 8.30 -10.67
C LYS A 34 -2.55 8.08 -9.65
N ASN A 35 -2.03 9.16 -9.03
CA ASN A 35 -0.98 9.10 -8.02
C ASN A 35 -1.37 8.15 -6.89
N LYS A 36 -2.63 8.17 -6.44
CA LYS A 36 -3.12 7.31 -5.36
C LYS A 36 -3.84 6.06 -5.91
N LYS A 37 -3.46 5.59 -7.10
CA LYS A 37 -4.10 4.41 -7.69
C LYS A 37 -3.84 3.20 -6.77
N PRO A 38 -4.82 2.29 -6.62
CA PRO A 38 -4.69 1.09 -5.80
C PRO A 38 -3.72 0.11 -6.47
N LYS A 39 -2.43 0.20 -6.14
CA LYS A 39 -1.42 -0.68 -6.68
C LYS A 39 -1.38 -1.96 -5.85
N ARG A 40 -1.79 -3.08 -6.43
CA ARG A 40 -1.78 -4.38 -5.77
C ARG A 40 -0.34 -4.91 -5.74
N LEU A 41 0.02 -5.61 -4.69
CA LEU A 41 1.32 -6.23 -4.44
C LEU A 41 1.29 -7.71 -4.81
N PRO A 42 2.45 -8.33 -5.05
CA PRO A 42 2.55 -9.74 -5.43
C PRO A 42 2.21 -10.70 -4.29
N CYS A 43 2.32 -10.24 -3.05
CA CYS A 43 2.00 -11.04 -1.88
C CYS A 43 0.47 -11.23 -1.80
N GLY A 44 -0.24 -10.15 -2.14
CA GLY A 44 -1.67 -10.02 -2.12
C GLY A 44 -2.00 -9.04 -0.99
N HIS A 45 -1.90 -7.76 -1.33
CA HIS A 45 -2.14 -6.56 -0.55
C HIS A 45 -2.33 -5.45 -1.55
N ILE A 46 -2.81 -4.29 -1.10
CA ILE A 46 -3.03 -3.13 -1.92
C ILE A 46 -2.73 -1.91 -1.07
N LEU A 47 -2.00 -0.96 -1.64
CA LEU A 47 -1.62 0.30 -1.00
C LEU A 47 -1.69 1.39 -2.08
N HIS A 48 -1.86 2.65 -1.69
CA HIS A 48 -1.91 3.76 -2.64
C HIS A 48 -0.55 3.77 -3.33
N LEU A 49 -0.51 3.95 -4.65
CA LEU A 49 0.74 3.96 -5.42
C LEU A 49 1.77 4.96 -4.88
N SER A 50 1.36 6.19 -4.61
CA SER A 50 2.21 7.26 -4.09
C SER A 50 2.84 6.93 -2.74
N CYS A 51 2.00 6.40 -1.86
CA CYS A 51 2.29 6.03 -0.49
C CYS A 51 3.21 4.81 -0.45
N LEU A 52 2.88 3.82 -1.26
CA LEU A 52 3.63 2.59 -1.42
C LEU A 52 5.06 2.94 -1.80
N LYS A 53 5.25 3.90 -2.70
CA LYS A 53 6.57 4.34 -3.13
C LYS A 53 7.30 5.02 -1.99
N ASN A 54 6.64 5.92 -1.26
CA ASN A 54 7.27 6.63 -0.14
C ASN A 54 7.84 5.62 0.85
N TRP A 55 7.04 4.61 1.16
CA TRP A 55 7.39 3.55 2.07
C TRP A 55 8.53 2.72 1.49
N MET A 56 8.40 2.26 0.24
CA MET A 56 9.40 1.44 -0.42
C MET A 56 10.76 2.13 -0.53
N GLU A 57 10.80 3.46 -0.62
CA GLU A 57 12.05 4.21 -0.72
C GLU A 57 12.93 3.97 0.52
N ARG A 58 12.33 3.66 1.66
CA ARG A 58 13.02 3.42 2.92
C ARG A 58 12.99 1.95 3.34
N SER A 59 11.89 1.26 3.04
CA SER A 59 11.67 -0.13 3.39
C SER A 59 10.89 -0.84 2.30
N GLN A 60 11.55 -1.31 1.23
CA GLN A 60 10.81 -1.99 0.17
C GLN A 60 10.43 -3.41 0.63
N THR A 61 9.27 -3.49 1.24
CA THR A 61 8.58 -4.64 1.81
C THR A 61 7.12 -4.23 2.01
N CYS A 62 6.25 -5.16 2.40
CA CYS A 62 4.86 -4.90 2.68
C CYS A 62 4.79 -4.54 4.17
N PRO A 63 4.27 -3.37 4.55
CA PRO A 63 4.19 -2.95 5.93
C PRO A 63 3.19 -3.75 6.77
N ILE A 64 2.56 -4.80 6.23
CA ILE A 64 1.58 -5.64 6.91
C ILE A 64 2.22 -7.01 7.22
N CYS A 65 2.54 -7.79 6.19
CA CYS A 65 3.12 -9.13 6.30
C CYS A 65 4.66 -9.12 6.40
N ARG A 66 5.28 -7.97 6.18
CA ARG A 66 6.73 -7.74 6.21
C ARG A 66 7.49 -8.53 5.15
N LEU A 67 6.78 -8.98 4.12
CA LEU A 67 7.36 -9.78 3.05
C LEU A 67 8.24 -8.97 2.10
N PRO A 68 9.26 -9.63 1.52
CA PRO A 68 10.20 -9.05 0.56
C PRO A 68 9.50 -8.79 -0.79
N VAL A 69 9.23 -7.52 -1.13
CA VAL A 69 8.59 -7.17 -2.40
C VAL A 69 9.68 -7.08 -3.47
N PHE A 70 9.32 -6.61 -4.66
CA PHE A 70 10.26 -6.46 -5.77
C PHE A 70 11.26 -5.38 -5.41
N ASP A 71 12.38 -5.35 -6.14
CA ASP A 71 13.40 -4.34 -5.91
C ASP A 71 12.80 -2.97 -6.16
N GLU A 72 13.39 -1.99 -5.52
CA GLU A 72 12.95 -0.59 -5.57
C GLU A 72 12.71 -0.07 -6.99
N LYS A 73 13.51 -0.47 -7.98
CA LYS A 73 13.37 -0.03 -9.37
C LYS A 73 12.14 -0.65 -10.03
N GLY A 74 11.63 -1.75 -9.48
CA GLY A 74 10.44 -2.46 -9.95
C GLY A 74 10.61 -3.87 -10.48
N ASN A 75 11.82 -4.43 -10.61
CA ASN A 75 12.03 -5.79 -11.12
C ASN A 75 13.12 -6.49 -10.30
N VAL A 76 12.87 -7.75 -9.91
CA VAL A 76 13.75 -8.58 -9.10
C VAL A 76 15.13 -8.84 -9.73
N VAL A 77 16.03 -9.42 -8.92
CA VAL A 77 17.40 -9.77 -9.25
C VAL A 77 17.57 -11.29 -9.06
N GLN A 78 16.85 -12.08 -9.86
CA GLN A 78 16.92 -13.54 -9.80
C GLN A 78 18.23 -14.03 -10.38
N GLY A 1 10.96 8.85 16.33
CA GLY A 1 11.75 7.64 16.11
C GLY A 1 11.29 6.99 14.83
N ALA A 2 10.68 5.81 14.95
CA ALA A 2 10.13 5.02 13.86
C ALA A 2 8.67 4.76 14.23
N GLU A 3 8.45 3.66 14.95
CA GLU A 3 7.19 3.15 15.44
C GLU A 3 7.46 2.81 16.91
N GLN A 4 6.73 3.39 17.85
CA GLN A 4 6.91 3.14 19.29
C GLN A 4 5.60 2.76 19.98
N LEU A 5 4.52 2.64 19.20
CA LEU A 5 3.17 2.27 19.62
C LEU A 5 2.89 0.82 19.20
N GLN A 6 1.71 0.31 19.54
CA GLN A 6 1.24 -1.04 19.23
C GLN A 6 -0.20 -0.90 18.70
N ASN A 7 -0.35 -0.28 17.52
CA ASN A 7 -1.63 -0.05 16.84
C ASN A 7 -2.30 -1.37 16.43
N SER A 8 -3.51 -1.28 15.88
CA SER A 8 -4.28 -2.42 15.42
C SER A 8 -5.08 -1.94 14.21
N ALA A 9 -4.44 -1.82 13.05
CA ALA A 9 -5.05 -1.37 11.81
C ALA A 9 -4.71 -2.35 10.70
N ASN A 10 -5.71 -3.09 10.24
CA ASN A 10 -5.54 -4.05 9.18
C ASN A 10 -6.86 -4.21 8.43
N ASP A 11 -6.91 -3.69 7.21
CA ASP A 11 -8.05 -3.75 6.32
C ASP A 11 -7.53 -4.00 4.91
N ASP A 12 -8.40 -4.15 3.93
CA ASP A 12 -8.07 -4.42 2.52
C ASP A 12 -8.71 -3.40 1.59
N ASN A 13 -9.28 -2.33 2.17
CA ASN A 13 -9.96 -1.21 1.51
C ASN A 13 -9.49 0.14 2.08
N ILE A 14 -8.42 0.14 2.89
CA ILE A 14 -7.85 1.34 3.50
C ILE A 14 -6.35 1.10 3.55
N CYS A 15 -5.59 2.06 3.02
CA CYS A 15 -4.14 2.05 2.95
C CYS A 15 -3.61 2.25 4.36
N ILE A 16 -2.78 1.33 4.84
CA ILE A 16 -2.16 1.38 6.16
C ILE A 16 -1.15 2.53 6.22
N ILE A 17 -0.54 2.89 5.09
CA ILE A 17 0.49 3.92 5.04
C ILE A 17 0.00 5.26 5.56
N CYS A 18 -1.07 5.78 4.97
CA CYS A 18 -1.64 7.05 5.33
C CYS A 18 -2.89 6.91 6.19
N MET A 19 -3.42 5.69 6.37
CA MET A 19 -4.62 5.40 7.12
C MET A 19 -5.71 6.25 6.48
N ASP A 20 -5.99 5.97 5.20
CA ASP A 20 -7.00 6.68 4.42
C ASP A 20 -7.69 5.73 3.45
N GLU A 21 -8.89 6.09 2.99
CA GLU A 21 -9.71 5.29 2.07
C GLU A 21 -8.89 4.83 0.87
N LEU A 22 -9.02 3.54 0.51
CA LEU A 22 -8.30 2.94 -0.60
C LEU A 22 -9.20 1.86 -1.21
N ILE A 23 -9.85 2.16 -2.33
CA ILE A 23 -10.72 1.22 -3.02
C ILE A 23 -11.22 1.87 -4.31
N HIS A 24 -11.68 1.11 -5.30
CA HIS A 24 -12.19 1.66 -6.53
C HIS A 24 -13.20 0.71 -7.15
N SER A 25 -13.76 1.09 -8.30
CA SER A 25 -14.72 0.30 -9.04
C SER A 25 -14.14 0.01 -10.44
N PRO A 26 -14.73 -0.93 -11.18
CA PRO A 26 -14.27 -1.26 -12.53
C PRO A 26 -14.91 -0.30 -13.56
N ASN A 27 -15.69 0.70 -13.11
CA ASN A 27 -16.40 1.67 -13.94
C ASN A 27 -16.06 3.10 -13.53
N GLN A 28 -16.70 3.64 -12.50
CA GLN A 28 -16.47 4.99 -12.02
C GLN A 28 -15.12 5.03 -11.31
N GLN A 29 -14.08 5.54 -11.98
CA GLN A 29 -12.74 5.64 -11.42
C GLN A 29 -12.77 6.66 -10.28
N THR A 30 -12.91 6.14 -9.06
CA THR A 30 -13.00 6.84 -7.78
C THR A 30 -11.91 7.88 -7.58
N TRP A 31 -10.69 7.61 -8.06
CA TRP A 31 -9.55 8.48 -7.95
C TRP A 31 -9.06 8.84 -9.36
N LYS A 32 -9.45 10.00 -9.86
CA LYS A 32 -9.02 10.47 -11.18
C LYS A 32 -7.49 10.56 -11.19
N ASN A 33 -6.91 10.98 -10.05
CA ASN A 33 -5.48 11.12 -9.85
C ASN A 33 -4.82 9.75 -9.86
N LYS A 34 -3.93 9.52 -10.82
CA LYS A 34 -3.20 8.26 -10.96
C LYS A 34 -2.21 8.07 -9.81
N ASN A 35 -1.82 9.15 -9.12
CA ASN A 35 -0.89 9.14 -8.00
C ASN A 35 -1.25 8.11 -6.93
N LYS A 36 -2.53 7.95 -6.61
CA LYS A 36 -2.99 7.01 -5.59
C LYS A 36 -3.69 5.79 -6.18
N LYS A 37 -3.27 5.35 -7.38
CA LYS A 37 -3.87 4.19 -8.04
C LYS A 37 -3.63 2.97 -7.11
N PRO A 38 -4.62 2.09 -6.89
CA PRO A 38 -4.50 0.92 -6.01
C PRO A 38 -3.57 -0.13 -6.64
N LYS A 39 -2.28 -0.04 -6.33
CA LYS A 39 -1.27 -0.96 -6.82
C LYS A 39 -1.35 -2.25 -6.00
N ARG A 40 -1.74 -3.35 -6.64
CA ARG A 40 -1.80 -4.63 -5.96
C ARG A 40 -0.37 -5.17 -5.90
N LEU A 41 0.01 -5.79 -4.79
CA LEU A 41 1.32 -6.38 -4.56
C LEU A 41 1.31 -7.83 -5.04
N PRO A 42 2.48 -8.44 -5.29
CA PRO A 42 2.55 -9.83 -5.74
C PRO A 42 2.18 -10.79 -4.60
N CYS A 43 2.40 -10.38 -3.33
CA CYS A 43 2.09 -11.21 -2.17
C CYS A 43 0.57 -11.39 -2.02
N GLY A 44 -0.17 -10.37 -2.44
CA GLY A 44 -1.61 -10.26 -2.40
C GLY A 44 -1.97 -9.32 -1.27
N HIS A 45 -1.92 -8.03 -1.58
CA HIS A 45 -2.23 -6.87 -0.76
C HIS A 45 -2.47 -5.74 -1.72
N ILE A 46 -3.06 -4.66 -1.25
CA ILE A 46 -3.38 -3.49 -2.05
C ILE A 46 -3.03 -2.28 -1.21
N LEU A 47 -2.36 -1.32 -1.83
CA LEU A 47 -1.95 -0.07 -1.21
C LEU A 47 -1.93 1.06 -2.25
N HIS A 48 -2.03 2.33 -1.82
CA HIS A 48 -1.98 3.48 -2.73
C HIS A 48 -0.60 3.54 -3.36
N LEU A 49 -0.52 3.86 -4.65
CA LEU A 49 0.75 3.96 -5.38
C LEU A 49 1.72 4.98 -4.76
N SER A 50 1.29 6.22 -4.53
CA SER A 50 2.15 7.26 -3.97
C SER A 50 2.67 6.86 -2.59
N CYS A 51 1.79 6.31 -1.76
CA CYS A 51 2.14 5.90 -0.41
C CYS A 51 3.12 4.71 -0.43
N LEU A 52 2.91 3.79 -1.37
CA LEU A 52 3.72 2.60 -1.55
C LEU A 52 5.14 3.04 -1.84
N LYS A 53 5.31 4.02 -2.73
CA LYS A 53 6.61 4.56 -3.09
C LYS A 53 7.24 5.23 -1.88
N ASN A 54 6.47 6.01 -1.12
CA ASN A 54 6.95 6.71 0.07
C ASN A 54 7.55 5.75 1.09
N TRP A 55 6.91 4.60 1.25
CA TRP A 55 7.34 3.55 2.15
C TRP A 55 8.53 2.77 1.57
N MET A 56 8.42 2.36 0.30
CA MET A 56 9.47 1.59 -0.39
C MET A 56 10.79 2.35 -0.36
N GLU A 57 10.75 3.69 -0.41
CA GLU A 57 11.89 4.59 -0.36
C GLU A 57 12.76 4.33 0.86
N ARG A 58 12.16 3.79 1.92
CA ARG A 58 12.79 3.48 3.19
C ARG A 58 13.00 1.98 3.34
N SER A 59 12.02 1.16 2.98
CA SER A 59 12.09 -0.29 3.09
C SER A 59 11.26 -0.95 2.00
N GLN A 60 11.90 -1.62 1.03
CA GLN A 60 11.15 -2.30 0.00
C GLN A 60 10.61 -3.57 0.68
N THR A 61 9.41 -3.49 1.25
CA THR A 61 8.72 -4.55 1.96
C THR A 61 7.23 -4.21 2.08
N CYS A 62 6.40 -5.20 2.40
CA CYS A 62 4.98 -5.03 2.63
C CYS A 62 4.88 -4.66 4.11
N PRO A 63 4.41 -3.48 4.51
CA PRO A 63 4.31 -3.10 5.92
C PRO A 63 3.30 -3.94 6.72
N ILE A 64 2.46 -4.74 6.06
CA ILE A 64 1.45 -5.56 6.71
C ILE A 64 2.05 -6.91 7.13
N CYS A 65 2.44 -7.75 6.16
CA CYS A 65 3.01 -9.07 6.38
C CYS A 65 4.54 -9.08 6.56
N ARG A 66 5.20 -7.96 6.27
CA ARG A 66 6.64 -7.72 6.37
C ARG A 66 7.44 -8.46 5.30
N LEU A 67 6.75 -9.06 4.32
CA LEU A 67 7.35 -9.79 3.21
C LEU A 67 8.20 -8.86 2.35
N PRO A 68 9.24 -9.39 1.68
CA PRO A 68 10.07 -8.61 0.80
C PRO A 68 9.28 -8.35 -0.47
N VAL A 69 9.48 -7.20 -1.10
CA VAL A 69 8.80 -6.85 -2.34
C VAL A 69 9.81 -6.70 -3.47
N PHE A 70 9.32 -6.34 -4.66
CA PHE A 70 10.18 -6.09 -5.83
C PHE A 70 11.17 -4.98 -5.46
N ASP A 71 12.28 -4.89 -6.19
CA ASP A 71 13.30 -3.87 -5.90
C ASP A 71 12.71 -2.47 -6.10
N GLU A 72 13.43 -1.42 -5.71
CA GLU A 72 12.97 -0.04 -5.87
C GLU A 72 12.69 0.27 -7.34
N LYS A 73 13.43 -0.39 -8.26
CA LYS A 73 13.29 -0.22 -9.70
C LYS A 73 12.00 -0.88 -10.23
N GLY A 74 11.36 -1.74 -9.45
CA GLY A 74 10.14 -2.43 -9.83
C GLY A 74 10.41 -3.77 -10.50
N ASN A 75 11.56 -4.42 -10.24
CA ASN A 75 11.92 -5.71 -10.83
C ASN A 75 12.79 -6.50 -9.85
N VAL A 76 12.60 -7.81 -9.75
CA VAL A 76 13.35 -8.70 -8.87
C VAL A 76 13.39 -10.09 -9.52
N VAL A 77 14.49 -10.84 -9.36
CA VAL A 77 14.65 -12.18 -9.93
C VAL A 77 15.32 -13.14 -8.95
N GLN A 78 14.90 -13.07 -7.68
CA GLN A 78 15.41 -13.88 -6.60
C GLN A 78 14.27 -14.35 -5.73
N GLY A 1 -8.73 18.84 11.91
CA GLY A 1 -7.57 18.42 12.70
C GLY A 1 -7.62 16.93 12.98
N ALA A 2 -6.47 16.27 12.96
CA ALA A 2 -6.30 14.84 13.23
C ALA A 2 -6.46 14.67 14.75
N GLU A 3 -7.69 14.46 15.19
CA GLU A 3 -8.07 14.30 16.58
C GLU A 3 -8.41 12.85 16.95
N GLN A 4 -8.80 12.03 15.97
CA GLN A 4 -9.17 10.63 16.14
C GLN A 4 -8.67 9.81 14.94
N LEU A 5 -8.51 8.50 15.12
CA LEU A 5 -8.08 7.56 14.11
C LEU A 5 -8.45 6.15 14.56
N GLN A 6 -8.43 5.22 13.62
CA GLN A 6 -8.72 3.81 13.78
C GLN A 6 -7.40 3.11 13.51
N ASN A 7 -6.89 2.34 14.49
CA ASN A 7 -5.62 1.65 14.33
C ASN A 7 -5.71 0.61 13.20
N SER A 8 -4.56 0.32 12.59
CA SER A 8 -4.36 -0.63 11.51
C SER A 8 -4.76 -2.05 11.91
N ALA A 9 -6.01 -2.41 11.66
CA ALA A 9 -6.59 -3.72 11.95
C ALA A 9 -6.33 -4.71 10.79
N ASN A 10 -5.63 -4.25 9.75
CA ASN A 10 -5.25 -4.93 8.51
C ASN A 10 -6.47 -5.00 7.59
N ASP A 11 -6.87 -3.81 7.18
CA ASP A 11 -7.98 -3.56 6.29
C ASP A 11 -7.56 -3.96 4.88
N ASP A 12 -8.53 -4.30 4.04
CA ASP A 12 -8.27 -4.68 2.65
C ASP A 12 -8.70 -3.55 1.72
N ASN A 13 -9.36 -2.52 2.25
CA ASN A 13 -9.87 -1.36 1.52
C ASN A 13 -9.34 -0.05 2.10
N ILE A 14 -8.20 -0.06 2.78
CA ILE A 14 -7.59 1.14 3.35
C ILE A 14 -6.07 1.05 3.23
N CYS A 15 -5.45 2.13 2.73
CA CYS A 15 -4.00 2.23 2.60
C CYS A 15 -3.45 2.36 4.01
N ILE A 16 -2.86 1.31 4.54
CA ILE A 16 -2.28 1.25 5.87
C ILE A 16 -1.15 2.28 6.06
N ILE A 17 -0.58 2.85 4.99
CA ILE A 17 0.50 3.83 5.11
C ILE A 17 -0.02 5.09 5.81
N CYS A 18 -1.16 5.60 5.36
CA CYS A 18 -1.80 6.82 5.86
C CYS A 18 -3.20 6.62 6.45
N MET A 19 -3.68 5.37 6.49
CA MET A 19 -4.98 4.95 7.01
C MET A 19 -6.16 5.64 6.31
N ASP A 20 -5.97 6.01 5.04
CA ASP A 20 -6.96 6.68 4.21
C ASP A 20 -7.68 5.66 3.33
N GLU A 21 -8.91 5.97 2.96
CA GLU A 21 -9.78 5.12 2.13
C GLU A 21 -9.03 4.68 0.86
N LEU A 22 -9.14 3.39 0.52
CA LEU A 22 -8.47 2.83 -0.64
C LEU A 22 -9.28 1.68 -1.24
N ILE A 23 -10.00 1.92 -2.33
CA ILE A 23 -10.78 0.89 -3.02
C ILE A 23 -11.39 1.44 -4.31
N HIS A 24 -10.78 1.08 -5.45
CA HIS A 24 -11.29 1.55 -6.74
C HIS A 24 -12.53 0.75 -7.14
N SER A 25 -13.33 1.36 -8.00
CA SER A 25 -14.56 0.82 -8.56
C SER A 25 -14.27 0.03 -9.84
N PRO A 26 -15.00 -1.06 -10.12
CA PRO A 26 -14.76 -1.87 -11.31
C PRO A 26 -15.29 -1.28 -12.63
N ASN A 27 -16.17 -0.28 -12.60
CA ASN A 27 -16.73 0.32 -13.82
C ASN A 27 -17.11 1.80 -13.68
N GLN A 28 -16.74 2.44 -12.59
CA GLN A 28 -16.99 3.85 -12.33
C GLN A 28 -15.67 4.51 -11.95
N GLN A 29 -15.65 5.84 -11.85
CA GLN A 29 -14.45 6.59 -11.47
C GLN A 29 -14.51 6.77 -9.96
N THR A 30 -13.37 6.59 -9.29
CA THR A 30 -13.23 6.76 -7.84
C THR A 30 -12.04 7.69 -7.68
N TRP A 31 -10.82 7.16 -7.74
CA TRP A 31 -9.61 7.96 -7.58
C TRP A 31 -9.09 8.36 -8.96
N LYS A 32 -9.59 9.48 -9.51
CA LYS A 32 -9.14 9.96 -10.83
C LYS A 32 -7.63 10.19 -10.80
N ASN A 33 -7.13 10.74 -9.68
CA ASN A 33 -5.73 11.03 -9.44
C ASN A 33 -4.95 9.72 -9.50
N LYS A 34 -4.26 9.45 -10.61
CA LYS A 34 -3.48 8.22 -10.76
C LYS A 34 -2.37 8.11 -9.73
N ASN A 35 -1.98 9.19 -9.03
CA ASN A 35 -0.93 9.12 -8.02
C ASN A 35 -1.31 8.15 -6.90
N LYS A 36 -2.59 8.08 -6.51
CA LYS A 36 -3.04 7.16 -5.46
C LYS A 36 -3.73 5.92 -6.04
N LYS A 37 -3.31 5.45 -7.22
CA LYS A 37 -3.92 4.27 -7.83
C LYS A 37 -3.70 3.05 -6.92
N PRO A 38 -4.61 2.04 -6.97
CA PRO A 38 -4.52 0.85 -6.14
C PRO A 38 -3.45 -0.11 -6.65
N LYS A 39 -2.22 0.03 -6.18
CA LYS A 39 -1.14 -0.85 -6.59
C LYS A 39 -1.28 -2.16 -5.82
N ARG A 40 -1.72 -3.23 -6.47
CA ARG A 40 -1.84 -4.53 -5.82
C ARG A 40 -0.42 -5.09 -5.81
N LEU A 41 -0.02 -5.68 -4.69
CA LEU A 41 1.29 -6.27 -4.46
C LEU A 41 1.31 -7.72 -4.91
N PRO A 42 2.50 -8.29 -5.17
CA PRO A 42 2.62 -9.67 -5.60
C PRO A 42 2.24 -10.66 -4.50
N CYS A 43 2.32 -10.26 -3.23
CA CYS A 43 1.98 -11.10 -2.09
C CYS A 43 0.47 -11.23 -1.90
N GLY A 44 -0.25 -10.16 -2.24
CA GLY A 44 -1.70 -10.03 -2.12
C GLY A 44 -2.01 -9.03 -1.03
N HIS A 45 -1.96 -7.76 -1.42
CA HIS A 45 -2.22 -6.56 -0.63
C HIS A 45 -2.44 -5.43 -1.62
N ILE A 46 -2.95 -4.31 -1.15
CA ILE A 46 -3.20 -3.11 -1.94
C ILE A 46 -2.94 -1.92 -1.04
N LEU A 47 -2.16 -0.96 -1.55
CA LEU A 47 -1.79 0.29 -0.90
C LEU A 47 -1.80 1.36 -2.00
N HIS A 48 -1.91 2.64 -1.64
CA HIS A 48 -1.89 3.74 -2.60
C HIS A 48 -0.52 3.71 -3.25
N LEU A 49 -0.46 3.87 -4.57
CA LEU A 49 0.78 3.87 -5.33
C LEU A 49 1.80 4.88 -4.78
N SER A 50 1.40 6.13 -4.55
CA SER A 50 2.31 7.14 -4.03
C SER A 50 2.84 6.73 -2.65
N CYS A 51 1.94 6.36 -1.74
CA CYS A 51 2.31 5.98 -0.38
C CYS A 51 3.25 4.77 -0.37
N LEU A 52 2.93 3.78 -1.18
CA LEU A 52 3.69 2.55 -1.35
C LEU A 52 5.08 2.90 -1.83
N LYS A 53 5.21 3.72 -2.87
CA LYS A 53 6.51 4.12 -3.40
C LYS A 53 7.31 4.78 -2.30
N ASN A 54 6.73 5.77 -1.63
CA ASN A 54 7.44 6.48 -0.58
C ASN A 54 7.90 5.55 0.52
N TRP A 55 7.06 4.59 0.88
CA TRP A 55 7.39 3.61 1.89
C TRP A 55 8.55 2.76 1.40
N MET A 56 8.48 2.27 0.16
CA MET A 56 9.54 1.45 -0.42
C MET A 56 10.85 2.24 -0.51
N GLU A 57 10.82 3.56 -0.72
CA GLU A 57 12.00 4.42 -0.81
C GLU A 57 12.80 4.31 0.50
N ARG A 58 12.12 4.00 1.62
CA ARG A 58 12.73 3.85 2.93
C ARG A 58 12.96 2.37 3.24
N SER A 59 11.99 1.50 2.98
CA SER A 59 12.03 0.07 3.26
C SER A 59 11.20 -0.72 2.24
N GLN A 60 11.80 -1.39 1.24
CA GLN A 60 10.98 -2.13 0.29
C GLN A 60 10.55 -3.46 0.88
N THR A 61 9.40 -3.46 1.52
CA THR A 61 8.76 -4.62 2.14
C THR A 61 7.30 -4.21 2.38
N CYS A 62 6.41 -5.15 2.70
CA CYS A 62 5.02 -4.89 2.97
C CYS A 62 4.87 -4.53 4.45
N PRO A 63 4.31 -3.36 4.79
CA PRO A 63 4.14 -2.92 6.18
C PRO A 63 3.02 -3.70 6.90
N ILE A 64 2.45 -4.73 6.26
CA ILE A 64 1.37 -5.54 6.79
C ILE A 64 1.91 -6.93 7.14
N CYS A 65 2.34 -7.71 6.14
CA CYS A 65 2.84 -9.06 6.30
C CYS A 65 4.36 -9.20 6.39
N ARG A 66 5.10 -8.10 6.19
CA ARG A 66 6.55 -8.02 6.23
C ARG A 66 7.22 -8.80 5.08
N LEU A 67 6.48 -9.19 4.03
CA LEU A 67 7.07 -9.92 2.91
C LEU A 67 7.96 -8.99 2.07
N PRO A 68 9.03 -9.53 1.46
CA PRO A 68 9.92 -8.77 0.61
C PRO A 68 9.23 -8.53 -0.74
N VAL A 69 9.27 -7.29 -1.20
CA VAL A 69 8.66 -6.89 -2.47
C VAL A 69 9.72 -6.69 -3.56
N PHE A 70 9.28 -6.16 -4.70
CA PHE A 70 10.11 -5.88 -5.86
C PHE A 70 11.07 -4.74 -5.55
N ASP A 71 12.14 -4.62 -6.33
CA ASP A 71 13.12 -3.54 -6.14
C ASP A 71 12.47 -2.19 -6.38
N GLU A 72 13.18 -1.09 -6.07
CA GLU A 72 12.70 0.27 -6.26
C GLU A 72 12.31 0.51 -7.72
N LYS A 73 13.19 0.06 -8.63
CA LYS A 73 13.02 0.18 -10.06
C LYS A 73 11.84 -0.67 -10.55
N GLY A 74 11.39 -1.64 -9.76
CA GLY A 74 10.28 -2.54 -10.02
C GLY A 74 10.71 -3.89 -10.58
N ASN A 75 11.73 -4.56 -10.02
CA ASN A 75 12.17 -5.87 -10.52
C ASN A 75 12.89 -6.72 -9.46
N VAL A 76 12.71 -8.05 -9.48
CA VAL A 76 13.31 -9.03 -8.57
C VAL A 76 13.76 -10.34 -9.28
N VAL A 77 13.91 -10.32 -10.60
CA VAL A 77 14.33 -11.48 -11.42
C VAL A 77 15.85 -11.77 -11.28
N GLN A 78 16.35 -11.85 -10.05
CA GLN A 78 17.74 -12.13 -9.75
C GLN A 78 18.03 -13.58 -10.10
N GLY A 1 -6.69 7.74 25.91
CA GLY A 1 -6.80 9.14 25.52
C GLY A 1 -5.53 9.69 24.90
N ALA A 2 -5.38 11.03 24.91
CA ALA A 2 -4.26 11.80 24.38
C ALA A 2 -3.99 11.55 22.89
N GLU A 3 -4.95 10.97 22.16
CA GLU A 3 -4.85 10.66 20.75
C GLU A 3 -6.26 10.78 20.16
N GLN A 4 -6.35 10.88 18.84
CA GLN A 4 -7.58 10.99 18.08
C GLN A 4 -7.35 10.08 16.89
N LEU A 5 -8.13 9.01 16.77
CA LEU A 5 -8.04 8.03 15.70
C LEU A 5 -9.44 7.55 15.36
N GLN A 6 -9.59 6.85 14.24
CA GLN A 6 -10.87 6.34 13.80
C GLN A 6 -10.79 4.83 13.99
N ASN A 7 -9.95 4.13 13.22
CA ASN A 7 -9.78 2.69 13.32
C ASN A 7 -8.31 2.35 12.98
N SER A 8 -7.81 1.20 13.46
CA SER A 8 -6.43 0.75 13.24
C SER A 8 -6.38 -0.78 13.16
N ALA A 9 -6.52 -1.35 11.95
CA ALA A 9 -6.49 -2.78 11.67
C ALA A 9 -5.85 -3.01 10.29
N ASN A 10 -5.71 -4.29 9.94
CA ASN A 10 -5.16 -4.80 8.69
C ASN A 10 -6.31 -4.93 7.70
N ASP A 11 -6.86 -3.80 7.26
CA ASP A 11 -7.97 -3.77 6.31
C ASP A 11 -7.48 -4.07 4.89
N ASP A 12 -8.40 -4.37 3.97
CA ASP A 12 -8.11 -4.68 2.56
C ASP A 12 -8.59 -3.54 1.63
N ASN A 13 -9.31 -2.57 2.18
CA ASN A 13 -9.86 -1.42 1.46
C ASN A 13 -9.34 -0.10 2.02
N ILE A 14 -8.27 -0.15 2.83
CA ILE A 14 -7.67 1.01 3.45
C ILE A 14 -6.16 0.80 3.45
N CYS A 15 -5.47 1.87 3.08
CA CYS A 15 -4.04 2.00 3.01
C CYS A 15 -3.52 2.02 4.45
N ILE A 16 -2.44 1.31 4.72
CA ILE A 16 -1.86 1.28 6.05
C ILE A 16 -0.87 2.43 6.25
N ILE A 17 -0.40 3.06 5.17
CA ILE A 17 0.57 4.14 5.23
C ILE A 17 -0.04 5.32 6.00
N CYS A 18 -1.20 5.78 5.54
CA CYS A 18 -1.94 6.92 6.08
C CYS A 18 -3.37 6.63 6.57
N MET A 19 -3.86 5.39 6.48
CA MET A 19 -5.22 5.02 6.90
C MET A 19 -6.32 5.70 6.07
N ASP A 20 -5.98 6.20 4.87
CA ASP A 20 -6.93 6.87 3.97
C ASP A 20 -7.65 5.80 3.16
N GLU A 21 -8.87 6.11 2.69
CA GLU A 21 -9.68 5.20 1.90
C GLU A 21 -8.86 4.73 0.70
N LEU A 22 -8.80 3.43 0.49
CA LEU A 22 -8.04 2.82 -0.59
C LEU A 22 -8.91 1.74 -1.20
N ILE A 23 -9.55 2.02 -2.33
CA ILE A 23 -10.43 1.08 -3.01
C ILE A 23 -10.93 1.73 -4.29
N HIS A 24 -11.46 0.97 -5.24
CA HIS A 24 -11.99 1.47 -6.48
C HIS A 24 -12.91 0.40 -7.05
N SER A 25 -13.62 0.76 -8.11
CA SER A 25 -14.53 -0.12 -8.82
C SER A 25 -14.04 -0.21 -10.27
N PRO A 26 -14.41 -1.23 -11.04
CA PRO A 26 -13.94 -1.38 -12.41
C PRO A 26 -14.43 -0.28 -13.37
N ASN A 27 -15.61 0.30 -13.15
CA ASN A 27 -16.16 1.37 -13.99
C ASN A 27 -16.69 2.56 -13.20
N GLN A 28 -17.16 2.36 -11.97
CA GLN A 28 -17.67 3.44 -11.12
C GLN A 28 -16.47 4.31 -10.70
N GLN A 29 -16.47 5.58 -11.12
CA GLN A 29 -15.42 6.54 -10.82
C GLN A 29 -15.19 6.68 -9.31
N THR A 30 -13.97 7.04 -8.95
CA THR A 30 -13.53 7.24 -7.57
C THR A 30 -12.47 8.35 -7.57
N TRP A 31 -11.19 8.01 -7.60
CA TRP A 31 -10.09 8.95 -7.57
C TRP A 31 -9.88 9.62 -8.92
N LYS A 32 -9.37 10.86 -8.90
CA LYS A 32 -9.12 11.67 -10.09
C LYS A 32 -7.63 11.78 -10.42
N ASN A 33 -6.75 11.21 -9.59
CA ASN A 33 -5.30 11.24 -9.82
C ASN A 33 -4.73 9.87 -9.60
N LYS A 34 -4.00 9.37 -10.60
CA LYS A 34 -3.33 8.07 -10.60
C LYS A 34 -2.32 8.00 -9.45
N ASN A 35 -1.90 9.13 -8.86
CA ASN A 35 -0.95 9.19 -7.75
C ASN A 35 -1.42 8.26 -6.63
N LYS A 36 -2.73 8.10 -6.40
CA LYS A 36 -3.25 7.22 -5.35
C LYS A 36 -3.96 6.00 -5.91
N LYS A 37 -3.62 5.55 -7.13
CA LYS A 37 -4.27 4.38 -7.71
C LYS A 37 -4.00 3.15 -6.83
N PRO A 38 -4.98 2.23 -6.66
CA PRO A 38 -4.80 1.03 -5.85
C PRO A 38 -3.84 0.06 -6.55
N LYS A 39 -2.55 0.14 -6.20
CA LYS A 39 -1.50 -0.70 -6.74
C LYS A 39 -1.49 -2.02 -5.96
N ARG A 40 -1.56 -3.17 -6.65
CA ARG A 40 -1.54 -4.48 -6.00
C ARG A 40 -0.09 -4.94 -5.79
N LEU A 41 0.18 -5.64 -4.69
CA LEU A 41 1.48 -6.19 -4.33
C LEU A 41 1.56 -7.64 -4.84
N PRO A 42 2.76 -8.19 -5.04
CA PRO A 42 2.90 -9.56 -5.52
C PRO A 42 2.39 -10.59 -4.53
N CYS A 43 2.35 -10.27 -3.23
CA CYS A 43 1.86 -11.19 -2.21
C CYS A 43 0.33 -11.25 -2.17
N GLY A 44 -0.32 -10.15 -2.56
CA GLY A 44 -1.76 -10.00 -2.56
C GLY A 44 -2.12 -9.11 -1.38
N HIS A 45 -2.00 -7.81 -1.61
CA HIS A 45 -2.26 -6.66 -0.77
C HIS A 45 -2.39 -5.50 -1.75
N ILE A 46 -2.84 -4.36 -1.26
CA ILE A 46 -3.01 -3.15 -2.04
C ILE A 46 -2.62 -1.98 -1.13
N LEU A 47 -2.03 -0.98 -1.76
CA LEU A 47 -1.57 0.29 -1.19
C LEU A 47 -1.69 1.36 -2.28
N HIS A 48 -1.85 2.63 -1.88
CA HIS A 48 -1.90 3.74 -2.83
C HIS A 48 -0.57 3.72 -3.57
N LEU A 49 -0.60 4.03 -4.87
CA LEU A 49 0.58 4.05 -5.72
C LEU A 49 1.71 4.90 -5.13
N SER A 50 1.41 6.16 -4.77
CA SER A 50 2.39 7.08 -4.23
C SER A 50 2.82 6.70 -2.81
N CYS A 51 1.89 6.33 -1.93
CA CYS A 51 2.23 5.98 -0.55
C CYS A 51 3.15 4.76 -0.52
N LEU A 52 2.89 3.80 -1.40
CA LEU A 52 3.66 2.59 -1.57
C LEU A 52 5.09 3.00 -1.90
N LYS A 53 5.26 3.88 -2.90
CA LYS A 53 6.57 4.34 -3.35
C LYS A 53 7.29 5.06 -2.22
N ASN A 54 6.59 5.94 -1.51
CA ASN A 54 7.12 6.72 -0.39
C ASN A 54 7.69 5.78 0.66
N TRP A 55 6.95 4.72 0.98
CA TRP A 55 7.36 3.71 1.95
C TRP A 55 8.54 2.89 1.41
N MET A 56 8.41 2.39 0.18
CA MET A 56 9.41 1.59 -0.49
C MET A 56 10.73 2.34 -0.65
N GLU A 57 10.78 3.67 -0.63
CA GLU A 57 12.05 4.37 -0.76
C GLU A 57 12.94 4.06 0.45
N ARG A 58 12.33 3.75 1.60
CA ARG A 58 13.02 3.44 2.85
C ARG A 58 13.02 1.96 3.18
N SER A 59 11.92 1.24 2.92
CA SER A 59 11.80 -0.16 3.24
C SER A 59 11.06 -0.89 2.12
N GLN A 60 11.78 -1.62 1.25
CA GLN A 60 11.08 -2.35 0.19
C GLN A 60 10.48 -3.60 0.87
N THR A 61 9.27 -3.47 1.40
CA THR A 61 8.52 -4.54 2.07
C THR A 61 7.05 -4.14 2.19
N CYS A 62 6.17 -5.10 2.50
CA CYS A 62 4.76 -4.85 2.73
C CYS A 62 4.68 -4.51 4.22
N PRO A 63 4.15 -3.36 4.63
CA PRO A 63 4.07 -2.97 6.03
C PRO A 63 3.10 -3.84 6.85
N ILE A 64 2.37 -4.78 6.24
CA ILE A 64 1.43 -5.63 6.94
C ILE A 64 2.07 -6.97 7.30
N CYS A 65 2.39 -7.77 6.28
CA CYS A 65 2.97 -9.10 6.37
C CYS A 65 4.49 -9.13 6.49
N ARG A 66 5.15 -8.00 6.22
CA ARG A 66 6.61 -7.83 6.25
C ARG A 66 7.31 -8.62 5.16
N LEU A 67 6.56 -9.07 4.16
CA LEU A 67 7.14 -9.84 3.09
C LEU A 67 8.04 -8.99 2.22
N PRO A 68 9.09 -9.63 1.67
CA PRO A 68 10.06 -9.00 0.80
C PRO A 68 9.44 -8.70 -0.56
N VAL A 69 9.18 -7.43 -0.86
CA VAL A 69 8.63 -7.04 -2.15
C VAL A 69 9.81 -6.95 -3.12
N PHE A 70 9.49 -6.59 -4.36
CA PHE A 70 10.46 -6.45 -5.43
C PHE A 70 11.41 -5.30 -5.12
N ASP A 71 12.56 -5.33 -5.79
CA ASP A 71 13.62 -4.33 -5.66
C ASP A 71 13.17 -2.98 -6.18
N GLU A 72 13.94 -1.93 -5.91
CA GLU A 72 13.61 -0.57 -6.35
C GLU A 72 13.62 -0.43 -7.87
N LYS A 73 14.35 -1.27 -8.62
CA LYS A 73 14.35 -1.23 -10.09
C LYS A 73 13.06 -1.90 -10.62
N GLY A 74 12.29 -2.54 -9.75
CA GLY A 74 11.02 -3.21 -10.04
C GLY A 74 11.09 -4.64 -10.55
N ASN A 75 12.24 -5.34 -10.53
CA ASN A 75 12.31 -6.72 -11.04
C ASN A 75 13.34 -7.58 -10.31
N VAL A 76 12.90 -8.64 -9.64
CA VAL A 76 13.77 -9.57 -8.88
C VAL A 76 14.42 -10.63 -9.78
N VAL A 77 15.32 -11.44 -9.22
CA VAL A 77 16.01 -12.54 -9.88
C VAL A 77 16.60 -13.44 -8.80
N GLN A 78 16.25 -14.73 -8.85
CA GLN A 78 16.70 -15.75 -7.92
C GLN A 78 16.58 -17.09 -8.62
N GLY A 1 0.05 8.56 19.26
CA GLY A 1 -1.41 8.60 19.11
C GLY A 1 -1.97 9.68 20.02
N ALA A 2 -2.50 9.30 21.20
CA ALA A 2 -3.08 10.20 22.21
C ALA A 2 -3.92 11.28 21.55
N GLU A 3 -4.95 10.87 20.81
CA GLU A 3 -5.81 11.80 20.08
C GLU A 3 -7.20 11.22 19.89
N GLN A 4 -7.26 10.00 19.37
CA GLN A 4 -8.46 9.24 19.09
C GLN A 4 -8.21 7.80 19.52
N LEU A 5 -9.27 7.00 19.68
CA LEU A 5 -9.16 5.61 20.09
C LEU A 5 -10.01 4.75 19.18
N GLN A 6 -9.36 4.18 18.17
CA GLN A 6 -9.95 3.29 17.18
C GLN A 6 -9.17 1.97 17.26
N ASN A 7 -9.66 0.91 16.60
CA ASN A 7 -9.00 -0.40 16.61
C ASN A 7 -8.99 -1.09 15.25
N SER A 8 -9.31 -0.39 14.15
CA SER A 8 -9.28 -1.01 12.82
C SER A 8 -7.81 -1.28 12.47
N ALA A 9 -7.50 -2.51 12.06
CA ALA A 9 -6.17 -2.94 11.69
C ALA A 9 -6.34 -4.09 10.70
N ASN A 10 -5.31 -4.34 9.89
CA ASN A 10 -5.26 -5.40 8.89
C ASN A 10 -6.43 -5.34 7.89
N ASP A 11 -6.88 -4.13 7.53
CA ASP A 11 -7.97 -3.92 6.56
C ASP A 11 -7.44 -4.24 5.16
N ASP A 12 -8.32 -4.47 4.20
CA ASP A 12 -7.99 -4.77 2.82
C ASP A 12 -8.37 -3.62 1.88
N ASN A 13 -9.23 -2.71 2.33
CA ASN A 13 -9.72 -1.56 1.56
C ASN A 13 -9.27 -0.22 2.15
N ILE A 14 -8.16 -0.21 2.89
CA ILE A 14 -7.60 0.99 3.50
C ILE A 14 -6.07 0.88 3.48
N CYS A 15 -5.43 1.91 2.93
CA CYS A 15 -3.98 2.04 2.83
C CYS A 15 -3.49 2.31 4.26
N ILE A 16 -2.69 1.43 4.85
CA ILE A 16 -2.19 1.61 6.21
C ILE A 16 -1.18 2.78 6.30
N ILE A 17 -0.54 3.16 5.19
CA ILE A 17 0.46 4.24 5.16
C ILE A 17 -0.08 5.54 5.73
N CYS A 18 -1.25 5.96 5.23
CA CYS A 18 -1.95 7.18 5.58
C CYS A 18 -3.32 6.94 6.21
N MET A 19 -3.73 5.66 6.35
CA MET A 19 -5.01 5.23 6.91
C MET A 19 -6.19 5.85 6.14
N ASP A 20 -5.96 6.22 4.89
CA ASP A 20 -6.97 6.80 4.01
C ASP A 20 -7.61 5.67 3.23
N GLU A 21 -8.84 5.90 2.83
CA GLU A 21 -9.61 4.92 2.08
C GLU A 21 -8.86 4.55 0.82
N LEU A 22 -8.92 3.26 0.51
CA LEU A 22 -8.24 2.69 -0.63
C LEU A 22 -9.08 1.57 -1.21
N ILE A 23 -9.77 1.85 -2.31
CA ILE A 23 -10.61 0.91 -3.03
C ILE A 23 -11.14 1.63 -4.27
N HIS A 24 -11.68 0.95 -5.28
CA HIS A 24 -12.19 1.65 -6.46
C HIS A 24 -13.30 0.84 -7.10
N SER A 25 -14.10 1.54 -7.90
CA SER A 25 -15.21 0.99 -8.64
C SER A 25 -14.72 -0.02 -9.68
N PRO A 26 -15.59 -0.89 -10.22
CA PRO A 26 -15.21 -1.88 -11.22
C PRO A 26 -15.05 -1.30 -12.62
N ASN A 27 -15.68 -0.15 -12.91
CA ASN A 27 -15.63 0.49 -14.23
C ASN A 27 -15.59 2.01 -14.18
N GLN A 28 -15.36 2.60 -13.00
CA GLN A 28 -15.31 4.04 -12.79
C GLN A 28 -14.02 4.38 -12.05
N GLN A 29 -13.71 5.67 -11.88
CA GLN A 29 -12.51 6.15 -11.22
C GLN A 29 -12.86 6.94 -9.97
N THR A 30 -12.91 6.28 -8.82
CA THR A 30 -13.20 6.91 -7.54
C THR A 30 -12.18 8.04 -7.32
N TRP A 31 -10.90 7.71 -7.47
CA TRP A 31 -9.80 8.63 -7.31
C TRP A 31 -9.44 9.23 -8.67
N LYS A 32 -9.60 10.55 -8.80
CA LYS A 32 -9.28 11.25 -10.03
C LYS A 32 -7.78 11.12 -10.28
N ASN A 33 -6.98 11.39 -9.25
CA ASN A 33 -5.53 11.34 -9.32
C ASN A 33 -5.03 9.91 -9.40
N LYS A 34 -4.60 9.47 -10.58
CA LYS A 34 -4.06 8.13 -10.84
C LYS A 34 -2.77 7.89 -10.02
N ASN A 35 -2.19 8.94 -9.45
CA ASN A 35 -0.98 8.82 -8.64
C ASN A 35 -1.21 7.87 -7.45
N LYS A 36 -2.39 7.94 -6.80
CA LYS A 36 -2.73 7.07 -5.66
C LYS A 36 -3.55 5.87 -6.14
N LYS A 37 -3.30 5.36 -7.34
CA LYS A 37 -4.04 4.21 -7.83
C LYS A 37 -3.79 2.98 -6.93
N PRO A 38 -4.70 2.00 -6.92
CA PRO A 38 -4.58 0.81 -6.10
C PRO A 38 -3.60 -0.16 -6.75
N LYS A 39 -2.30 -0.07 -6.42
CA LYS A 39 -1.27 -0.95 -6.96
C LYS A 39 -1.24 -2.20 -6.09
N ARG A 40 -1.83 -3.30 -6.55
CA ARG A 40 -1.85 -4.54 -5.78
C ARG A 40 -0.43 -5.09 -5.73
N LEU A 41 0.05 -5.48 -4.55
CA LEU A 41 1.37 -6.05 -4.33
C LEU A 41 1.39 -7.45 -4.93
N PRO A 42 2.56 -8.01 -5.25
CA PRO A 42 2.64 -9.34 -5.83
C PRO A 42 2.21 -10.43 -4.87
N CYS A 43 2.28 -10.18 -3.56
CA CYS A 43 1.89 -11.14 -2.55
C CYS A 43 0.37 -11.22 -2.42
N GLY A 44 -0.28 -10.07 -2.57
CA GLY A 44 -1.71 -9.87 -2.45
C GLY A 44 -1.97 -9.01 -1.22
N HIS A 45 -1.87 -7.70 -1.44
CA HIS A 45 -2.08 -6.56 -0.55
C HIS A 45 -2.28 -5.40 -1.52
N ILE A 46 -2.72 -4.25 -1.04
CA ILE A 46 -2.95 -3.09 -1.89
C ILE A 46 -2.60 -1.87 -1.07
N LEU A 47 -1.92 -0.92 -1.72
CA LEU A 47 -1.52 0.35 -1.16
C LEU A 47 -1.61 1.41 -2.24
N HIS A 48 -1.83 2.66 -1.82
CA HIS A 48 -1.89 3.81 -2.72
C HIS A 48 -0.51 3.82 -3.37
N LEU A 49 -0.44 3.91 -4.69
CA LEU A 49 0.84 3.90 -5.41
C LEU A 49 1.80 4.99 -4.89
N SER A 50 1.34 6.23 -4.66
CA SER A 50 2.19 7.29 -4.14
C SER A 50 2.75 6.93 -2.76
N CYS A 51 1.87 6.50 -1.86
CA CYS A 51 2.21 6.15 -0.49
C CYS A 51 3.18 4.96 -0.44
N LEU A 52 2.89 3.96 -1.29
CA LEU A 52 3.67 2.74 -1.43
C LEU A 52 5.10 3.11 -1.80
N LYS A 53 5.29 4.03 -2.75
CA LYS A 53 6.61 4.46 -3.16
C LYS A 53 7.34 5.08 -1.99
N ASN A 54 6.67 5.97 -1.25
CA ASN A 54 7.26 6.65 -0.09
C ASN A 54 7.77 5.65 0.94
N TRP A 55 6.99 4.59 1.18
CA TRP A 55 7.35 3.55 2.12
C TRP A 55 8.53 2.74 1.56
N MET A 56 8.45 2.31 0.29
CA MET A 56 9.49 1.53 -0.35
C MET A 56 10.83 2.27 -0.41
N GLU A 57 10.82 3.59 -0.49
CA GLU A 57 12.03 4.43 -0.52
C GLU A 57 12.86 4.18 0.75
N ARG A 58 12.20 3.79 1.85
CA ARG A 58 12.83 3.50 3.13
C ARG A 58 12.90 1.99 3.42
N SER A 59 11.88 1.22 3.01
CA SER A 59 11.78 -0.22 3.23
C SER A 59 11.03 -0.93 2.09
N GLN A 60 11.68 -1.53 1.08
CA GLN A 60 10.94 -2.23 0.01
C GLN A 60 10.42 -3.55 0.61
N THR A 61 9.22 -3.53 1.20
CA THR A 61 8.54 -4.65 1.84
C THR A 61 7.05 -4.34 2.00
N CYS A 62 6.24 -5.31 2.40
CA CYS A 62 4.82 -5.18 2.68
C CYS A 62 4.82 -4.79 4.17
N PRO A 63 4.34 -3.62 4.62
CA PRO A 63 4.38 -3.27 6.04
C PRO A 63 3.47 -4.11 6.94
N ILE A 64 2.46 -4.80 6.40
CA ILE A 64 1.52 -5.62 7.18
C ILE A 64 2.15 -6.99 7.48
N CYS A 65 2.36 -7.80 6.43
CA CYS A 65 2.89 -9.15 6.54
C CYS A 65 4.41 -9.21 6.61
N ARG A 66 5.10 -8.11 6.32
CA ARG A 66 6.56 -7.99 6.36
C ARG A 66 7.24 -8.74 5.22
N LEU A 67 6.48 -9.21 4.23
CA LEU A 67 7.00 -9.93 3.07
C LEU A 67 7.91 -9.02 2.23
N PRO A 68 8.90 -9.60 1.53
CA PRO A 68 9.79 -8.84 0.69
C PRO A 68 9.03 -8.52 -0.60
N VAL A 69 9.22 -7.31 -1.12
CA VAL A 69 8.59 -6.88 -2.36
C VAL A 69 9.71 -6.63 -3.37
N PHE A 70 9.29 -6.28 -4.58
CA PHE A 70 10.15 -5.99 -5.71
C PHE A 70 11.00 -4.75 -5.42
N ASP A 71 12.07 -4.65 -6.20
CA ASP A 71 13.05 -3.57 -6.18
C ASP A 71 12.45 -2.26 -6.68
N GLU A 72 13.20 -1.17 -6.54
CA GLU A 72 12.80 0.16 -6.99
C GLU A 72 12.55 0.13 -8.52
N LYS A 73 13.21 -0.76 -9.26
CA LYS A 73 13.01 -0.90 -10.70
C LYS A 73 11.71 -1.65 -11.02
N GLY A 74 11.03 -2.16 -9.98
CA GLY A 74 9.78 -2.89 -10.06
C GLY A 74 9.89 -4.11 -10.97
N ASN A 75 11.08 -4.69 -11.15
CA ASN A 75 11.28 -5.85 -12.03
C ASN A 75 12.46 -6.67 -11.52
N VAL A 76 12.18 -7.65 -10.67
CA VAL A 76 13.16 -8.55 -10.09
C VAL A 76 13.83 -9.45 -11.14
N VAL A 77 14.84 -10.21 -10.72
CA VAL A 77 15.61 -11.16 -11.50
C VAL A 77 16.06 -12.20 -10.49
N GLN A 78 15.82 -13.49 -10.77
CA GLN A 78 16.15 -14.60 -9.92
C GLN A 78 17.12 -15.54 -10.62
N GLY A 1 15.94 3.16 12.19
CA GLY A 1 14.65 2.69 12.71
C GLY A 1 13.63 3.80 12.57
N ALA A 2 12.66 3.87 13.49
CA ALA A 2 11.60 4.87 13.52
C ALA A 2 11.12 5.01 14.96
N GLU A 3 10.49 6.13 15.28
CA GLU A 3 9.95 6.41 16.60
C GLU A 3 8.51 6.88 16.37
N GLN A 4 7.54 5.98 16.53
CA GLN A 4 6.12 6.27 16.36
C GLN A 4 5.30 5.24 17.14
N LEU A 5 4.00 5.50 17.26
CA LEU A 5 3.03 4.65 17.96
C LEU A 5 2.84 3.32 17.22
N GLN A 6 2.23 2.33 17.87
CA GLN A 6 1.99 1.01 17.29
C GLN A 6 0.50 0.75 17.07
N ASN A 7 -0.01 1.13 15.90
CA ASN A 7 -1.41 0.94 15.55
C ASN A 7 -1.68 -0.56 15.43
N SER A 8 -2.84 -1.01 15.91
CA SER A 8 -3.28 -2.39 15.90
C SER A 8 -4.55 -2.49 15.05
N ALA A 9 -4.41 -2.47 13.73
CA ALA A 9 -5.52 -2.56 12.77
C ALA A 9 -5.05 -3.30 11.51
N ASN A 10 -6.00 -3.73 10.68
CA ASN A 10 -5.75 -4.46 9.43
C ASN A 10 -7.04 -4.48 8.61
N ASP A 11 -7.09 -3.80 7.46
CA ASP A 11 -8.24 -3.75 6.56
C ASP A 11 -7.77 -4.20 5.17
N ASP A 12 -8.68 -4.32 4.22
CA ASP A 12 -8.38 -4.74 2.84
C ASP A 12 -8.76 -3.66 1.82
N ASN A 13 -9.18 -2.48 2.29
CA ASN A 13 -9.60 -1.36 1.46
C ASN A 13 -9.12 -0.03 2.05
N ILE A 14 -8.04 -0.08 2.84
CA ILE A 14 -7.46 1.11 3.47
C ILE A 14 -5.95 0.94 3.50
N CYS A 15 -5.25 1.95 2.96
CA CYS A 15 -3.80 2.00 2.90
C CYS A 15 -3.26 2.23 4.32
N ILE A 16 -2.38 1.35 4.78
CA ILE A 16 -1.77 1.37 6.10
C ILE A 16 -0.82 2.58 6.29
N ILE A 17 -0.28 3.13 5.22
CA ILE A 17 0.66 4.25 5.28
C ILE A 17 0.00 5.49 5.87
N CYS A 18 -1.13 5.88 5.30
CA CYS A 18 -1.90 7.06 5.66
C CYS A 18 -3.20 6.76 6.38
N MET A 19 -3.57 5.48 6.50
CA MET A 19 -4.81 5.04 7.15
C MET A 19 -6.00 5.79 6.57
N ASP A 20 -5.99 5.92 5.24
CA ASP A 20 -6.99 6.60 4.43
C ASP A 20 -7.62 5.63 3.44
N GLU A 21 -8.82 5.96 2.97
CA GLU A 21 -9.60 5.15 2.04
C GLU A 21 -8.79 4.77 0.82
N LEU A 22 -8.90 3.49 0.43
CA LEU A 22 -8.20 2.90 -0.68
C LEU A 22 -9.06 1.81 -1.33
N ILE A 23 -9.69 2.09 -2.47
CA ILE A 23 -10.52 1.10 -3.19
C ILE A 23 -10.96 1.68 -4.53
N HIS A 24 -11.20 0.85 -5.55
CA HIS A 24 -11.64 1.31 -6.85
C HIS A 24 -12.68 0.34 -7.39
N SER A 25 -13.80 0.88 -7.87
CA SER A 25 -14.87 0.08 -8.42
C SER A 25 -14.53 -0.22 -9.87
N PRO A 26 -15.00 -1.35 -10.42
CA PRO A 26 -14.74 -1.70 -11.80
C PRO A 26 -15.53 -0.79 -12.76
N ASN A 27 -16.38 0.13 -12.27
CA ASN A 27 -17.14 1.04 -13.11
C ASN A 27 -17.31 2.42 -12.50
N GLN A 28 -17.71 2.53 -11.23
CA GLN A 28 -17.90 3.82 -10.58
C GLN A 28 -16.52 4.45 -10.35
N GLN A 29 -16.39 5.77 -10.58
CA GLN A 29 -15.11 6.46 -10.38
C GLN A 29 -14.78 6.53 -8.89
N THR A 30 -13.50 6.67 -8.56
CA THR A 30 -13.02 6.77 -7.20
C THR A 30 -11.94 7.85 -7.17
N TRP A 31 -10.68 7.49 -7.35
CA TRP A 31 -9.56 8.42 -7.33
C TRP A 31 -9.27 8.86 -8.76
N LYS A 32 -9.68 10.07 -9.10
CA LYS A 32 -9.51 10.69 -10.41
C LYS A 32 -8.04 11.04 -10.70
N ASN A 33 -7.07 10.42 -10.04
CA ASN A 33 -5.63 10.64 -10.22
C ASN A 33 -4.90 9.33 -10.06
N LYS A 34 -4.06 8.99 -11.05
CA LYS A 34 -3.27 7.77 -11.06
C LYS A 34 -2.24 7.74 -9.91
N ASN A 35 -1.90 8.89 -9.33
CA ASN A 35 -0.94 9.00 -8.23
C ASN A 35 -1.30 8.05 -7.09
N LYS A 36 -2.55 8.06 -6.63
CA LYS A 36 -3.02 7.21 -5.54
C LYS A 36 -3.74 5.98 -6.06
N LYS A 37 -3.32 5.47 -7.22
CA LYS A 37 -3.95 4.28 -7.78
C LYS A 37 -3.76 3.12 -6.81
N PRO A 38 -4.76 2.23 -6.64
CA PRO A 38 -4.65 1.07 -5.77
C PRO A 38 -3.71 0.05 -6.43
N LYS A 39 -2.41 0.12 -6.18
CA LYS A 39 -1.44 -0.79 -6.70
C LYS A 39 -1.53 -2.12 -5.95
N ARG A 40 -1.75 -3.22 -6.67
CA ARG A 40 -1.85 -4.56 -6.07
C ARG A 40 -0.46 -5.17 -6.05
N LEU A 41 -0.06 -5.70 -4.89
CA LEU A 41 1.23 -6.35 -4.67
C LEU A 41 1.18 -7.77 -5.21
N PRO A 42 2.33 -8.45 -5.37
CA PRO A 42 2.31 -9.81 -5.89
C PRO A 42 1.95 -10.82 -4.79
N CYS A 43 2.08 -10.44 -3.51
CA CYS A 43 1.78 -11.29 -2.36
C CYS A 43 0.26 -11.36 -2.11
N GLY A 44 -0.46 -10.33 -2.52
CA GLY A 44 -1.89 -10.21 -2.34
C GLY A 44 -2.12 -9.21 -1.23
N HIS A 45 -2.11 -7.94 -1.61
CA HIS A 45 -2.32 -6.75 -0.80
C HIS A 45 -2.50 -5.62 -1.79
N ILE A 46 -2.99 -4.49 -1.30
CA ILE A 46 -3.24 -3.29 -2.08
C ILE A 46 -2.89 -2.08 -1.22
N LEU A 47 -2.16 -1.14 -1.80
CA LEU A 47 -1.76 0.12 -1.16
C LEU A 47 -1.80 1.23 -2.21
N HIS A 48 -1.89 2.50 -1.77
CA HIS A 48 -1.89 3.63 -2.70
C HIS A 48 -0.52 3.65 -3.38
N LEU A 49 -0.49 3.86 -4.70
CA LEU A 49 0.75 3.89 -5.47
C LEU A 49 1.72 4.96 -4.95
N SER A 50 1.22 6.15 -4.62
CA SER A 50 2.01 7.26 -4.11
C SER A 50 2.64 6.89 -2.76
N CYS A 51 1.84 6.37 -1.83
CA CYS A 51 2.23 5.97 -0.50
C CYS A 51 3.24 4.83 -0.54
N LEU A 52 2.99 3.86 -1.43
CA LEU A 52 3.84 2.70 -1.64
C LEU A 52 5.23 3.16 -1.99
N LYS A 53 5.32 4.08 -2.94
CA LYS A 53 6.59 4.62 -3.37
C LYS A 53 7.29 5.32 -2.21
N ASN A 54 6.54 6.09 -1.43
CA ASN A 54 7.08 6.82 -0.30
C ASN A 54 7.66 5.90 0.77
N TRP A 55 6.98 4.79 1.02
CA TRP A 55 7.35 3.77 1.98
C TRP A 55 8.52 2.92 1.48
N MET A 56 8.45 2.43 0.24
CA MET A 56 9.48 1.60 -0.36
C MET A 56 10.83 2.31 -0.39
N GLU A 57 10.84 3.65 -0.54
CA GLU A 57 12.10 4.41 -0.56
C GLU A 57 12.86 4.21 0.76
N ARG A 58 12.15 3.92 1.86
CA ARG A 58 12.70 3.69 3.19
C ARG A 58 12.85 2.19 3.46
N SER A 59 11.86 1.37 3.13
CA SER A 59 11.86 -0.07 3.35
C SER A 59 11.06 -0.81 2.27
N GLN A 60 11.70 -1.43 1.28
CA GLN A 60 10.94 -2.18 0.25
C GLN A 60 10.44 -3.49 0.87
N THR A 61 9.24 -3.42 1.44
CA THR A 61 8.52 -4.52 2.09
C THR A 61 7.05 -4.13 2.22
N CYS A 62 6.19 -5.10 2.50
CA CYS A 62 4.77 -4.88 2.74
C CYS A 62 4.69 -4.57 4.23
N PRO A 63 4.22 -3.39 4.65
CA PRO A 63 4.16 -3.07 6.06
C PRO A 63 3.30 -4.05 6.90
N ILE A 64 2.36 -4.74 6.28
CA ILE A 64 1.44 -5.68 6.93
C ILE A 64 2.09 -7.07 7.15
N CYS A 65 2.38 -7.81 6.08
CA CYS A 65 2.95 -9.14 6.13
C CYS A 65 4.48 -9.18 6.27
N ARG A 66 5.12 -8.03 6.15
CA ARG A 66 6.56 -7.82 6.27
C ARG A 66 7.39 -8.51 5.19
N LEU A 67 6.75 -9.15 4.20
CA LEU A 67 7.41 -9.87 3.11
C LEU A 67 8.28 -8.94 2.26
N PRO A 68 9.37 -9.46 1.67
CA PRO A 68 10.29 -8.72 0.83
C PRO A 68 9.63 -8.52 -0.54
N VAL A 69 9.28 -7.29 -0.89
CA VAL A 69 8.66 -6.99 -2.17
C VAL A 69 9.74 -6.79 -3.24
N PHE A 70 9.31 -6.60 -4.50
CA PHE A 70 10.24 -6.36 -5.60
C PHE A 70 11.08 -5.11 -5.31
N ASP A 71 12.31 -5.13 -5.82
CA ASP A 71 13.24 -4.02 -5.70
C ASP A 71 12.63 -2.95 -6.61
N GLU A 72 12.94 -1.68 -6.38
CA GLU A 72 12.44 -0.51 -7.06
C GLU A 72 12.25 -0.61 -8.58
N LYS A 73 13.31 -0.84 -9.37
CA LYS A 73 13.21 -0.90 -10.83
C LYS A 73 12.30 -2.01 -11.39
N GLY A 74 12.02 -3.06 -10.62
CA GLY A 74 11.16 -4.16 -11.08
C GLY A 74 11.93 -5.16 -11.93
N ASN A 75 12.63 -6.10 -11.29
CA ASN A 75 13.44 -7.17 -11.88
C ASN A 75 13.44 -8.45 -11.00
N VAL A 76 12.90 -8.38 -9.79
CA VAL A 76 12.81 -9.49 -8.84
C VAL A 76 12.03 -10.65 -9.50
N VAL A 77 12.39 -11.89 -9.14
CA VAL A 77 11.78 -13.12 -9.64
C VAL A 77 11.72 -14.14 -8.49
N GLN A 78 11.31 -13.65 -7.32
CA GLN A 78 11.18 -14.45 -6.11
C GLN A 78 9.97 -15.36 -6.23
N GLY A 1 4.91 7.21 30.02
CA GLY A 1 3.45 7.28 29.83
C GLY A 1 3.05 6.57 28.55
N ALA A 2 1.82 6.80 28.09
CA ALA A 2 1.24 6.21 26.88
C ALA A 2 0.14 7.12 26.34
N GLU A 3 0.52 8.14 25.57
CA GLU A 3 -0.42 9.10 24.97
C GLU A 3 -1.17 8.55 23.75
N GLN A 4 -0.85 7.33 23.31
CA GLN A 4 -1.42 6.62 22.17
C GLN A 4 -2.85 6.13 22.42
N LEU A 5 -3.81 7.04 22.55
CA LEU A 5 -5.22 6.73 22.78
C LEU A 5 -5.93 6.70 21.42
N GLN A 6 -5.41 5.93 20.46
CA GLN A 6 -5.98 5.81 19.12
C GLN A 6 -6.05 4.34 18.73
N ASN A 7 -6.96 3.99 17.82
CA ASN A 7 -7.16 2.64 17.33
C ASN A 7 -6.22 2.40 16.14
N SER A 8 -5.97 1.12 15.86
CA SER A 8 -5.15 0.61 14.78
C SER A 8 -5.65 -0.81 14.49
N ALA A 9 -5.37 -1.31 13.29
CA ALA A 9 -5.73 -2.62 12.74
C ALA A 9 -5.13 -2.69 11.33
N ASN A 10 -5.56 -3.69 10.56
CA ASN A 10 -5.18 -3.95 9.18
C ASN A 10 -6.51 -4.29 8.52
N ASP A 11 -6.76 -3.77 7.34
CA ASP A 11 -7.99 -3.97 6.57
C ASP A 11 -7.61 -4.43 5.16
N ASP A 12 -8.53 -4.29 4.20
CA ASP A 12 -8.31 -4.65 2.80
C ASP A 12 -8.85 -3.56 1.86
N ASN A 13 -9.54 -2.54 2.41
CA ASN A 13 -10.15 -1.42 1.68
C ASN A 13 -9.68 -0.05 2.17
N ILE A 14 -8.56 -0.01 2.88
CA ILE A 14 -7.95 1.22 3.41
C ILE A 14 -6.43 1.03 3.36
N CYS A 15 -5.70 2.02 2.84
CA CYS A 15 -4.25 2.01 2.74
C CYS A 15 -3.71 2.16 4.16
N ILE A 16 -2.74 1.33 4.53
CA ILE A 16 -2.12 1.33 5.86
C ILE A 16 -1.05 2.41 6.03
N ILE A 17 -0.53 2.99 4.96
CA ILE A 17 0.51 4.01 5.10
C ILE A 17 -0.08 5.30 5.68
N CYS A 18 -1.19 5.75 5.12
CA CYS A 18 -1.89 6.99 5.47
C CYS A 18 -3.23 6.76 6.16
N MET A 19 -3.69 5.52 6.27
CA MET A 19 -4.97 5.15 6.89
C MET A 19 -6.11 5.95 6.24
N ASP A 20 -6.08 6.04 4.91
CA ASP A 20 -7.03 6.73 4.05
C ASP A 20 -7.76 5.67 3.22
N GLU A 21 -8.96 6.02 2.75
CA GLU A 21 -9.78 5.11 1.97
C GLU A 21 -9.02 4.62 0.75
N LEU A 22 -9.17 3.34 0.42
CA LEU A 22 -8.48 2.72 -0.68
C LEU A 22 -9.33 1.59 -1.29
N ILE A 23 -9.85 1.80 -2.49
CA ILE A 23 -10.70 0.84 -3.20
C ILE A 23 -10.98 1.40 -4.61
N HIS A 24 -11.47 0.57 -5.54
CA HIS A 24 -11.78 1.00 -6.89
C HIS A 24 -12.93 0.20 -7.49
N SER A 25 -14.12 0.79 -7.50
CA SER A 25 -15.29 0.15 -8.07
C SER A 25 -15.10 0.07 -9.59
N PRO A 26 -15.57 -0.99 -10.25
CA PRO A 26 -15.44 -1.14 -11.70
C PRO A 26 -16.38 -0.15 -12.38
N ASN A 27 -16.08 0.19 -13.64
CA ASN A 27 -16.87 1.12 -14.46
C ASN A 27 -17.16 2.43 -13.70
N GLN A 28 -16.21 2.86 -12.86
CA GLN A 28 -16.30 4.05 -12.02
C GLN A 28 -14.92 4.69 -11.87
N GLN A 29 -14.83 5.86 -11.24
CA GLN A 29 -13.59 6.57 -11.00
C GLN A 29 -13.63 7.13 -9.59
N THR A 30 -13.43 6.27 -8.60
CA THR A 30 -13.43 6.66 -7.21
C THR A 30 -12.38 7.75 -6.99
N TRP A 31 -11.19 7.60 -7.59
CA TRP A 31 -10.09 8.56 -7.51
C TRP A 31 -9.77 8.98 -8.95
N LYS A 32 -9.41 10.24 -9.15
CA LYS A 32 -9.08 10.84 -10.44
C LYS A 32 -7.59 11.17 -10.55
N ASN A 33 -6.81 10.97 -9.49
CA ASN A 33 -5.38 11.23 -9.49
C ASN A 33 -4.65 9.90 -9.46
N LYS A 34 -3.96 9.55 -10.56
CA LYS A 34 -3.22 8.29 -10.65
C LYS A 34 -2.17 8.12 -9.55
N ASN A 35 -1.72 9.21 -8.92
CA ASN A 35 -0.72 9.11 -7.86
C ASN A 35 -1.18 8.20 -6.74
N LYS A 36 -2.48 8.10 -6.46
CA LYS A 36 -3.01 7.23 -5.41
C LYS A 36 -3.78 6.05 -6.00
N LYS A 37 -3.44 5.58 -7.20
CA LYS A 37 -4.17 4.44 -7.75
C LYS A 37 -3.94 3.24 -6.80
N PRO A 38 -4.88 2.30 -6.69
CA PRO A 38 -4.79 1.11 -5.85
C PRO A 38 -3.88 0.08 -6.51
N LYS A 39 -2.56 0.20 -6.36
CA LYS A 39 -1.60 -0.71 -6.94
C LYS A 39 -1.53 -1.97 -6.07
N ARG A 40 -2.03 -3.09 -6.60
CA ARG A 40 -2.00 -4.36 -5.87
C ARG A 40 -0.54 -4.82 -5.78
N LEU A 41 -0.15 -5.44 -4.69
CA LEU A 41 1.17 -5.98 -4.43
C LEU A 41 1.19 -7.43 -4.91
N PRO A 42 2.37 -7.99 -5.22
CA PRO A 42 2.46 -9.35 -5.69
C PRO A 42 2.11 -10.37 -4.60
N CYS A 43 2.25 -10.02 -3.32
CA CYS A 43 1.93 -10.96 -2.23
C CYS A 43 0.42 -11.16 -2.09
N GLY A 44 -0.31 -10.10 -2.35
CA GLY A 44 -1.76 -10.01 -2.27
C GLY A 44 -2.04 -9.07 -1.12
N HIS A 45 -2.00 -7.78 -1.45
CA HIS A 45 -2.23 -6.60 -0.63
C HIS A 45 -2.48 -5.49 -1.62
N ILE A 46 -2.98 -4.36 -1.15
CA ILE A 46 -3.27 -3.20 -1.97
C ILE A 46 -2.98 -1.99 -1.13
N LEU A 47 -2.25 -1.03 -1.69
CA LEU A 47 -1.90 0.21 -1.04
C LEU A 47 -1.91 1.28 -2.13
N HIS A 48 -1.92 2.56 -1.75
CA HIS A 48 -1.90 3.66 -2.70
C HIS A 48 -0.53 3.63 -3.38
N LEU A 49 -0.51 3.88 -4.69
CA LEU A 49 0.71 3.87 -5.51
C LEU A 49 1.80 4.82 -4.99
N SER A 50 1.43 6.03 -4.58
CA SER A 50 2.31 7.03 -4.05
C SER A 50 2.88 6.58 -2.71
N CYS A 51 2.01 6.13 -1.83
CA CYS A 51 2.35 5.67 -0.50
C CYS A 51 3.35 4.51 -0.56
N LEU A 52 3.17 3.60 -1.52
CA LEU A 52 4.05 2.46 -1.73
C LEU A 52 5.46 2.94 -2.05
N LYS A 53 5.59 3.99 -2.87
CA LYS A 53 6.90 4.54 -3.22
C LYS A 53 7.54 5.17 -2.00
N ASN A 54 6.78 6.03 -1.30
CA ASN A 54 7.21 6.73 -0.09
C ASN A 54 7.75 5.73 0.94
N TRP A 55 7.04 4.62 1.07
CA TRP A 55 7.37 3.55 1.97
C TRP A 55 8.60 2.78 1.48
N MET A 56 8.62 2.36 0.22
CA MET A 56 9.72 1.59 -0.36
C MET A 56 11.04 2.36 -0.34
N GLU A 57 10.99 3.69 -0.38
CA GLU A 57 12.16 4.56 -0.33
C GLU A 57 12.96 4.31 0.95
N ARG A 58 12.30 3.83 2.02
CA ARG A 58 12.93 3.54 3.31
C ARG A 58 13.07 2.04 3.54
N SER A 59 12.05 1.27 3.14
CA SER A 59 12.02 -0.18 3.28
C SER A 59 11.23 -0.83 2.15
N GLN A 60 11.89 -1.44 1.17
CA GLN A 60 11.18 -2.12 0.10
C GLN A 60 10.70 -3.45 0.70
N THR A 61 9.53 -3.46 1.31
CA THR A 61 8.88 -4.62 1.92
C THR A 61 7.40 -4.27 2.13
N CYS A 62 6.58 -5.23 2.55
CA CYS A 62 5.17 -5.03 2.86
C CYS A 62 5.07 -4.57 4.32
N PRO A 63 4.53 -3.39 4.62
CA PRO A 63 4.43 -2.90 6.00
C PRO A 63 3.53 -3.80 6.86
N ILE A 64 2.58 -4.50 6.24
CA ILE A 64 1.63 -5.37 6.91
C ILE A 64 2.22 -6.74 7.24
N CYS A 65 2.60 -7.55 6.23
CA CYS A 65 3.14 -8.89 6.44
C CYS A 65 4.66 -9.01 6.49
N ARG A 66 5.39 -7.90 6.28
CA ARG A 66 6.87 -7.82 6.28
C ARG A 66 7.52 -8.67 5.19
N LEU A 67 6.75 -9.26 4.27
CA LEU A 67 7.30 -10.07 3.19
C LEU A 67 8.09 -9.18 2.22
N PRO A 68 9.12 -9.73 1.56
CA PRO A 68 9.92 -9.02 0.60
C PRO A 68 9.08 -8.80 -0.66
N VAL A 69 9.17 -7.60 -1.19
CA VAL A 69 8.48 -7.17 -2.41
C VAL A 69 9.51 -7.17 -3.54
N PHE A 70 9.22 -6.43 -4.61
CA PHE A 70 10.11 -6.34 -5.76
C PHE A 70 10.96 -5.09 -5.58
N ASP A 71 12.08 -5.01 -6.29
CA ASP A 71 12.97 -3.86 -6.24
C ASP A 71 12.30 -2.63 -6.86
N GLU A 72 12.89 -1.45 -6.72
CA GLU A 72 12.39 -0.20 -7.30
C GLU A 72 12.35 -0.35 -8.83
N LYS A 73 13.31 -1.09 -9.41
CA LYS A 73 13.40 -1.38 -10.83
C LYS A 73 12.43 -2.51 -11.20
N GLY A 74 11.69 -3.06 -10.23
CA GLY A 74 10.69 -4.09 -10.43
C GLY A 74 11.23 -5.47 -10.79
N ASN A 75 12.42 -5.84 -10.33
CA ASN A 75 13.05 -7.14 -10.57
C ASN A 75 14.00 -7.42 -9.41
N VAL A 76 13.75 -8.49 -8.67
CA VAL A 76 14.57 -8.88 -7.54
C VAL A 76 15.97 -9.31 -8.06
N VAL A 77 16.98 -9.06 -7.24
CA VAL A 77 18.38 -9.36 -7.46
C VAL A 77 19.01 -9.58 -6.09
N GLN A 78 19.40 -10.80 -5.75
CA GLN A 78 19.99 -11.21 -4.50
C GLN A 78 20.97 -12.33 -4.79
N GLY A 1 10.86 0.80 29.36
CA GLY A 1 10.72 0.10 28.08
C GLY A 1 9.25 -0.15 27.79
N ALA A 2 8.96 -0.97 26.77
CA ALA A 2 7.62 -1.36 26.31
C ALA A 2 6.64 -0.19 26.05
N GLU A 3 7.13 1.06 26.03
CA GLU A 3 6.39 2.29 25.83
C GLU A 3 5.76 2.43 24.44
N GLN A 4 6.00 1.47 23.55
CA GLN A 4 5.47 1.46 22.20
C GLN A 4 3.95 1.36 22.27
N LEU A 5 3.25 2.12 21.44
CA LEU A 5 1.79 2.17 21.31
C LEU A 5 1.47 2.02 19.82
N GLN A 6 2.25 1.20 19.10
CA GLN A 6 2.03 0.99 17.68
C GLN A 6 0.59 0.50 17.51
N ASN A 7 -0.14 1.09 16.56
CA ASN A 7 -1.53 0.74 16.30
C ASN A 7 -1.67 -0.71 15.83
N SER A 8 -2.86 -1.27 15.97
CA SER A 8 -3.17 -2.65 15.60
C SER A 8 -4.42 -2.72 14.72
N ALA A 9 -4.39 -2.03 13.57
CA ALA A 9 -5.48 -2.02 12.61
C ALA A 9 -4.93 -2.57 11.29
N ASN A 10 -5.80 -3.22 10.52
CA ASN A 10 -5.47 -3.81 9.22
C ASN A 10 -6.78 -3.99 8.46
N ASP A 11 -6.93 -3.32 7.33
CA ASP A 11 -8.12 -3.38 6.49
C ASP A 11 -7.66 -3.72 5.07
N ASP A 12 -8.60 -3.99 4.15
CA ASP A 12 -8.33 -4.36 2.75
C ASP A 12 -8.95 -3.37 1.75
N ASN A 13 -9.60 -2.32 2.25
CA ASN A 13 -10.24 -1.26 1.46
C ASN A 13 -9.78 0.13 1.97
N ILE A 14 -8.70 0.17 2.76
CA ILE A 14 -8.09 1.36 3.35
C ILE A 14 -6.58 1.10 3.39
N CYS A 15 -5.79 2.06 2.92
CA CYS A 15 -4.32 2.01 2.89
C CYS A 15 -3.78 2.13 4.31
N ILE A 16 -2.90 1.23 4.74
CA ILE A 16 -2.29 1.27 6.07
C ILE A 16 -1.24 2.41 6.15
N ILE A 17 -0.72 2.88 5.02
CA ILE A 17 0.32 3.92 5.00
C ILE A 17 -0.21 5.23 5.56
N CYS A 18 -1.38 5.67 5.10
CA CYS A 18 -2.01 6.91 5.52
C CYS A 18 -3.33 6.71 6.26
N MET A 19 -3.81 5.47 6.37
CA MET A 19 -5.08 5.11 7.01
C MET A 19 -6.15 6.03 6.43
N ASP A 20 -6.34 5.89 5.12
CA ASP A 20 -7.28 6.63 4.30
C ASP A 20 -7.93 5.70 3.28
N GLU A 21 -9.11 6.06 2.78
CA GLU A 21 -9.90 5.31 1.81
C GLU A 21 -9.07 4.80 0.65
N LEU A 22 -9.18 3.50 0.37
CA LEU A 22 -8.44 2.86 -0.70
C LEU A 22 -9.25 1.71 -1.31
N ILE A 23 -9.87 1.93 -2.47
CA ILE A 23 -10.65 0.91 -3.16
C ILE A 23 -11.11 1.46 -4.52
N HIS A 24 -11.50 0.60 -5.47
CA HIS A 24 -11.95 1.05 -6.76
C HIS A 24 -12.95 0.08 -7.38
N SER A 25 -14.23 0.42 -7.30
CA SER A 25 -15.27 -0.40 -7.91
C SER A 25 -15.08 -0.26 -9.44
N PRO A 26 -15.48 -1.25 -10.24
CA PRO A 26 -15.30 -1.16 -11.69
C PRO A 26 -16.20 -0.08 -12.27
N ASN A 27 -15.87 0.39 -13.49
CA ASN A 27 -16.61 1.42 -14.22
C ASN A 27 -16.80 2.72 -13.43
N GLN A 28 -15.94 3.02 -12.45
CA GLN A 28 -16.08 4.22 -11.62
C GLN A 28 -14.71 4.86 -11.35
N GLN A 29 -14.50 6.10 -11.82
CA GLN A 29 -13.26 6.84 -11.59
C GLN A 29 -13.28 7.30 -10.13
N THR A 30 -12.96 6.40 -9.20
CA THR A 30 -12.94 6.66 -7.78
C THR A 30 -11.96 7.80 -7.44
N TRP A 31 -10.68 7.62 -7.78
CA TRP A 31 -9.64 8.60 -7.52
C TRP A 31 -9.20 9.17 -8.86
N LYS A 32 -9.42 10.47 -9.06
CA LYS A 32 -9.11 11.19 -10.27
C LYS A 32 -7.60 11.36 -10.55
N ASN A 33 -6.67 10.83 -9.74
CA ASN A 33 -5.23 10.98 -9.99
C ASN A 33 -4.52 9.65 -9.78
N LYS A 34 -3.75 9.22 -10.80
CA LYS A 34 -2.95 7.98 -10.81
C LYS A 34 -1.92 7.94 -9.68
N ASN A 35 -1.63 9.09 -9.06
CA ASN A 35 -0.69 9.19 -7.94
C ASN A 35 -1.13 8.28 -6.81
N LYS A 36 -2.44 8.04 -6.62
CA LYS A 36 -2.97 7.18 -5.57
C LYS A 36 -3.72 6.00 -6.19
N LYS A 37 -3.14 5.40 -7.24
CA LYS A 37 -3.75 4.25 -7.90
C LYS A 37 -3.57 3.01 -7.02
N PRO A 38 -4.53 2.06 -6.97
CA PRO A 38 -4.43 0.86 -6.15
C PRO A 38 -3.47 -0.17 -6.72
N LYS A 39 -2.20 -0.10 -6.32
CA LYS A 39 -1.20 -1.04 -6.77
C LYS A 39 -1.33 -2.27 -5.85
N ARG A 40 -1.83 -3.39 -6.38
CA ARG A 40 -1.97 -4.62 -5.60
C ARG A 40 -0.59 -5.26 -5.61
N LEU A 41 -0.09 -5.67 -4.45
CA LEU A 41 1.21 -6.29 -4.26
C LEU A 41 1.20 -7.72 -4.78
N PRO A 42 2.39 -8.30 -5.08
CA PRO A 42 2.47 -9.67 -5.58
C PRO A 42 2.06 -10.70 -4.53
N CYS A 43 2.15 -10.36 -3.23
CA CYS A 43 1.77 -11.25 -2.13
C CYS A 43 0.25 -11.31 -1.99
N GLY A 44 -0.43 -10.20 -2.29
CA GLY A 44 -1.86 -10.03 -2.20
C GLY A 44 -2.16 -9.11 -1.03
N HIS A 45 -2.06 -7.81 -1.31
CA HIS A 45 -2.31 -6.66 -0.44
C HIS A 45 -2.54 -5.50 -1.38
N ILE A 46 -3.06 -4.40 -0.87
CA ILE A 46 -3.34 -3.21 -1.67
C ILE A 46 -3.02 -1.98 -0.84
N LEU A 47 -2.31 -1.04 -1.45
CA LEU A 47 -1.89 0.24 -0.88
C LEU A 47 -1.89 1.29 -2.00
N HIS A 48 -1.99 2.58 -1.65
CA HIS A 48 -1.96 3.71 -2.60
C HIS A 48 -0.58 3.71 -3.26
N LEU A 49 -0.51 4.07 -4.55
CA LEU A 49 0.74 4.12 -5.31
C LEU A 49 1.77 5.04 -4.65
N SER A 50 1.45 6.31 -4.42
CA SER A 50 2.37 7.27 -3.83
C SER A 50 2.85 6.85 -2.45
N CYS A 51 1.93 6.30 -1.66
CA CYS A 51 2.21 5.88 -0.32
C CYS A 51 3.20 4.72 -0.28
N LEU A 52 2.92 3.67 -1.07
CA LEU A 52 3.79 2.52 -1.16
C LEU A 52 5.17 2.95 -1.65
N LYS A 53 5.25 3.89 -2.60
CA LYS A 53 6.52 4.37 -3.10
C LYS A 53 7.33 4.98 -1.98
N ASN A 54 6.72 5.91 -1.23
CA ASN A 54 7.39 6.59 -0.12
C ASN A 54 7.93 5.57 0.87
N TRP A 55 7.09 4.60 1.23
CA TRP A 55 7.44 3.53 2.14
C TRP A 55 8.64 2.74 1.59
N MET A 56 8.57 2.32 0.32
CA MET A 56 9.60 1.56 -0.36
C MET A 56 10.94 2.31 -0.43
N GLU A 57 10.97 3.65 -0.41
CA GLU A 57 12.23 4.38 -0.46
C GLU A 57 13.09 4.08 0.75
N ARG A 58 12.45 3.73 1.87
CA ARG A 58 13.07 3.42 3.14
C ARG A 58 13.15 1.93 3.38
N SER A 59 12.07 1.20 3.12
CA SER A 59 11.99 -0.24 3.34
C SER A 59 11.26 -0.92 2.18
N GLN A 60 11.97 -1.53 1.22
CA GLN A 60 11.29 -2.19 0.11
C GLN A 60 10.75 -3.52 0.66
N THR A 61 9.52 -3.48 1.17
CA THR A 61 8.77 -4.59 1.74
C THR A 61 7.29 -4.19 1.83
N CYS A 62 6.43 -5.16 2.19
CA CYS A 62 5.02 -4.93 2.40
C CYS A 62 4.97 -4.52 3.87
N PRO A 63 4.50 -3.33 4.25
CA PRO A 63 4.47 -2.93 5.65
C PRO A 63 3.55 -3.80 6.52
N ILE A 64 2.63 -4.55 5.89
CA ILE A 64 1.66 -5.40 6.56
C ILE A 64 2.31 -6.74 6.96
N CYS A 65 2.67 -7.59 5.99
CA CYS A 65 3.24 -8.91 6.24
C CYS A 65 4.77 -8.95 6.30
N ARG A 66 5.42 -7.84 5.97
CA ARG A 66 6.88 -7.64 5.97
C ARG A 66 7.58 -8.43 4.87
N LEU A 67 6.87 -9.01 3.90
CA LEU A 67 7.46 -9.80 2.82
C LEU A 67 8.40 -8.96 1.94
N PRO A 68 9.45 -9.58 1.35
CA PRO A 68 10.41 -8.92 0.49
C PRO A 68 9.82 -8.69 -0.91
N VAL A 69 9.29 -7.49 -1.14
CA VAL A 69 8.69 -7.09 -2.42
C VAL A 69 9.79 -6.91 -3.48
N PHE A 70 9.37 -6.49 -4.65
CA PHE A 70 10.25 -6.23 -5.78
C PHE A 70 10.97 -4.93 -5.51
N ASP A 71 12.12 -4.75 -6.16
CA ASP A 71 12.95 -3.57 -6.03
C ASP A 71 12.19 -2.31 -6.42
N GLU A 72 12.78 -1.13 -6.18
CA GLU A 72 12.17 0.14 -6.56
C GLU A 72 11.99 0.23 -8.09
N LYS A 73 12.73 -0.59 -8.84
CA LYS A 73 12.70 -0.69 -10.30
C LYS A 73 11.61 -1.69 -10.75
N GLY A 74 10.96 -2.37 -9.79
CA GLY A 74 9.92 -3.35 -10.00
C GLY A 74 10.47 -4.62 -10.67
N ASN A 75 11.77 -4.88 -10.52
CA ASN A 75 12.46 -6.02 -11.12
C ASN A 75 13.62 -6.39 -10.19
N VAL A 76 13.57 -7.56 -9.55
CA VAL A 76 14.61 -8.01 -8.63
C VAL A 76 15.82 -8.56 -9.39
N VAL A 77 16.76 -9.15 -8.64
CA VAL A 77 17.98 -9.74 -9.15
C VAL A 77 18.53 -10.70 -8.09
N GLN A 78 18.88 -11.94 -8.47
CA GLN A 78 19.46 -12.94 -7.59
C GLN A 78 20.14 -14.03 -8.42
N GLY A 1 -4.37 -0.65 31.37
CA GLY A 1 -3.51 -0.12 30.30
C GLY A 1 -4.32 0.76 29.37
N ALA A 2 -4.21 0.52 28.05
CA ALA A 2 -4.93 1.26 27.03
C ALA A 2 -5.83 0.31 26.25
N GLU A 3 -5.24 -0.52 25.38
CA GLU A 3 -5.92 -1.53 24.55
C GLU A 3 -6.94 -0.96 23.54
N GLN A 4 -7.09 0.36 23.49
CA GLN A 4 -7.99 1.16 22.65
C GLN A 4 -7.72 0.92 21.14
N LEU A 5 -8.28 -0.16 20.59
CA LEU A 5 -8.15 -0.57 19.20
C LEU A 5 -9.23 0.13 18.38
N GLN A 6 -8.89 1.23 17.72
CA GLN A 6 -9.82 1.99 16.90
C GLN A 6 -9.90 1.35 15.50
N ASN A 7 -10.26 0.06 15.44
CA ASN A 7 -10.35 -0.74 14.20
C ASN A 7 -8.96 -0.96 13.58
N SER A 8 -7.90 -0.68 14.34
CA SER A 8 -6.48 -0.79 14.01
C SER A 8 -5.98 -2.22 13.74
N ALA A 9 -6.86 -3.16 13.36
CA ALA A 9 -6.51 -4.55 13.07
C ALA A 9 -5.82 -4.61 11.70
N ASN A 10 -6.47 -5.23 10.71
CA ASN A 10 -5.96 -5.37 9.36
C ASN A 10 -7.10 -5.23 8.38
N ASP A 11 -7.24 -4.06 7.76
CA ASP A 11 -8.28 -3.84 6.76
C ASP A 11 -7.70 -4.36 5.44
N ASP A 12 -8.46 -4.29 4.35
CA ASP A 12 -8.00 -4.74 3.03
C ASP A 12 -8.36 -3.76 1.92
N ASN A 13 -8.98 -2.64 2.28
CA ASN A 13 -9.41 -1.58 1.39
C ASN A 13 -9.05 -0.20 1.98
N ILE A 14 -7.98 -0.13 2.78
CA ILE A 14 -7.50 1.11 3.38
C ILE A 14 -5.98 1.03 3.36
N CYS A 15 -5.33 2.06 2.81
CA CYS A 15 -3.88 2.14 2.73
C CYS A 15 -3.34 2.35 4.15
N ILE A 16 -2.51 1.44 4.62
CA ILE A 16 -1.90 1.48 5.96
C ILE A 16 -0.88 2.63 6.09
N ILE A 17 -0.38 3.18 5.00
CA ILE A 17 0.62 4.25 5.04
C ILE A 17 0.02 5.54 5.61
N CYS A 18 -1.14 5.92 5.09
CA CYS A 18 -1.85 7.13 5.48
C CYS A 18 -3.16 6.87 6.22
N MET A 19 -3.56 5.60 6.33
CA MET A 19 -4.78 5.13 6.98
C MET A 19 -6.02 5.78 6.33
N ASP A 20 -5.94 6.07 5.03
CA ASP A 20 -7.01 6.67 4.24
C ASP A 20 -7.62 5.62 3.32
N GLU A 21 -8.87 5.86 2.93
CA GLU A 21 -9.65 4.98 2.07
C GLU A 21 -8.89 4.65 0.79
N LEU A 22 -8.88 3.36 0.44
CA LEU A 22 -8.19 2.83 -0.71
C LEU A 22 -9.04 1.74 -1.36
N ILE A 23 -9.72 2.06 -2.46
CA ILE A 23 -10.56 1.10 -3.18
C ILE A 23 -11.04 1.69 -4.50
N HIS A 24 -11.53 0.86 -5.42
CA HIS A 24 -12.04 1.26 -6.71
C HIS A 24 -13.06 0.24 -7.18
N SER A 25 -13.83 0.60 -8.20
CA SER A 25 -14.85 -0.23 -8.81
C SER A 25 -14.47 -0.41 -10.28
N PRO A 26 -14.93 -1.47 -10.96
CA PRO A 26 -14.61 -1.70 -12.37
C PRO A 26 -15.27 -0.70 -13.31
N ASN A 27 -16.28 0.06 -12.87
CA ASN A 27 -16.97 1.05 -13.69
C ASN A 27 -17.08 2.39 -12.99
N GLN A 28 -17.54 2.40 -11.74
CA GLN A 28 -17.69 3.64 -10.97
C GLN A 28 -16.31 4.26 -10.71
N GLN A 29 -16.13 5.49 -11.19
CA GLN A 29 -14.90 6.27 -11.03
C GLN A 29 -14.64 6.57 -9.56
N THR A 30 -13.43 6.34 -9.05
CA THR A 30 -13.11 6.62 -7.65
C THR A 30 -12.12 7.77 -7.57
N TRP A 31 -10.84 7.53 -7.82
CA TRP A 31 -9.80 8.55 -7.74
C TRP A 31 -9.49 9.13 -9.11
N LYS A 32 -9.75 10.42 -9.31
CA LYS A 32 -9.50 11.11 -10.57
C LYS A 32 -8.02 11.38 -10.84
N ASN A 33 -7.09 10.88 -10.02
CA ASN A 33 -5.65 11.09 -10.19
C ASN A 33 -4.94 9.76 -9.97
N LYS A 34 -4.04 9.38 -10.89
CA LYS A 34 -3.29 8.12 -10.81
C LYS A 34 -2.28 8.10 -9.65
N ASN A 35 -1.97 9.25 -9.02
CA ASN A 35 -1.00 9.28 -7.90
C ASN A 35 -1.41 8.30 -6.80
N LYS A 36 -2.71 8.07 -6.57
CA LYS A 36 -3.21 7.17 -5.54
C LYS A 36 -3.89 5.95 -6.13
N LYS A 37 -3.42 5.49 -7.30
CA LYS A 37 -3.98 4.33 -7.95
C LYS A 37 -3.77 3.12 -7.01
N PRO A 38 -4.74 2.20 -6.85
CA PRO A 38 -4.62 1.04 -5.99
C PRO A 38 -3.70 -0.02 -6.58
N LYS A 39 -2.37 0.09 -6.38
CA LYS A 39 -1.43 -0.89 -6.90
C LYS A 39 -1.52 -2.12 -5.99
N ARG A 40 -1.69 -3.31 -6.58
CA ARG A 40 -1.78 -4.57 -5.83
C ARG A 40 -0.38 -5.18 -5.79
N LEU A 41 0.07 -5.57 -4.60
CA LEU A 41 1.37 -6.18 -4.35
C LEU A 41 1.41 -7.58 -4.93
N PRO A 42 2.60 -8.18 -5.11
CA PRO A 42 2.69 -9.53 -5.65
C PRO A 42 2.16 -10.56 -4.66
N CYS A 43 2.20 -10.27 -3.35
CA CYS A 43 1.74 -11.16 -2.30
C CYS A 43 0.21 -11.24 -2.24
N GLY A 44 -0.43 -10.13 -2.57
CA GLY A 44 -1.86 -9.94 -2.55
C GLY A 44 -2.14 -9.05 -1.35
N HIS A 45 -2.00 -7.76 -1.58
CA HIS A 45 -2.21 -6.63 -0.67
C HIS A 45 -2.40 -5.46 -1.62
N ILE A 46 -2.86 -4.33 -1.13
CA ILE A 46 -3.11 -3.14 -1.92
C ILE A 46 -2.75 -1.94 -1.06
N LEU A 47 -2.04 -0.99 -1.67
CA LEU A 47 -1.60 0.26 -1.06
C LEU A 47 -1.68 1.33 -2.16
N HIS A 48 -1.85 2.61 -1.80
CA HIS A 48 -1.92 3.68 -2.79
C HIS A 48 -0.57 3.72 -3.50
N LEU A 49 -0.56 4.07 -4.78
CA LEU A 49 0.64 4.15 -5.59
C LEU A 49 1.69 5.09 -4.97
N SER A 50 1.34 6.34 -4.66
CA SER A 50 2.28 7.29 -4.10
C SER A 50 2.71 6.91 -2.68
N CYS A 51 1.79 6.41 -1.87
CA CYS A 51 2.11 6.01 -0.50
C CYS A 51 3.09 4.84 -0.50
N LEU A 52 2.81 3.82 -1.29
CA LEU A 52 3.63 2.63 -1.42
C LEU A 52 5.03 3.03 -1.90
N LYS A 53 5.10 3.98 -2.84
CA LYS A 53 6.35 4.49 -3.38
C LYS A 53 7.18 5.13 -2.27
N ASN A 54 6.53 5.89 -1.39
CA ASN A 54 7.21 6.57 -0.29
C ASN A 54 7.78 5.53 0.69
N TRP A 55 6.96 4.54 1.01
CA TRP A 55 7.32 3.46 1.93
C TRP A 55 8.51 2.68 1.41
N MET A 56 8.45 2.24 0.15
CA MET A 56 9.49 1.45 -0.48
C MET A 56 10.83 2.18 -0.53
N GLU A 57 10.86 3.52 -0.57
CA GLU A 57 12.12 4.28 -0.58
C GLU A 57 12.88 4.07 0.73
N ARG A 58 12.16 3.75 1.82
CA ARG A 58 12.71 3.55 3.16
C ARG A 58 12.75 2.09 3.62
N SER A 59 11.77 1.28 3.23
CA SER A 59 11.66 -0.12 3.60
C SER A 59 11.00 -0.87 2.44
N GLN A 60 11.77 -1.43 1.49
CA GLN A 60 11.12 -2.16 0.40
C GLN A 60 10.62 -3.51 0.94
N THR A 61 9.38 -3.50 1.42
CA THR A 61 8.66 -4.64 1.97
C THR A 61 7.17 -4.33 2.04
N CYS A 62 6.35 -5.33 2.38
CA CYS A 62 4.91 -5.20 2.57
C CYS A 62 4.84 -4.78 4.05
N PRO A 63 4.33 -3.59 4.40
CA PRO A 63 4.29 -3.15 5.79
C PRO A 63 3.44 -4.00 6.74
N ILE A 64 2.47 -4.75 6.21
CA ILE A 64 1.56 -5.57 7.00
C ILE A 64 2.15 -6.94 7.35
N CYS A 65 2.37 -7.79 6.34
CA CYS A 65 2.88 -9.15 6.52
C CYS A 65 4.38 -9.22 6.70
N ARG A 66 5.10 -8.16 6.30
CA ARG A 66 6.56 -7.99 6.36
C ARG A 66 7.28 -8.74 5.24
N LEU A 67 6.54 -9.26 4.27
CA LEU A 67 7.10 -9.98 3.14
C LEU A 67 7.99 -9.07 2.29
N PRO A 68 9.03 -9.62 1.65
CA PRO A 68 9.89 -8.85 0.78
C PRO A 68 9.11 -8.54 -0.50
N VAL A 69 9.39 -7.39 -1.10
CA VAL A 69 8.78 -6.94 -2.35
C VAL A 69 9.87 -6.68 -3.41
N PHE A 70 9.45 -6.22 -4.59
CA PHE A 70 10.31 -5.91 -5.72
C PHE A 70 11.12 -4.64 -5.42
N ASP A 71 12.21 -4.41 -6.16
CA ASP A 71 13.02 -3.21 -5.95
C ASP A 71 12.28 -1.96 -6.45
N GLU A 72 12.76 -0.77 -6.14
CA GLU A 72 12.20 0.51 -6.55
C GLU A 72 12.14 0.59 -8.07
N LYS A 73 13.09 -0.04 -8.76
CA LYS A 73 13.13 -0.09 -10.22
C LYS A 73 11.95 -0.92 -10.75
N GLY A 74 11.26 -1.68 -9.90
CA GLY A 74 10.13 -2.50 -10.27
C GLY A 74 10.49 -3.94 -10.63
N ASN A 75 11.64 -4.45 -10.19
CA ASN A 75 12.11 -5.81 -10.46
C ASN A 75 12.86 -6.37 -9.25
N VAL A 76 13.04 -7.68 -9.16
CA VAL A 76 13.76 -8.40 -8.11
C VAL A 76 14.15 -9.77 -8.66
N VAL A 77 15.24 -10.33 -8.17
CA VAL A 77 15.78 -11.62 -8.54
C VAL A 77 16.37 -12.21 -7.26
N GLN A 78 15.85 -13.36 -6.86
CA GLN A 78 16.26 -14.11 -5.68
C GLN A 78 16.00 -15.56 -6.02
N GLY A 1 1.51 18.45 14.29
CA GLY A 1 0.55 17.63 15.06
C GLY A 1 0.55 18.08 16.50
N ALA A 2 0.26 17.16 17.42
CA ALA A 2 0.23 17.37 18.86
C ALA A 2 0.26 15.98 19.47
N GLU A 3 -0.89 15.30 19.52
CA GLU A 3 -1.02 13.95 20.04
C GLU A 3 -1.03 13.01 18.85
N GLN A 4 -0.16 12.01 18.85
CA GLN A 4 -0.09 11.04 17.76
C GLN A 4 -0.84 9.79 18.18
N LEU A 5 -1.21 8.97 17.21
CA LEU A 5 -1.93 7.72 17.40
C LEU A 5 -1.49 6.74 16.33
N GLN A 6 -2.05 5.54 16.43
CA GLN A 6 -1.89 4.40 15.55
C GLN A 6 -3.33 3.88 15.40
N ASN A 7 -3.58 3.06 14.38
CA ASN A 7 -4.92 2.50 14.15
C ASN A 7 -4.78 1.03 13.80
N SER A 8 -3.92 0.76 12.81
CA SER A 8 -3.61 -0.58 12.35
C SER A 8 -4.83 -1.46 12.08
N ALA A 9 -5.85 -0.92 11.37
CA ALA A 9 -7.07 -1.67 11.04
C ALA A 9 -6.80 -2.94 10.21
N ASN A 10 -5.62 -3.02 9.57
CA ASN A 10 -5.14 -4.12 8.73
C ASN A 10 -6.29 -4.64 7.85
N ASP A 11 -6.97 -3.68 7.23
CA ASP A 11 -8.12 -3.90 6.37
C ASP A 11 -7.74 -4.29 4.95
N ASP A 12 -8.72 -4.43 4.08
CA ASP A 12 -8.58 -4.81 2.67
C ASP A 12 -8.98 -3.68 1.72
N ASN A 13 -9.62 -2.65 2.26
CA ASN A 13 -10.10 -1.49 1.50
C ASN A 13 -9.57 -0.19 2.11
N ILE A 14 -8.42 -0.23 2.80
CA ILE A 14 -7.81 0.96 3.43
C ILE A 14 -6.28 0.87 3.35
N CYS A 15 -5.64 1.95 2.87
CA CYS A 15 -4.18 2.08 2.75
C CYS A 15 -3.64 2.23 4.16
N ILE A 16 -2.83 1.28 4.60
CA ILE A 16 -2.23 1.25 5.93
C ILE A 16 -1.13 2.34 6.10
N ILE A 17 -0.57 2.89 5.02
CA ILE A 17 0.48 3.90 5.14
C ILE A 17 -0.05 5.16 5.85
N CYS A 18 -1.24 5.61 5.43
CA CYS A 18 -1.90 6.81 5.95
C CYS A 18 -3.24 6.56 6.63
N MET A 19 -3.71 5.31 6.61
CA MET A 19 -4.98 4.87 7.19
C MET A 19 -6.10 5.70 6.58
N ASP A 20 -6.13 5.75 5.25
CA ASP A 20 -7.12 6.46 4.44
C ASP A 20 -7.81 5.45 3.52
N GLU A 21 -9.05 5.74 3.16
CA GLU A 21 -9.90 4.90 2.31
C GLU A 21 -9.12 4.53 1.04
N LEU A 22 -9.18 3.26 0.66
CA LEU A 22 -8.49 2.74 -0.51
C LEU A 22 -9.31 1.67 -1.20
N ILE A 23 -9.84 1.98 -2.37
CA ILE A 23 -10.63 1.05 -3.16
C ILE A 23 -10.91 1.70 -4.51
N HIS A 24 -11.31 0.94 -5.53
CA HIS A 24 -11.64 1.47 -6.83
C HIS A 24 -12.74 0.61 -7.43
N SER A 25 -13.48 1.20 -8.36
CA SER A 25 -14.55 0.55 -9.08
C SER A 25 -14.18 0.59 -10.57
N PRO A 26 -14.65 -0.35 -11.40
CA PRO A 26 -14.32 -0.37 -12.81
C PRO A 26 -15.03 0.75 -13.59
N ASN A 27 -16.35 0.67 -13.76
CA ASN A 27 -17.14 1.65 -14.50
C ASN A 27 -17.41 2.94 -13.70
N GLN A 28 -16.70 3.20 -12.61
CA GLN A 28 -16.89 4.38 -11.75
C GLN A 28 -15.53 4.95 -11.33
N GLN A 29 -15.27 6.23 -11.62
CA GLN A 29 -14.00 6.89 -11.27
C GLN A 29 -13.92 7.25 -9.80
N THR A 30 -13.41 6.36 -8.94
CA THR A 30 -13.31 6.69 -7.52
C THR A 30 -12.25 7.79 -7.35
N TRP A 31 -11.08 7.69 -8.02
CA TRP A 31 -10.00 8.65 -7.91
C TRP A 31 -9.74 9.36 -9.24
N LYS A 32 -9.32 10.63 -9.18
CA LYS A 32 -9.04 11.48 -10.34
C LYS A 32 -7.55 11.54 -10.71
N ASN A 33 -6.64 10.89 -9.98
CA ASN A 33 -5.20 10.90 -10.27
C ASN A 33 -4.59 9.54 -9.98
N LYS A 34 -3.72 9.07 -10.88
CA LYS A 34 -2.99 7.81 -10.82
C LYS A 34 -2.01 7.78 -9.63
N ASN A 35 -1.68 8.94 -9.03
CA ASN A 35 -0.78 9.08 -7.87
C ASN A 35 -1.30 8.29 -6.66
N LYS A 36 -2.58 7.92 -6.62
CA LYS A 36 -3.15 7.13 -5.53
C LYS A 36 -3.90 5.92 -6.08
N LYS A 37 -3.46 5.41 -7.25
CA LYS A 37 -4.06 4.25 -7.89
C LYS A 37 -3.75 3.02 -7.02
N PRO A 38 -4.69 2.07 -6.90
CA PRO A 38 -4.50 0.85 -6.11
C PRO A 38 -3.51 -0.11 -6.75
N LYS A 39 -2.23 0.01 -6.41
CA LYS A 39 -1.19 -0.87 -6.93
C LYS A 39 -1.20 -2.15 -6.09
N ARG A 40 -1.67 -3.26 -6.66
CA ARG A 40 -1.70 -4.54 -5.95
C ARG A 40 -0.27 -5.05 -5.81
N LEU A 41 0.04 -5.71 -4.70
CA LEU A 41 1.33 -6.30 -4.40
C LEU A 41 1.29 -7.77 -4.80
N PRO A 42 2.45 -8.38 -5.07
CA PRO A 42 2.53 -9.77 -5.47
C PRO A 42 2.10 -10.73 -4.36
N CYS A 43 2.23 -10.32 -3.09
CA CYS A 43 1.86 -11.17 -1.95
C CYS A 43 0.35 -11.21 -1.73
N GLY A 44 -0.33 -10.13 -2.11
CA GLY A 44 -1.77 -9.97 -2.00
C GLY A 44 -2.02 -8.91 -0.94
N HIS A 45 -1.97 -7.67 -1.38
CA HIS A 45 -2.18 -6.42 -0.67
C HIS A 45 -2.39 -5.35 -1.72
N ILE A 46 -2.86 -4.18 -1.30
CA ILE A 46 -3.10 -3.02 -2.15
C ILE A 46 -2.76 -1.80 -1.31
N LEU A 47 -1.99 -0.87 -1.88
CA LEU A 47 -1.57 0.37 -1.24
C LEU A 47 -1.57 1.47 -2.32
N HIS A 48 -1.70 2.72 -1.89
CA HIS A 48 -1.75 3.90 -2.76
C HIS A 48 -0.42 3.94 -3.48
N LEU A 49 -0.45 4.24 -4.78
CA LEU A 49 0.75 4.30 -5.61
C LEU A 49 1.84 5.20 -5.00
N SER A 50 1.51 6.43 -4.59
CA SER A 50 2.46 7.34 -3.98
C SER A 50 2.90 6.86 -2.60
N CYS A 51 1.97 6.45 -1.73
CA CYS A 51 2.30 5.99 -0.39
C CYS A 51 3.22 4.77 -0.43
N LEU A 52 2.94 3.84 -1.33
CA LEU A 52 3.71 2.64 -1.56
C LEU A 52 5.13 3.03 -1.95
N LYS A 53 5.30 3.96 -2.88
CA LYS A 53 6.61 4.41 -3.32
C LYS A 53 7.37 4.99 -2.15
N ASN A 54 6.77 5.95 -1.45
CA ASN A 54 7.38 6.66 -0.33
C ASN A 54 7.87 5.67 0.73
N TRP A 55 7.08 4.65 1.02
CA TRP A 55 7.46 3.64 1.97
C TRP A 55 8.62 2.82 1.40
N MET A 56 8.48 2.34 0.15
CA MET A 56 9.50 1.55 -0.52
C MET A 56 10.86 2.26 -0.58
N GLU A 57 10.90 3.59 -0.65
CA GLU A 57 12.15 4.35 -0.71
C GLU A 57 13.03 4.07 0.52
N ARG A 58 12.43 3.73 1.66
CA ARG A 58 13.14 3.46 2.91
C ARG A 58 13.16 1.98 3.24
N SER A 59 12.13 1.23 2.87
CA SER A 59 12.02 -0.20 3.14
C SER A 59 11.24 -0.87 2.01
N GLN A 60 11.90 -1.48 1.01
CA GLN A 60 11.15 -2.16 -0.03
C GLN A 60 10.70 -3.49 0.60
N THR A 61 9.53 -3.49 1.23
CA THR A 61 8.88 -4.62 1.88
C THR A 61 7.41 -4.24 2.12
N CYS A 62 6.55 -5.17 2.52
CA CYS A 62 5.15 -4.90 2.82
C CYS A 62 5.06 -4.46 4.28
N PRO A 63 4.51 -3.28 4.59
CA PRO A 63 4.39 -2.79 5.95
C PRO A 63 3.25 -3.49 6.73
N ILE A 64 2.59 -4.48 6.13
CA ILE A 64 1.49 -5.21 6.71
C ILE A 64 1.96 -6.59 7.15
N CYS A 65 2.37 -7.43 6.19
CA CYS A 65 2.83 -8.80 6.43
C CYS A 65 4.35 -8.94 6.56
N ARG A 66 5.11 -7.88 6.29
CA ARG A 66 6.59 -7.86 6.35
C ARG A 66 7.21 -8.74 5.26
N LEU A 67 6.44 -9.21 4.27
CA LEU A 67 7.00 -10.03 3.19
C LEU A 67 7.84 -9.13 2.28
N PRO A 68 8.89 -9.68 1.65
CA PRO A 68 9.74 -8.93 0.75
C PRO A 68 8.97 -8.61 -0.53
N VAL A 69 9.26 -7.46 -1.12
CA VAL A 69 8.63 -7.01 -2.37
C VAL A 69 9.73 -6.69 -3.39
N PHE A 70 9.30 -6.29 -4.59
CA PHE A 70 10.16 -5.93 -5.71
C PHE A 70 10.87 -4.62 -5.33
N ASP A 71 12.02 -4.38 -5.94
CA ASP A 71 12.84 -3.20 -5.70
C ASP A 71 12.10 -1.92 -6.12
N GLU A 72 12.67 -0.75 -5.80
CA GLU A 72 12.08 0.54 -6.15
C GLU A 72 11.82 0.66 -7.66
N LYS A 73 12.63 -0.01 -8.48
CA LYS A 73 12.53 -0.03 -9.94
C LYS A 73 11.36 -0.88 -10.41
N GLY A 74 10.78 -1.69 -9.53
CA GLY A 74 9.67 -2.58 -9.81
C GLY A 74 10.14 -3.95 -10.29
N ASN A 75 11.37 -4.35 -9.99
CA ASN A 75 12.02 -5.61 -10.34
C ASN A 75 12.86 -6.08 -9.15
N VAL A 76 13.21 -7.36 -9.07
CA VAL A 76 14.07 -7.96 -8.05
C VAL A 76 15.34 -8.32 -8.84
N VAL A 77 16.52 -8.17 -8.24
CA VAL A 77 17.79 -8.44 -8.89
C VAL A 77 18.62 -9.37 -8.02
N GLN A 78 18.69 -10.63 -8.42
CA GLN A 78 19.43 -11.72 -7.78
C GLN A 78 19.93 -12.60 -8.93
N GLY A 1 -5.10 12.01 10.45
CA GLY A 1 -6.32 12.29 11.22
C GLY A 1 -6.00 13.05 12.49
N ALA A 2 -7.04 13.47 13.23
CA ALA A 2 -6.88 14.23 14.48
C ALA A 2 -7.40 13.52 15.73
N GLU A 3 -7.98 12.33 15.59
CA GLU A 3 -8.51 11.60 16.74
C GLU A 3 -8.35 10.08 16.60
N GLN A 4 -8.41 9.54 15.38
CA GLN A 4 -8.30 8.11 15.12
C GLN A 4 -6.98 7.59 15.64
N LEU A 5 -7.05 6.66 16.57
CA LEU A 5 -5.89 6.03 17.19
C LEU A 5 -6.21 4.55 17.31
N GLN A 6 -5.83 3.78 16.29
CA GLN A 6 -6.03 2.35 16.24
C GLN A 6 -4.67 1.72 16.50
N ASN A 7 -4.54 0.98 17.60
CA ASN A 7 -3.28 0.36 17.99
C ASN A 7 -2.87 -0.73 17.00
N SER A 8 -3.72 -1.74 16.82
CA SER A 8 -3.47 -2.87 15.94
C SER A 8 -4.71 -3.25 15.14
N ALA A 9 -4.63 -3.15 13.82
CA ALA A 9 -5.72 -3.48 12.90
C ALA A 9 -5.17 -3.86 11.53
N ASN A 10 -6.04 -4.34 10.65
CA ASN A 10 -5.73 -4.75 9.29
C ASN A 10 -7.00 -4.57 8.46
N ASP A 11 -6.90 -3.95 7.29
CA ASP A 11 -8.02 -3.70 6.38
C ASP A 11 -7.57 -4.04 4.96
N ASP A 12 -8.53 -4.25 4.06
CA ASP A 12 -8.34 -4.60 2.66
C ASP A 12 -8.82 -3.50 1.70
N ASN A 13 -9.39 -2.41 2.23
CA ASN A 13 -9.90 -1.27 1.46
C ASN A 13 -9.34 0.05 2.02
N ILE A 14 -8.25 0.02 2.80
CA ILE A 14 -7.63 1.23 3.39
C ILE A 14 -6.10 1.10 3.37
N CYS A 15 -5.43 2.14 2.88
CA CYS A 15 -3.97 2.25 2.81
C CYS A 15 -3.46 2.43 4.24
N ILE A 16 -2.62 1.50 4.68
CA ILE A 16 -2.03 1.47 6.02
C ILE A 16 -1.00 2.61 6.24
N ILE A 17 -0.45 3.18 5.16
CA ILE A 17 0.55 4.24 5.25
C ILE A 17 -0.03 5.47 5.93
N CYS A 18 -1.23 5.88 5.51
CA CYS A 18 -1.93 7.05 6.04
C CYS A 18 -3.28 6.79 6.68
N MET A 19 -3.75 5.53 6.68
CA MET A 19 -5.05 5.14 7.23
C MET A 19 -6.17 5.92 6.54
N ASP A 20 -6.16 5.94 5.21
CA ASP A 20 -7.13 6.62 4.35
C ASP A 20 -7.71 5.63 3.34
N GLU A 21 -8.92 5.93 2.88
CA GLU A 21 -9.68 5.12 1.93
C GLU A 21 -8.84 4.77 0.72
N LEU A 22 -8.93 3.51 0.34
CA LEU A 22 -8.20 2.93 -0.76
C LEU A 22 -9.06 1.85 -1.39
N ILE A 23 -9.70 2.11 -2.53
CA ILE A 23 -10.54 1.14 -3.24
C ILE A 23 -10.90 1.68 -4.62
N HIS A 24 -11.37 0.85 -5.54
CA HIS A 24 -11.76 1.27 -6.88
C HIS A 24 -12.76 0.29 -7.47
N SER A 25 -13.47 0.74 -8.50
CA SER A 25 -14.49 -0.03 -9.22
C SER A 25 -14.07 -0.16 -10.70
N PRO A 26 -14.62 -1.15 -11.42
CA PRO A 26 -14.27 -1.40 -12.82
C PRO A 26 -14.82 -0.39 -13.83
N ASN A 27 -15.84 0.39 -13.49
CA ASN A 27 -16.43 1.37 -14.40
C ASN A 27 -16.86 2.59 -13.62
N GLN A 28 -15.88 3.34 -13.13
CA GLN A 28 -16.00 4.56 -12.33
C GLN A 28 -14.59 5.12 -12.12
N GLN A 29 -14.47 6.27 -11.45
CA GLN A 29 -13.21 6.94 -11.15
C GLN A 29 -13.24 7.27 -9.66
N THR A 30 -12.82 6.33 -8.80
CA THR A 30 -12.80 6.58 -7.36
C THR A 30 -11.90 7.78 -7.08
N TRP A 31 -10.65 7.65 -7.51
CA TRP A 31 -9.61 8.64 -7.37
C TRP A 31 -9.15 8.97 -8.79
N LYS A 32 -9.48 10.18 -9.26
CA LYS A 32 -9.13 10.62 -10.60
C LYS A 32 -7.62 10.69 -10.82
N ASN A 33 -6.88 11.17 -9.82
CA ASN A 33 -5.43 11.30 -9.89
C ASN A 33 -4.83 9.89 -9.87
N LYS A 34 -3.89 9.59 -10.77
CA LYS A 34 -3.25 8.27 -10.84
C LYS A 34 -2.30 8.05 -9.64
N ASN A 35 -1.96 9.12 -8.92
CA ASN A 35 -1.09 9.11 -7.75
C ASN A 35 -1.53 8.08 -6.73
N LYS A 36 -2.79 8.13 -6.27
CA LYS A 36 -3.33 7.20 -5.27
C LYS A 36 -3.96 5.95 -5.90
N LYS A 37 -3.50 5.50 -7.07
CA LYS A 37 -4.05 4.31 -7.71
C LYS A 37 -3.80 3.10 -6.79
N PRO A 38 -4.79 2.21 -6.60
CA PRO A 38 -4.67 1.01 -5.77
C PRO A 38 -3.74 -0.01 -6.45
N LYS A 39 -2.44 0.05 -6.19
CA LYS A 39 -1.50 -0.90 -6.78
C LYS A 39 -1.54 -2.18 -5.95
N ARG A 40 -1.55 -3.36 -6.57
CA ARG A 40 -1.57 -4.65 -5.88
C ARG A 40 -0.18 -5.27 -5.80
N LEU A 41 0.18 -5.83 -4.64
CA LEU A 41 1.46 -6.49 -4.38
C LEU A 41 1.41 -7.91 -4.94
N PRO A 42 2.57 -8.53 -5.18
CA PRO A 42 2.62 -9.89 -5.68
C PRO A 42 2.13 -10.90 -4.66
N CYS A 43 2.27 -10.61 -3.36
CA CYS A 43 1.84 -11.52 -2.33
C CYS A 43 0.32 -11.54 -2.20
N GLY A 44 -0.28 -10.37 -2.43
CA GLY A 44 -1.70 -10.15 -2.35
C GLY A 44 -2.00 -9.22 -1.19
N HIS A 45 -1.87 -7.94 -1.51
CA HIS A 45 -2.12 -6.76 -0.69
C HIS A 45 -2.36 -5.65 -1.69
N ILE A 46 -2.89 -4.53 -1.21
CA ILE A 46 -3.18 -3.37 -2.03
C ILE A 46 -2.90 -2.13 -1.19
N LEU A 47 -2.25 -1.13 -1.79
CA LEU A 47 -1.92 0.15 -1.17
C LEU A 47 -1.93 1.29 -2.19
N HIS A 48 -1.98 2.56 -1.74
CA HIS A 48 -1.95 3.72 -2.63
C HIS A 48 -0.56 3.73 -3.26
N LEU A 49 -0.50 3.91 -4.58
CA LEU A 49 0.74 3.95 -5.36
C LEU A 49 1.69 5.04 -4.87
N SER A 50 1.22 6.26 -4.61
CA SER A 50 2.06 7.35 -4.15
C SER A 50 2.69 7.03 -2.79
N CYS A 51 1.86 6.55 -1.85
CA CYS A 51 2.27 6.21 -0.49
C CYS A 51 3.22 5.01 -0.51
N LEU A 52 2.97 4.06 -1.42
CA LEU A 52 3.75 2.86 -1.59
C LEU A 52 5.18 3.21 -1.97
N LYS A 53 5.34 4.14 -2.92
CA LYS A 53 6.66 4.54 -3.36
C LYS A 53 7.43 5.11 -2.17
N ASN A 54 6.80 6.01 -1.43
CA ASN A 54 7.39 6.66 -0.27
C ASN A 54 7.90 5.64 0.74
N TRP A 55 7.06 4.65 1.04
CA TRP A 55 7.40 3.59 1.96
C TRP A 55 8.55 2.74 1.42
N MET A 56 8.48 2.33 0.15
CA MET A 56 9.49 1.51 -0.48
C MET A 56 10.85 2.18 -0.55
N GLU A 57 10.92 3.53 -0.62
CA GLU A 57 12.21 4.20 -0.70
C GLU A 57 13.01 3.92 0.59
N ARG A 58 12.32 3.73 1.72
CA ARG A 58 12.93 3.46 3.02
C ARG A 58 13.02 1.97 3.31
N SER A 59 11.95 1.22 3.01
CA SER A 59 11.88 -0.20 3.28
C SER A 59 11.07 -0.93 2.21
N GLN A 60 11.73 -1.49 1.18
CA GLN A 60 10.99 -2.22 0.16
C GLN A 60 10.56 -3.56 0.75
N THR A 61 9.36 -3.55 1.33
CA THR A 61 8.65 -4.65 1.98
C THR A 61 7.17 -4.30 2.10
N CYS A 62 6.32 -5.25 2.45
CA CYS A 62 4.90 -5.03 2.64
C CYS A 62 4.75 -4.57 4.11
N PRO A 63 4.19 -3.41 4.41
CA PRO A 63 4.03 -2.94 5.79
C PRO A 63 3.04 -3.78 6.60
N ILE A 64 2.33 -4.73 5.97
CA ILE A 64 1.36 -5.58 6.66
C ILE A 64 2.01 -6.89 7.08
N CYS A 65 2.42 -7.73 6.12
CA CYS A 65 3.01 -9.03 6.38
C CYS A 65 4.53 -9.02 6.50
N ARG A 66 5.18 -7.89 6.21
CA ARG A 66 6.63 -7.68 6.26
C ARG A 66 7.38 -8.51 5.21
N LEU A 67 6.68 -9.06 4.22
CA LEU A 67 7.29 -9.85 3.16
C LEU A 67 8.19 -8.97 2.28
N PRO A 68 9.25 -9.55 1.70
CA PRO A 68 10.13 -8.83 0.80
C PRO A 68 9.38 -8.60 -0.50
N VAL A 69 9.42 -7.38 -1.04
CA VAL A 69 8.76 -7.04 -2.29
C VAL A 69 9.83 -6.72 -3.33
N PHE A 70 9.40 -6.49 -4.57
CA PHE A 70 10.30 -6.15 -5.65
C PHE A 70 11.02 -4.86 -5.27
N ASP A 71 12.20 -4.65 -5.85
CA ASP A 71 13.03 -3.48 -5.57
C ASP A 71 12.28 -2.16 -5.74
N GLU A 72 12.85 -1.05 -5.27
CA GLU A 72 12.28 0.29 -5.36
C GLU A 72 11.92 0.69 -6.81
N LYS A 73 12.49 0.02 -7.81
CA LYS A 73 12.25 0.26 -9.24
C LYS A 73 11.17 -0.66 -9.81
N GLY A 74 10.74 -1.68 -9.06
CA GLY A 74 9.71 -2.64 -9.45
C GLY A 74 10.23 -3.91 -10.11
N ASN A 75 11.55 -4.19 -10.09
CA ASN A 75 12.17 -5.38 -10.68
C ASN A 75 13.22 -5.89 -9.68
N VAL A 76 13.16 -7.18 -9.34
CA VAL A 76 14.11 -7.82 -8.41
C VAL A 76 15.48 -7.90 -9.09
N VAL A 77 16.53 -8.19 -8.34
CA VAL A 77 17.90 -8.31 -8.83
C VAL A 77 18.50 -9.66 -8.41
N GLN A 78 17.66 -10.68 -8.38
CA GLN A 78 18.03 -12.03 -8.01
C GLN A 78 18.85 -12.60 -9.15
N GLY A 1 1.78 8.64 24.75
CA GLY A 1 1.98 10.09 24.61
C GLY A 1 0.64 10.79 24.59
N ALA A 2 0.38 11.60 23.57
CA ALA A 2 -0.85 12.35 23.35
C ALA A 2 -1.41 12.00 21.96
N GLU A 3 -2.60 12.51 21.64
CA GLU A 3 -3.33 12.30 20.38
C GLU A 3 -3.29 10.81 19.98
N GLN A 4 -3.59 9.93 20.93
CA GLN A 4 -3.58 8.49 20.72
C GLN A 4 -4.63 8.03 19.70
N LEU A 5 -4.15 7.60 18.55
CA LEU A 5 -4.96 7.10 17.45
C LEU A 5 -4.44 5.71 17.08
N GLN A 6 -5.18 5.03 16.22
CA GLN A 6 -4.79 3.70 15.75
C GLN A 6 -3.45 3.85 15.00
N ASN A 7 -2.72 2.76 14.80
CA ASN A 7 -1.41 2.76 14.13
C ASN A 7 -1.17 1.55 13.22
N SER A 8 -2.16 0.68 13.09
CA SER A 8 -2.17 -0.54 12.32
C SER A 8 -3.57 -1.09 12.50
N ALA A 9 -4.39 -1.02 11.44
CA ALA A 9 -5.76 -1.51 11.45
C ALA A 9 -5.86 -2.88 10.78
N ASN A 10 -4.90 -3.20 9.91
CA ASN A 10 -4.79 -4.45 9.15
C ASN A 10 -6.06 -4.70 8.32
N ASP A 11 -6.57 -3.62 7.74
CA ASP A 11 -7.77 -3.57 6.89
C ASP A 11 -7.38 -4.02 5.46
N ASP A 12 -8.33 -4.14 4.54
CA ASP A 12 -8.08 -4.57 3.16
C ASP A 12 -8.55 -3.58 2.11
N ASN A 13 -9.25 -2.51 2.51
CA ASN A 13 -9.77 -1.46 1.62
C ASN A 13 -9.34 -0.08 2.11
N ILE A 14 -8.26 0.00 2.89
CA ILE A 14 -7.72 1.25 3.41
C ILE A 14 -6.20 1.08 3.39
N CYS A 15 -5.51 2.04 2.78
CA CYS A 15 -4.05 2.05 2.70
C CYS A 15 -3.60 2.34 4.12
N ILE A 16 -3.00 1.36 4.80
CA ILE A 16 -2.56 1.54 6.18
C ILE A 16 -1.41 2.57 6.30
N ILE A 17 -0.75 2.95 5.20
CA ILE A 17 0.34 3.93 5.25
C ILE A 17 -0.18 5.26 5.78
N CYS A 18 -1.30 5.75 5.24
CA CYS A 18 -1.92 7.01 5.60
C CYS A 18 -3.35 6.87 6.13
N MET A 19 -3.84 5.62 6.22
CA MET A 19 -5.17 5.26 6.68
C MET A 19 -6.26 5.93 5.84
N ASP A 20 -5.97 6.29 4.59
CA ASP A 20 -6.94 6.92 3.72
C ASP A 20 -7.63 5.81 2.94
N GLU A 21 -8.87 6.08 2.55
CA GLU A 21 -9.71 5.15 1.81
C GLU A 21 -8.97 4.63 0.59
N LEU A 22 -9.01 3.32 0.38
CA LEU A 22 -8.33 2.66 -0.71
C LEU A 22 -9.21 1.58 -1.32
N ILE A 23 -9.82 1.90 -2.45
CA ILE A 23 -10.69 1.00 -3.21
C ILE A 23 -11.14 1.73 -4.46
N HIS A 24 -11.60 1.04 -5.50
CA HIS A 24 -12.08 1.69 -6.69
C HIS A 24 -13.19 0.85 -7.26
N SER A 25 -14.13 1.51 -7.94
CA SER A 25 -15.23 0.80 -8.56
C SER A 25 -14.59 -0.06 -9.67
N PRO A 26 -15.16 -1.23 -10.02
CA PRO A 26 -14.59 -2.05 -11.07
C PRO A 26 -14.71 -1.32 -12.43
N ASN A 27 -15.64 -0.36 -12.50
CA ASN A 27 -15.93 0.43 -13.68
C ASN A 27 -15.31 1.82 -13.54
N GLN A 28 -16.01 2.79 -12.95
CA GLN A 28 -15.50 4.15 -12.78
C GLN A 28 -14.29 4.22 -11.84
N GLN A 29 -13.44 5.23 -12.05
CA GLN A 29 -12.24 5.45 -11.26
C GLN A 29 -12.56 6.47 -10.16
N THR A 30 -12.76 5.98 -8.93
CA THR A 30 -13.07 6.76 -7.73
C THR A 30 -12.05 7.88 -7.48
N TRP A 31 -10.81 7.68 -7.90
CA TRP A 31 -9.70 8.61 -7.79
C TRP A 31 -9.11 8.76 -9.20
N LYS A 32 -9.24 9.95 -9.79
CA LYS A 32 -8.70 10.21 -11.13
C LYS A 32 -7.18 10.08 -11.11
N ASN A 33 -6.53 10.91 -10.27
CA ASN A 33 -5.08 10.98 -10.11
C ASN A 33 -4.48 9.59 -9.91
N LYS A 34 -3.74 9.12 -10.92
CA LYS A 34 -3.09 7.82 -10.91
C LYS A 34 -2.09 7.67 -9.75
N ASN A 35 -1.66 8.77 -9.14
CA ASN A 35 -0.73 8.79 -8.01
C ASN A 35 -1.24 7.92 -6.86
N LYS A 36 -2.56 7.82 -6.63
CA LYS A 36 -3.11 6.99 -5.54
C LYS A 36 -3.90 5.81 -6.08
N LYS A 37 -3.61 5.35 -7.30
CA LYS A 37 -4.32 4.22 -7.86
C LYS A 37 -4.08 3.00 -6.95
N PRO A 38 -5.03 2.05 -6.85
CA PRO A 38 -4.90 0.87 -6.02
C PRO A 38 -3.87 -0.08 -6.61
N LYS A 39 -2.59 0.08 -6.26
CA LYS A 39 -1.51 -0.73 -6.72
C LYS A 39 -1.56 -2.04 -5.95
N ARG A 40 -1.99 -3.10 -6.62
CA ARG A 40 -2.05 -4.42 -6.01
C ARG A 40 -0.61 -4.94 -6.07
N LEU A 41 -0.09 -5.37 -4.92
CA LEU A 41 1.24 -5.89 -4.70
C LEU A 41 1.39 -7.27 -5.35
N PRO A 42 2.57 -7.88 -5.38
CA PRO A 42 2.72 -9.19 -5.96
C PRO A 42 2.35 -10.31 -4.97
N CYS A 43 2.25 -10.00 -3.68
CA CYS A 43 1.96 -10.97 -2.62
C CYS A 43 0.48 -11.14 -2.27
N GLY A 44 -0.33 -10.15 -2.60
CA GLY A 44 -1.77 -10.16 -2.30
C GLY A 44 -1.98 -9.19 -1.14
N HIS A 45 -2.11 -7.92 -1.49
CA HIS A 45 -2.33 -6.71 -0.71
C HIS A 45 -2.51 -5.59 -1.74
N ILE A 46 -2.98 -4.45 -1.29
CA ILE A 46 -3.20 -3.26 -2.09
C ILE A 46 -2.85 -2.09 -1.20
N LEU A 47 -2.16 -1.09 -1.75
CA LEU A 47 -1.74 0.15 -1.09
C LEU A 47 -1.78 1.26 -2.16
N HIS A 48 -1.87 2.52 -1.76
CA HIS A 48 -1.88 3.65 -2.69
C HIS A 48 -0.51 3.67 -3.37
N LEU A 49 -0.46 3.92 -4.67
CA LEU A 49 0.80 3.96 -5.43
C LEU A 49 1.83 4.95 -4.85
N SER A 50 1.40 6.16 -4.46
CA SER A 50 2.21 7.22 -3.89
C SER A 50 2.78 6.81 -2.53
N CYS A 51 1.90 6.29 -1.67
CA CYS A 51 2.23 5.85 -0.33
C CYS A 51 3.19 4.68 -0.35
N LEU A 52 2.91 3.69 -1.20
CA LEU A 52 3.70 2.51 -1.41
C LEU A 52 5.12 2.93 -1.77
N LYS A 53 5.26 3.87 -2.71
CA LYS A 53 6.54 4.38 -3.15
C LYS A 53 7.29 5.03 -2.00
N ASN A 54 6.62 5.93 -1.29
CA ASN A 54 7.19 6.66 -0.15
C ASN A 54 7.77 5.69 0.86
N TRP A 55 7.00 4.66 1.19
CA TRP A 55 7.39 3.62 2.11
C TRP A 55 8.56 2.80 1.56
N MET A 56 8.46 2.34 0.31
CA MET A 56 9.49 1.55 -0.34
C MET A 56 10.84 2.26 -0.36
N GLU A 57 10.88 3.60 -0.43
CA GLU A 57 12.16 4.34 -0.43
C GLU A 57 12.94 4.09 0.85
N ARG A 58 12.24 3.77 1.94
CA ARG A 58 12.82 3.48 3.24
C ARG A 58 13.00 1.99 3.42
N SER A 59 11.97 1.21 3.14
CA SER A 59 11.99 -0.22 3.31
C SER A 59 11.19 -0.92 2.22
N GLN A 60 11.84 -1.44 1.17
CA GLN A 60 11.10 -2.14 0.12
C GLN A 60 10.70 -3.50 0.70
N THR A 61 9.52 -3.51 1.31
CA THR A 61 8.86 -4.63 1.98
C THR A 61 7.38 -4.29 2.18
N CYS A 62 6.56 -5.27 2.57
CA CYS A 62 5.15 -5.06 2.88
C CYS A 62 5.14 -4.65 4.35
N PRO A 63 4.68 -3.46 4.71
CA PRO A 63 4.66 -3.00 6.10
C PRO A 63 3.65 -3.78 6.95
N ILE A 64 2.78 -4.57 6.31
CA ILE A 64 1.74 -5.38 6.93
C ILE A 64 2.27 -6.79 7.27
N CYS A 65 2.60 -7.60 6.24
CA CYS A 65 3.05 -8.98 6.38
C CYS A 65 4.57 -9.18 6.43
N ARG A 66 5.33 -8.11 6.24
CA ARG A 66 6.79 -8.08 6.26
C ARG A 66 7.45 -8.90 5.15
N LEU A 67 6.74 -9.15 4.05
CA LEU A 67 7.27 -9.90 2.90
C LEU A 67 8.27 -9.07 2.11
N PRO A 68 9.26 -9.72 1.46
CA PRO A 68 10.26 -9.07 0.63
C PRO A 68 9.63 -8.78 -0.73
N VAL A 69 9.11 -7.56 -0.91
CA VAL A 69 8.49 -7.14 -2.17
C VAL A 69 9.59 -6.95 -3.22
N PHE A 70 9.21 -6.50 -4.42
CA PHE A 70 10.17 -6.28 -5.50
C PHE A 70 11.13 -5.16 -5.13
N ASP A 71 12.26 -5.14 -5.80
CA ASP A 71 13.32 -4.16 -5.60
C ASP A 71 12.86 -2.78 -6.05
N GLU A 72 13.56 -1.73 -5.62
CA GLU A 72 13.22 -0.34 -5.95
C GLU A 72 13.05 -0.13 -7.46
N LYS A 73 13.91 -0.73 -8.29
CA LYS A 73 13.86 -0.62 -9.76
C LYS A 73 12.59 -1.28 -10.34
N GLY A 74 11.80 -1.96 -9.50
CA GLY A 74 10.56 -2.62 -9.87
C GLY A 74 10.74 -4.04 -10.39
N ASN A 75 11.94 -4.59 -10.39
CA ASN A 75 12.25 -5.92 -10.86
C ASN A 75 13.40 -6.44 -10.00
N VAL A 76 13.20 -7.62 -9.42
CA VAL A 76 14.18 -8.29 -8.55
C VAL A 76 15.49 -8.55 -9.30
N VAL A 77 16.57 -8.85 -8.59
CA VAL A 77 17.89 -9.14 -9.14
C VAL A 77 18.19 -10.63 -8.96
N GLN A 78 17.24 -11.48 -9.37
CA GLN A 78 17.39 -12.92 -9.27
C GLN A 78 18.60 -13.35 -10.08
N GLY A 1 -0.20 -8.54 32.64
CA GLY A 1 0.91 -7.93 31.91
C GLY A 1 0.93 -8.45 30.47
N ALA A 2 2.14 -8.71 29.97
CA ALA A 2 2.45 -9.21 28.63
C ALA A 2 1.80 -8.38 27.49
N GLU A 3 1.32 -7.17 27.78
CA GLU A 3 0.69 -6.28 26.83
C GLU A 3 1.77 -5.67 25.94
N GLN A 4 1.50 -5.68 24.64
CA GLN A 4 2.34 -5.20 23.56
C GLN A 4 1.43 -4.74 22.41
N LEU A 5 1.99 -4.25 21.32
CA LEU A 5 1.28 -3.78 20.15
C LEU A 5 2.08 -4.19 18.91
N GLN A 6 1.43 -4.79 17.91
CA GLN A 6 2.04 -5.24 16.65
C GLN A 6 1.38 -4.52 15.47
N ASN A 7 0.07 -4.39 15.51
CA ASN A 7 -0.76 -3.71 14.52
C ASN A 7 -1.91 -3.05 15.29
N SER A 8 -2.37 -1.90 14.85
CA SER A 8 -3.46 -1.16 15.48
C SER A 8 -4.77 -1.30 14.68
N ALA A 9 -4.69 -1.72 13.42
CA ALA A 9 -5.82 -1.92 12.53
C ALA A 9 -5.43 -2.99 11.50
N ASN A 10 -6.41 -3.52 10.76
CA ASN A 10 -6.19 -4.54 9.74
C ASN A 10 -7.40 -4.58 8.81
N ASP A 11 -7.40 -3.69 7.83
CA ASP A 11 -8.45 -3.53 6.82
C ASP A 11 -7.92 -4.03 5.48
N ASP A 12 -8.79 -4.22 4.50
CA ASP A 12 -8.46 -4.68 3.15
C ASP A 12 -8.82 -3.64 2.09
N ASN A 13 -9.41 -2.53 2.52
CA ASN A 13 -9.83 -1.42 1.67
C ASN A 13 -9.31 -0.08 2.21
N ILE A 14 -8.20 -0.09 2.97
CA ILE A 14 -7.60 1.12 3.52
C ILE A 14 -6.07 1.02 3.47
N CYS A 15 -5.42 2.04 2.91
CA CYS A 15 -3.97 2.12 2.79
C CYS A 15 -3.40 2.37 4.19
N ILE A 16 -2.54 1.49 4.67
CA ILE A 16 -1.89 1.55 5.99
C ILE A 16 -0.94 2.74 6.10
N ILE A 17 -0.37 3.21 4.98
CA ILE A 17 0.59 4.31 4.97
C ILE A 17 0.00 5.57 5.58
N CYS A 18 -1.18 5.98 5.12
CA CYS A 18 -1.88 7.18 5.56
C CYS A 18 -3.23 6.91 6.23
N MET A 19 -3.61 5.64 6.39
CA MET A 19 -4.86 5.22 7.02
C MET A 19 -6.09 5.85 6.34
N ASP A 20 -5.98 6.05 5.03
CA ASP A 20 -7.01 6.63 4.18
C ASP A 20 -7.66 5.56 3.31
N GLU A 21 -8.91 5.80 2.93
CA GLU A 21 -9.73 4.93 2.10
C GLU A 21 -8.93 4.55 0.85
N LEU A 22 -8.98 3.27 0.53
CA LEU A 22 -8.27 2.70 -0.59
C LEU A 22 -9.13 1.62 -1.23
N ILE A 23 -9.76 1.95 -2.36
CA ILE A 23 -10.61 1.05 -3.11
C ILE A 23 -11.07 1.77 -4.38
N HIS A 24 -11.58 1.07 -5.39
CA HIS A 24 -12.06 1.67 -6.63
C HIS A 24 -13.11 0.75 -7.24
N SER A 25 -13.75 1.21 -8.30
CA SER A 25 -14.78 0.49 -9.05
C SER A 25 -14.31 0.33 -10.50
N PRO A 26 -14.90 -0.60 -11.27
CA PRO A 26 -14.54 -0.83 -12.66
C PRO A 26 -15.07 0.27 -13.59
N ASN A 27 -16.04 1.08 -13.14
CA ASN A 27 -16.65 2.13 -13.95
C ASN A 27 -16.67 3.52 -13.32
N GLN A 28 -16.57 3.69 -11.99
CA GLN A 28 -16.55 5.03 -11.39
C GLN A 28 -15.09 5.52 -11.43
N GLN A 29 -14.85 6.76 -10.97
CA GLN A 29 -13.52 7.36 -10.92
C GLN A 29 -13.31 7.97 -9.53
N THR A 30 -13.10 7.13 -8.51
CA THR A 30 -12.90 7.57 -7.13
C THR A 30 -11.64 8.45 -6.99
N TRP A 31 -10.54 8.06 -7.65
CA TRP A 31 -9.26 8.76 -7.63
C TRP A 31 -8.96 9.25 -9.03
N LYS A 32 -9.22 10.52 -9.28
CA LYS A 32 -9.01 11.14 -10.57
C LYS A 32 -7.52 11.18 -10.87
N ASN A 33 -6.72 11.62 -9.91
CA ASN A 33 -5.26 11.70 -10.03
C ASN A 33 -4.73 10.28 -9.89
N LYS A 34 -3.95 9.79 -10.85
CA LYS A 34 -3.39 8.44 -10.82
C LYS A 34 -2.44 8.20 -9.64
N ASN A 35 -2.00 9.27 -8.97
CA ASN A 35 -1.08 9.21 -7.83
C ASN A 35 -1.49 8.18 -6.78
N LYS A 36 -2.75 8.17 -6.32
CA LYS A 36 -3.19 7.19 -5.31
C LYS A 36 -3.89 5.97 -5.92
N LYS A 37 -3.51 5.54 -7.14
CA LYS A 37 -4.13 4.37 -7.75
C LYS A 37 -3.86 3.13 -6.89
N PRO A 38 -4.85 2.24 -6.69
CA PRO A 38 -4.72 1.03 -5.89
C PRO A 38 -3.76 0.04 -6.58
N LYS A 39 -2.47 0.11 -6.27
CA LYS A 39 -1.47 -0.78 -6.84
C LYS A 39 -1.53 -2.10 -6.06
N ARG A 40 -1.55 -3.26 -6.73
CA ARG A 40 -1.59 -4.56 -6.06
C ARG A 40 -0.14 -5.05 -5.92
N LEU A 41 0.18 -5.72 -4.81
CA LEU A 41 1.50 -6.30 -4.50
C LEU A 41 1.58 -7.71 -5.06
N PRO A 42 2.77 -8.31 -5.21
CA PRO A 42 2.91 -9.65 -5.76
C PRO A 42 2.47 -10.73 -4.77
N CYS A 43 2.43 -10.40 -3.47
CA CYS A 43 2.01 -11.34 -2.44
C CYS A 43 0.48 -11.39 -2.37
N GLY A 44 -0.17 -10.29 -2.73
CA GLY A 44 -1.60 -10.11 -2.72
C GLY A 44 -1.93 -9.21 -1.54
N HIS A 45 -1.82 -7.91 -1.78
CA HIS A 45 -2.10 -6.79 -0.88
C HIS A 45 -2.30 -5.60 -1.81
N ILE A 46 -2.78 -4.48 -1.30
CA ILE A 46 -3.05 -3.29 -2.08
C ILE A 46 -2.75 -2.08 -1.21
N LEU A 47 -2.05 -1.10 -1.77
CA LEU A 47 -1.68 0.17 -1.15
C LEU A 47 -1.75 1.26 -2.22
N HIS A 48 -1.88 2.53 -1.81
CA HIS A 48 -1.91 3.64 -2.74
C HIS A 48 -0.55 3.69 -3.44
N LEU A 49 -0.54 3.88 -4.75
CA LEU A 49 0.67 3.94 -5.56
C LEU A 49 1.69 4.95 -5.03
N SER A 50 1.32 6.22 -4.82
CA SER A 50 2.25 7.23 -4.35
C SER A 50 2.75 6.98 -2.92
N CYS A 51 1.90 6.47 -2.04
CA CYS A 51 2.25 6.19 -0.65
C CYS A 51 3.23 5.02 -0.61
N LEU A 52 2.89 3.95 -1.34
CA LEU A 52 3.66 2.73 -1.47
C LEU A 52 5.08 3.07 -1.92
N LYS A 53 5.22 3.96 -2.92
CA LYS A 53 6.49 4.38 -3.45
C LYS A 53 7.34 4.95 -2.34
N ASN A 54 6.80 5.91 -1.58
CA ASN A 54 7.52 6.56 -0.50
C ASN A 54 7.98 5.53 0.53
N TRP A 55 7.06 4.63 0.93
CA TRP A 55 7.34 3.59 1.89
C TRP A 55 8.48 2.69 1.41
N MET A 56 8.42 2.25 0.15
CA MET A 56 9.41 1.39 -0.45
C MET A 56 10.80 2.03 -0.50
N GLU A 57 10.92 3.37 -0.57
CA GLU A 57 12.25 3.99 -0.58
C GLU A 57 12.93 3.79 0.77
N ARG A 58 12.12 3.67 1.84
CA ARG A 58 12.56 3.50 3.22
C ARG A 58 12.69 2.04 3.61
N SER A 59 11.73 1.20 3.26
CA SER A 59 11.72 -0.22 3.56
C SER A 59 10.98 -0.96 2.45
N GLN A 60 11.68 -1.53 1.45
CA GLN A 60 10.97 -2.25 0.39
C GLN A 60 10.46 -3.58 0.94
N THR A 61 9.24 -3.52 1.47
CA THR A 61 8.52 -4.62 2.07
C THR A 61 7.05 -4.25 2.17
N CYS A 62 6.22 -5.23 2.52
CA CYS A 62 4.80 -5.05 2.77
C CYS A 62 4.72 -4.64 4.24
N PRO A 63 4.22 -3.46 4.61
CA PRO A 63 4.15 -3.04 6.00
C PRO A 63 3.24 -3.93 6.88
N ILE A 64 2.39 -4.74 6.26
CA ILE A 64 1.46 -5.63 6.96
C ILE A 64 2.08 -6.99 7.25
N CYS A 65 2.38 -7.78 6.21
CA CYS A 65 2.93 -9.13 6.34
C CYS A 65 4.46 -9.18 6.46
N ARG A 66 5.13 -8.03 6.27
CA ARG A 66 6.58 -7.83 6.35
C ARG A 66 7.36 -8.58 5.25
N LEU A 67 6.67 -9.12 4.26
CA LEU A 67 7.25 -9.85 3.14
C LEU A 67 8.16 -8.97 2.30
N PRO A 68 9.20 -9.57 1.67
CA PRO A 68 10.12 -8.86 0.80
C PRO A 68 9.44 -8.58 -0.55
N VAL A 69 9.51 -7.35 -1.03
CA VAL A 69 8.93 -6.94 -2.32
C VAL A 69 10.04 -6.62 -3.33
N PHE A 70 9.62 -6.31 -4.56
CA PHE A 70 10.46 -5.98 -5.70
C PHE A 70 11.22 -4.67 -5.50
N ASP A 71 12.25 -4.48 -6.34
CA ASP A 71 13.13 -3.31 -6.37
C ASP A 71 12.33 -2.02 -6.52
N GLU A 72 12.98 -0.88 -6.30
CA GLU A 72 12.37 0.45 -6.40
C GLU A 72 11.71 0.66 -7.76
N LYS A 73 12.28 0.10 -8.83
CA LYS A 73 11.70 0.22 -10.17
C LYS A 73 10.44 -0.62 -10.30
N GLY A 74 10.33 -1.68 -9.51
CA GLY A 74 9.22 -2.62 -9.48
C GLY A 74 9.49 -3.90 -10.26
N ASN A 75 10.73 -4.12 -10.71
CA ASN A 75 11.20 -5.28 -11.46
C ASN A 75 12.53 -5.70 -10.85
N VAL A 76 12.57 -6.88 -10.22
CA VAL A 76 13.78 -7.40 -9.60
C VAL A 76 14.78 -7.83 -10.67
N VAL A 77 16.06 -7.68 -10.35
CA VAL A 77 17.18 -8.02 -11.20
C VAL A 77 17.98 -9.10 -10.46
N GLN A 78 17.61 -10.36 -10.71
CA GLN A 78 18.25 -11.53 -10.12
C GLN A 78 19.22 -12.05 -11.16
#